data_6ZGY
#
_entry.id   6ZGY
#
_cell.length_a   73.308
_cell.length_b   114.628
_cell.length_c   120.824
_cell.angle_alpha   90.000
_cell.angle_beta   100.600
_cell.angle_gamma   90.000
#
_symmetry.space_group_name_H-M   'P 1 21 1'
#
loop_
_entity.id
_entity.type
_entity.pdbx_description
1 polymer Galactokinase
2 non-polymer beta-D-galactopyranose
3 non-polymer "2-(1,3-benzoxazol-2-ylamino)spiro[1,6,7,8-tetrahydroquinazoline-4,1'-cyclohexane]-5-one"
4 non-polymer '(2,5-dimethylphenyl) pyridine-4-carboxylate'
5 water water
#
_entity_poly.entity_id   1
_entity_poly.type   'polypeptide(L)'
_entity_poly.pdbx_seq_one_letter_code
;MAHHHHHHAALRQPQVAELLAEARRAFREEFGAEPELAVSAPGRVNLIGEHTDYNQGLVLPMALELMTVLVGSPRKDGLV
SLLTTSEGADEPQRLQFPLPTAQRSLEPGTPRWANYVKGVIQYYPAAPLPGFSAVVVSSVPLGGGLSSSASLEVATYTFL
QQLCPDSGTIAARAQVCQQAEHSFAGMPCGIMDQFISLMGQKGHALLIDCRSLETSLVPLSDPKLAVLITNSNVRHSLAS
SEYPVRRRQCEEVARALGAASLREVQLEELEAARDLVSKEGFRRARHVVGEIRRTAQAAAALRRGDYRAFGRLMVESHRS
LRDDYEVSCPELDQLVEAALAVPGVYGSRMTGGGFGGCTVTLLEASAAPHAMRHIQEHYGGTATFYLSQAADGAKVLCL
;
_entity_poly.pdbx_strand_id   A,B,E,D
#
loop_
_chem_comp.id
_chem_comp.type
_chem_comp.name
_chem_comp.formula
GAL D-saccharide, beta linking beta-D-galactopyranose 'C6 H12 O6'
HFK non-polymer 2-(1,3-benzoxazol-2-ylamino)spiro[1,6,7,8-tetrahydroquinazoline-4,1'-cyclohexane]-5-one 'C20 H22 N4 O2'
QL5 non-polymer '(2,5-dimethylphenyl) pyridine-4-carboxylate' 'C14 H13 N O2'
#
# COMPACT_ATOMS: atom_id res chain seq x y z
N ALA A 9 -42.73 14.33 20.84
CA ALA A 9 -43.72 13.20 21.02
C ALA A 9 -44.18 12.63 19.68
N ALA A 10 -43.60 13.09 18.56
CA ALA A 10 -43.83 12.51 17.22
C ALA A 10 -42.92 11.29 17.02
N LEU A 11 -41.89 11.13 17.86
CA LEU A 11 -40.89 10.04 17.65
C LEU A 11 -41.44 8.72 18.22
N ARG A 12 -41.71 7.76 17.35
CA ARG A 12 -42.20 6.38 17.70
C ARG A 12 -40.98 5.54 18.12
N GLN A 13 -41.11 4.95 19.31
CA GLN A 13 -40.16 4.04 19.99
C GLN A 13 -40.46 2.63 19.48
N PRO A 14 -39.42 1.80 19.21
CA PRO A 14 -39.65 0.48 18.60
C PRO A 14 -40.57 -0.48 19.36
N GLN A 15 -40.37 -0.61 20.68
CA GLN A 15 -41.14 -1.50 21.60
C GLN A 15 -41.17 -2.94 21.03
N VAL A 16 -40.02 -3.59 20.85
CA VAL A 16 -39.98 -4.91 20.14
C VAL A 16 -40.36 -6.06 21.08
N ALA A 17 -39.99 -6.02 22.36
CA ALA A 17 -40.36 -7.05 23.38
C ALA A 17 -41.89 -7.11 23.47
N GLU A 18 -42.52 -5.93 23.51
CA GLU A 18 -43.98 -5.69 23.58
C GLU A 18 -44.65 -6.28 22.33
N LEU A 19 -44.08 -6.06 21.15
CA LEU A 19 -44.70 -6.53 19.90
C LEU A 19 -44.78 -8.06 19.93
N LEU A 20 -43.69 -8.74 20.30
CA LEU A 20 -43.67 -10.21 20.50
C LEU A 20 -44.66 -10.58 21.62
N ALA A 21 -44.69 -9.83 22.69
CA ALA A 21 -45.58 -10.15 23.84
C ALA A 21 -47.03 -10.14 23.31
N GLU A 22 -47.45 -9.09 22.63
CA GLU A 22 -48.83 -8.90 22.12
C GLU A 22 -49.12 -10.04 21.16
N ALA A 23 -48.19 -10.38 20.29
CA ALA A 23 -48.38 -11.48 19.32
C ALA A 23 -48.65 -12.80 20.06
N ARG A 24 -47.95 -13.09 21.16
CA ARG A 24 -48.09 -14.39 21.88
C ARG A 24 -49.48 -14.47 22.52
N ARG A 25 -49.80 -13.47 23.35
CA ARG A 25 -51.12 -13.25 23.97
C ARG A 25 -52.21 -13.46 22.92
N ALA A 26 -52.15 -12.81 21.77
CA ALA A 26 -53.29 -12.83 20.83
C ALA A 26 -53.37 -14.24 20.21
N PHE A 27 -52.24 -14.95 20.10
CA PHE A 27 -52.24 -16.33 19.60
C PHE A 27 -52.96 -17.27 20.59
N ARG A 28 -52.63 -17.15 21.88
CA ARG A 28 -53.15 -18.03 22.94
C ARG A 28 -54.68 -17.87 22.99
N GLU A 29 -55.15 -16.61 22.93
CA GLU A 29 -56.57 -16.20 22.93
C GLU A 29 -57.22 -16.77 21.66
N GLU A 30 -56.61 -16.61 20.49
CA GLU A 30 -57.27 -16.99 19.23
C GLU A 30 -57.34 -18.53 19.04
N PHE A 31 -56.29 -19.29 19.33
CA PHE A 31 -56.17 -20.71 18.90
C PHE A 31 -56.25 -21.71 20.06
N GLY A 32 -56.28 -21.25 21.31
CA GLY A 32 -56.50 -22.11 22.49
C GLY A 32 -55.22 -22.65 23.09
N ALA A 33 -54.06 -22.21 22.61
CA ALA A 33 -52.76 -22.81 22.97
C ALA A 33 -51.61 -21.80 22.80
N GLU A 34 -50.53 -22.02 23.56
CA GLU A 34 -49.23 -21.33 23.36
C GLU A 34 -48.67 -21.65 21.97
N PRO A 35 -48.20 -20.61 21.23
CA PRO A 35 -47.54 -20.81 19.95
C PRO A 35 -46.19 -21.46 20.19
N GLU A 36 -45.70 -22.24 19.23
CA GLU A 36 -44.44 -23.02 19.31
C GLU A 36 -43.22 -22.26 18.73
N LEU A 37 -43.43 -21.30 17.80
CA LEU A 37 -42.41 -20.53 17.03
C LEU A 37 -42.70 -19.04 17.11
N ALA A 38 -41.65 -18.22 17.30
CA ALA A 38 -41.62 -16.79 16.94
C ALA A 38 -40.59 -16.58 15.82
N VAL A 39 -40.95 -15.82 14.79
CA VAL A 39 -39.99 -15.25 13.78
C VAL A 39 -40.23 -13.74 13.63
N SER A 40 -39.17 -13.02 13.22
CA SER A 40 -39.24 -11.59 12.84
C SER A 40 -38.49 -11.33 11.54
N ALA A 41 -38.91 -10.28 10.84
CA ALA A 41 -38.20 -9.74 9.66
C ALA A 41 -38.46 -8.25 9.64
N PRO A 42 -37.37 -7.46 9.45
CA PRO A 42 -37.44 -6.00 9.60
C PRO A 42 -37.94 -5.28 8.35
N GLY A 43 -38.50 -4.09 8.53
CA GLY A 43 -38.53 -3.06 7.47
C GLY A 43 -37.15 -2.48 7.20
N ARG A 44 -37.06 -1.54 6.26
CA ARG A 44 -35.74 -1.05 5.76
C ARG A 44 -35.85 0.44 5.37
N VAL A 45 -34.75 1.16 5.58
CA VAL A 45 -34.48 2.51 5.01
C VAL A 45 -33.36 2.33 3.99
N ASN A 46 -33.49 2.83 2.76
CA ASN A 46 -32.38 2.83 1.76
C ASN A 46 -31.57 4.12 1.98
N LEU A 47 -30.34 4.01 2.45
CA LEU A 47 -29.48 5.21 2.67
C LEU A 47 -29.24 5.95 1.36
N ILE A 48 -28.95 5.20 0.29
CA ILE A 48 -28.82 5.69 -1.12
C ILE A 48 -28.82 4.48 -2.04
N GLY A 49 -29.18 4.73 -3.28
CA GLY A 49 -29.26 3.69 -4.31
C GLY A 49 -30.68 3.56 -4.81
N GLU A 50 -31.35 4.68 -5.02
CA GLU A 50 -32.78 4.64 -5.34
C GLU A 50 -33.00 4.33 -6.82
N HIS A 51 -34.01 3.50 -7.06
CA HIS A 51 -34.45 3.01 -8.40
C HIS A 51 -33.22 2.52 -9.18
N THR A 52 -32.29 1.81 -8.51
CA THR A 52 -31.14 1.15 -9.17
C THR A 52 -31.28 -0.38 -9.15
N ASP A 53 -32.01 -0.95 -8.18
CA ASP A 53 -32.01 -2.42 -7.92
C ASP A 53 -32.41 -3.09 -9.25
N TYR A 54 -33.57 -2.71 -9.81
CA TYR A 54 -34.17 -3.37 -11.01
C TYR A 54 -33.39 -3.05 -12.30
N ASN A 55 -32.45 -2.09 -12.24
CA ASN A 55 -31.44 -1.80 -13.30
C ASN A 55 -30.09 -2.47 -12.99
N GLN A 56 -30.11 -3.58 -12.24
CA GLN A 56 -28.91 -4.37 -11.86
C GLN A 56 -27.82 -3.46 -11.28
N GLY A 57 -28.20 -2.50 -10.41
CA GLY A 57 -27.28 -1.49 -9.86
C GLY A 57 -26.82 -1.81 -8.46
N LEU A 58 -26.49 -0.80 -7.67
CA LEU A 58 -26.03 -0.94 -6.26
C LEU A 58 -26.98 -0.15 -5.38
N VAL A 59 -27.30 -0.72 -4.20
CA VAL A 59 -28.17 -0.07 -3.17
C VAL A 59 -27.47 -0.18 -1.83
N LEU A 60 -27.73 0.74 -0.91
CA LEU A 60 -27.10 0.72 0.44
C LEU A 60 -28.20 0.85 1.49
N PRO A 61 -29.07 -0.17 1.67
CA PRO A 61 -30.09 -0.11 2.71
C PRO A 61 -29.53 -0.48 4.08
N MET A 62 -30.23 -0.11 5.14
CA MET A 62 -30.07 -0.86 6.41
C MET A 62 -31.45 -1.29 6.92
N ALA A 63 -31.47 -2.37 7.70
CA ALA A 63 -32.69 -2.93 8.35
C ALA A 63 -33.06 -2.07 9.53
N LEU A 64 -34.37 -1.86 9.76
CA LEU A 64 -34.94 -1.08 10.91
C LEU A 64 -35.30 -2.01 12.07
N GLU A 65 -35.41 -1.44 13.27
CA GLU A 65 -35.97 -2.10 14.48
C GLU A 65 -37.50 -2.20 14.36
N LEU A 66 -38.10 -1.46 13.42
CA LEU A 66 -39.47 -1.69 12.95
C LEU A 66 -39.48 -3.03 12.24
N MET A 67 -40.38 -3.96 12.62
CA MET A 67 -40.43 -5.34 12.09
C MET A 67 -41.86 -5.94 12.07
N THR A 68 -41.95 -7.06 11.40
CA THR A 68 -43.12 -7.94 11.36
C THR A 68 -42.72 -9.23 12.10
N VAL A 69 -43.57 -9.66 13.03
CA VAL A 69 -43.42 -10.91 13.83
C VAL A 69 -44.55 -11.86 13.45
N LEU A 70 -44.24 -13.11 13.13
CA LEU A 70 -45.20 -14.23 13.10
C LEU A 70 -44.88 -15.08 14.30
N VAL A 71 -45.92 -15.38 15.07
CA VAL A 71 -45.93 -16.42 16.12
C VAL A 71 -46.96 -17.48 15.69
N GLY A 72 -46.63 -18.77 15.82
CA GLY A 72 -47.43 -19.81 15.15
C GLY A 72 -47.01 -21.23 15.47
N SER A 73 -47.81 -22.17 14.98
CA SER A 73 -47.63 -23.62 15.24
C SER A 73 -48.10 -24.36 14.00
N PRO A 74 -47.44 -25.48 13.71
CA PRO A 74 -47.83 -26.33 12.60
C PRO A 74 -49.18 -26.98 12.90
N ARG A 75 -50.00 -27.21 11.86
CA ARG A 75 -51.27 -27.97 11.92
C ARG A 75 -51.05 -29.28 11.17
N LYS A 76 -51.98 -30.21 11.37
CA LYS A 76 -51.94 -31.57 10.78
C LYS A 76 -52.83 -31.63 9.53
N ASP A 77 -53.75 -30.66 9.43
CA ASP A 77 -54.99 -30.72 8.60
C ASP A 77 -54.74 -30.04 7.26
N GLY A 78 -53.51 -29.59 7.02
CA GLY A 78 -53.10 -29.06 5.72
C GLY A 78 -53.76 -27.74 5.41
N LEU A 79 -54.24 -27.01 6.42
CA LEU A 79 -54.76 -25.66 6.15
C LEU A 79 -54.02 -24.59 6.95
N VAL A 80 -54.17 -23.36 6.45
CA VAL A 80 -53.49 -22.17 7.00
C VAL A 80 -54.56 -21.29 7.61
N SER A 81 -54.32 -20.88 8.85
CA SER A 81 -55.24 -20.02 9.65
C SER A 81 -54.47 -18.80 10.17
N LEU A 82 -54.91 -17.62 9.79
CA LEU A 82 -54.13 -16.38 10.02
C LEU A 82 -54.98 -15.42 10.79
N LEU A 83 -54.36 -14.80 11.78
CA LEU A 83 -54.92 -13.59 12.42
C LEU A 83 -53.87 -12.49 12.29
N THR A 84 -54.25 -11.31 11.84
CA THR A 84 -53.41 -10.11 11.97
C THR A 84 -54.04 -9.18 12.99
N THR A 85 -53.23 -8.64 13.89
CA THR A 85 -53.66 -7.59 14.85
C THR A 85 -53.04 -6.24 14.45
N SER A 86 -52.60 -6.03 13.22
CA SER A 86 -52.03 -4.71 12.81
C SER A 86 -53.17 -3.74 12.48
N GLU A 87 -53.23 -2.58 13.15
CA GLU A 87 -54.35 -1.58 13.09
C GLU A 87 -54.70 -1.23 11.63
N GLY A 88 -53.71 -1.05 10.75
CA GLY A 88 -53.94 -0.60 9.36
C GLY A 88 -54.42 -1.67 8.39
N ALA A 89 -54.29 -2.96 8.75
CA ALA A 89 -54.71 -4.10 7.91
C ALA A 89 -56.16 -3.90 7.46
N ASP A 90 -56.47 -4.21 6.20
CA ASP A 90 -57.86 -4.21 5.66
C ASP A 90 -58.57 -5.50 6.11
N GLU A 91 -59.90 -5.46 6.13
CA GLU A 91 -60.76 -6.47 6.79
C GLU A 91 -61.04 -7.58 5.79
N PRO A 92 -61.25 -8.84 6.23
CA PRO A 92 -61.17 -9.18 7.65
C PRO A 92 -59.73 -9.34 8.17
N GLN A 93 -59.56 -9.26 9.48
CA GLN A 93 -58.29 -9.51 10.21
C GLN A 93 -57.91 -10.99 10.11
N ARG A 94 -58.85 -11.88 9.78
CA ARG A 94 -58.55 -13.33 9.73
C ARG A 94 -58.83 -13.86 8.33
N LEU A 95 -58.07 -14.86 7.95
CA LEU A 95 -58.25 -15.62 6.68
C LEU A 95 -57.79 -17.05 6.91
N GLN A 96 -58.48 -18.02 6.33
CA GLN A 96 -58.03 -19.43 6.38
C GLN A 96 -58.07 -19.88 4.94
N PHE A 97 -57.20 -20.79 4.57
CA PHE A 97 -57.19 -21.36 3.21
C PHE A 97 -56.46 -22.67 3.32
N PRO A 98 -56.76 -23.60 2.40
CA PRO A 98 -55.94 -24.79 2.30
C PRO A 98 -54.63 -24.42 1.59
N LEU A 99 -53.59 -25.16 1.97
CA LEU A 99 -52.32 -25.26 1.19
C LEU A 99 -52.68 -25.50 -0.26
N PRO A 100 -51.93 -24.84 -1.16
CA PRO A 100 -52.01 -25.10 -2.59
C PRO A 100 -51.51 -26.52 -2.89
N THR A 101 -51.97 -27.06 -4.00
CA THR A 101 -51.65 -28.42 -4.50
C THR A 101 -51.36 -28.32 -6.00
N ALA A 102 -51.03 -29.43 -6.64
CA ALA A 102 -50.93 -29.50 -8.13
C ALA A 102 -52.29 -29.05 -8.66
N GLN A 103 -53.36 -29.60 -8.07
CA GLN A 103 -54.79 -29.31 -8.40
C GLN A 103 -55.06 -27.82 -8.16
N ARG A 104 -55.10 -27.34 -6.90
CA ARG A 104 -55.56 -25.97 -6.54
C ARG A 104 -54.34 -25.13 -6.10
N SER A 105 -54.13 -23.96 -6.74
CA SER A 105 -53.09 -22.97 -6.37
C SER A 105 -53.75 -21.81 -5.60
N LEU A 106 -53.07 -21.16 -4.67
CA LEU A 106 -53.60 -19.93 -4.02
C LEU A 106 -53.82 -18.87 -5.10
N GLU A 107 -54.59 -17.84 -4.80
CA GLU A 107 -54.93 -16.74 -5.73
C GLU A 107 -54.99 -15.47 -4.90
N PRO A 108 -54.59 -14.30 -5.44
CA PRO A 108 -54.68 -13.08 -4.65
C PRO A 108 -56.15 -12.68 -4.54
N GLY A 109 -56.48 -11.91 -3.51
CA GLY A 109 -57.73 -11.16 -3.40
C GLY A 109 -57.82 -10.49 -2.05
N THR A 110 -58.89 -10.78 -1.31
CA THR A 110 -59.36 -10.08 -0.07
C THR A 110 -59.13 -11.04 1.10
N PRO A 111 -58.56 -10.58 2.22
CA PRO A 111 -57.97 -9.23 2.32
C PRO A 111 -56.57 -9.11 1.67
N ARG A 112 -56.11 -7.90 1.34
CA ARG A 112 -54.82 -7.65 0.61
C ARG A 112 -53.62 -8.08 1.45
N TRP A 113 -53.64 -7.83 2.76
CA TRP A 113 -52.45 -8.15 3.60
C TRP A 113 -52.14 -9.65 3.50
N ALA A 114 -53.15 -10.48 3.30
CA ALA A 114 -52.99 -11.95 3.24
C ALA A 114 -52.29 -12.32 1.92
N ASN A 115 -52.37 -11.46 0.91
CA ASN A 115 -51.81 -11.80 -0.43
C ASN A 115 -50.30 -12.08 -0.30
N TYR A 116 -49.61 -11.38 0.58
CA TYR A 116 -48.15 -11.51 0.78
C TYR A 116 -47.81 -12.90 1.35
N VAL A 117 -48.59 -13.35 2.34
CA VAL A 117 -48.40 -14.68 2.98
C VAL A 117 -48.78 -15.76 1.97
N LYS A 118 -49.85 -15.55 1.23
CA LYS A 118 -50.27 -16.52 0.19
C LYS A 118 -49.19 -16.69 -0.86
N GLY A 119 -48.69 -15.57 -1.38
CA GLY A 119 -47.66 -15.59 -2.43
C GLY A 119 -46.44 -16.37 -1.98
N VAL A 120 -45.93 -16.05 -0.81
CA VAL A 120 -44.72 -16.76 -0.29
C VAL A 120 -45.04 -18.25 -0.16
N ILE A 121 -46.20 -18.64 0.40
CA ILE A 121 -46.57 -20.09 0.50
C ILE A 121 -46.64 -20.69 -0.90
N GLN A 122 -47.24 -20.00 -1.87
CA GLN A 122 -47.42 -20.50 -3.25
C GLN A 122 -46.06 -20.81 -3.89
N TYR A 123 -45.02 -19.99 -3.63
CA TYR A 123 -43.70 -20.13 -4.32
C TYR A 123 -42.62 -20.73 -3.41
N TYR A 124 -42.95 -21.09 -2.16
CA TYR A 124 -42.02 -21.75 -1.22
C TYR A 124 -41.42 -22.98 -1.91
N PRO A 125 -40.10 -23.07 -2.11
CA PRO A 125 -39.54 -24.14 -2.94
C PRO A 125 -39.45 -25.52 -2.29
N ALA A 126 -39.64 -25.66 -0.99
CA ALA A 126 -39.40 -26.97 -0.31
C ALA A 126 -40.72 -27.68 0.06
N ALA A 127 -40.59 -28.96 0.36
CA ALA A 127 -41.71 -29.88 0.64
C ALA A 127 -41.22 -30.98 1.58
N PRO A 128 -42.12 -31.54 2.41
CA PRO A 128 -43.54 -31.14 2.43
C PRO A 128 -43.83 -30.05 3.47
N LEU A 129 -44.60 -29.06 3.04
CA LEU A 129 -45.03 -27.88 3.83
C LEU A 129 -46.31 -28.25 4.58
N PRO A 130 -46.32 -28.29 5.92
CA PRO A 130 -47.55 -28.59 6.67
C PRO A 130 -48.36 -27.29 6.83
N GLY A 131 -49.61 -27.39 7.20
CA GLY A 131 -50.43 -26.19 7.48
C GLY A 131 -49.96 -25.59 8.77
N PHE A 132 -50.50 -24.43 9.10
CA PHE A 132 -50.06 -23.71 10.30
C PHE A 132 -51.11 -22.72 10.73
N SER A 133 -51.07 -22.39 12.02
CA SER A 133 -51.79 -21.25 12.62
C SER A 133 -50.75 -20.19 12.97
N ALA A 134 -51.04 -18.92 12.72
CA ALA A 134 -50.13 -17.80 13.02
C ALA A 134 -50.90 -16.51 13.30
N VAL A 135 -50.39 -15.75 14.27
CA VAL A 135 -50.66 -14.29 14.44
C VAL A 135 -49.52 -13.51 13.73
N VAL A 136 -49.92 -12.49 12.96
CA VAL A 136 -49.09 -11.50 12.22
C VAL A 136 -49.24 -10.15 12.91
N VAL A 137 -48.13 -9.59 13.36
CA VAL A 137 -48.06 -8.21 13.93
C VAL A 137 -46.89 -7.48 13.26
N SER A 138 -47.00 -6.14 13.16
CA SER A 138 -45.96 -5.28 12.58
C SER A 138 -45.92 -3.91 13.23
N SER A 139 -44.73 -3.42 13.54
CA SER A 139 -44.45 -2.01 13.90
C SER A 139 -43.98 -1.22 12.66
N VAL A 140 -43.91 -1.85 11.49
CA VAL A 140 -43.53 -1.13 10.24
C VAL A 140 -44.76 -0.39 9.76
N PRO A 141 -44.70 0.94 9.52
CA PRO A 141 -45.89 1.70 9.16
C PRO A 141 -46.33 1.18 7.80
N LEU A 142 -47.63 0.87 7.68
CA LEU A 142 -48.20 0.05 6.58
C LEU A 142 -48.30 0.98 5.36
N GLY A 143 -47.55 0.66 4.31
CA GLY A 143 -47.48 1.47 3.08
C GLY A 143 -46.88 2.85 3.31
N GLY A 144 -45.97 2.98 4.28
CA GLY A 144 -45.26 4.25 4.62
C GLY A 144 -43.82 4.29 4.11
N GLY A 145 -43.43 3.33 3.29
CA GLY A 145 -42.21 3.35 2.46
C GLY A 145 -41.00 2.70 3.09
N LEU A 146 -41.17 1.93 4.17
CA LEU A 146 -40.07 1.22 4.89
C LEU A 146 -40.18 -0.27 4.70
N SER A 147 -40.90 -0.70 3.66
CA SER A 147 -41.02 -2.11 3.19
C SER A 147 -41.85 -2.99 4.15
N SER A 148 -43.00 -2.54 4.62
CA SER A 148 -43.88 -3.42 5.45
C SER A 148 -44.07 -4.77 4.73
N SER A 149 -44.33 -4.73 3.44
CA SER A 149 -44.64 -5.90 2.60
C SER A 149 -43.46 -6.87 2.50
N ALA A 150 -42.24 -6.38 2.26
CA ALA A 150 -41.05 -7.24 2.26
C ALA A 150 -40.87 -7.87 3.64
N SER A 151 -41.08 -7.14 4.74
CA SER A 151 -40.87 -7.72 6.08
C SER A 151 -41.88 -8.86 6.32
N LEU A 152 -43.14 -8.75 5.86
CA LEU A 152 -44.21 -9.78 6.04
C LEU A 152 -43.91 -10.95 5.09
N GLU A 153 -43.49 -10.67 3.86
CA GLU A 153 -43.01 -11.75 2.97
C GLU A 153 -41.85 -12.49 3.64
N VAL A 154 -40.88 -11.78 4.21
CA VAL A 154 -39.64 -12.47 4.68
C VAL A 154 -39.91 -13.12 6.04
N ALA A 155 -40.73 -12.49 6.88
CA ALA A 155 -41.19 -13.12 8.15
C ALA A 155 -41.94 -14.42 7.78
N THR A 156 -42.79 -14.39 6.75
CA THR A 156 -43.54 -15.58 6.34
C THR A 156 -42.53 -16.66 5.97
N TYR A 157 -41.68 -16.37 5.00
CA TYR A 157 -40.64 -17.28 4.46
C TYR A 157 -39.86 -17.91 5.62
N THR A 158 -39.41 -17.09 6.56
CA THR A 158 -38.65 -17.54 7.75
C THR A 158 -39.46 -18.54 8.59
N PHE A 159 -40.74 -18.28 8.80
CA PHE A 159 -41.69 -19.22 9.49
C PHE A 159 -41.77 -20.55 8.70
N LEU A 160 -41.93 -20.46 7.37
CA LEU A 160 -42.03 -21.69 6.54
C LEU A 160 -40.74 -22.51 6.63
N GLN A 161 -39.55 -21.89 6.67
CA GLN A 161 -38.28 -22.67 6.81
C GLN A 161 -38.29 -23.46 8.13
N GLN A 162 -38.96 -22.98 9.18
CA GLN A 162 -39.01 -23.72 10.46
C GLN A 162 -39.95 -24.91 10.30
N LEU A 163 -40.94 -24.78 9.43
CA LEU A 163 -41.95 -25.85 9.18
C LEU A 163 -41.31 -26.88 8.25
N CYS A 164 -40.48 -26.42 7.28
CA CYS A 164 -39.92 -27.27 6.21
C CYS A 164 -38.64 -26.61 5.68
N PRO A 165 -37.47 -26.90 6.33
CA PRO A 165 -36.19 -26.30 5.97
C PRO A 165 -35.98 -26.35 4.47
N ASP A 166 -35.65 -25.21 3.86
CA ASP A 166 -35.37 -25.17 2.41
C ASP A 166 -33.89 -25.59 2.25
N SER A 167 -33.41 -25.92 1.10
CA SER A 167 -31.95 -26.20 1.10
C SER A 167 -31.31 -25.20 0.16
N GLY A 168 -31.60 -23.94 0.37
CA GLY A 168 -31.35 -22.92 -0.66
C GLY A 168 -30.48 -21.78 -0.17
N THR A 169 -30.43 -20.75 -1.00
CA THR A 169 -29.49 -19.62 -0.89
C THR A 169 -30.31 -18.40 -0.53
N ILE A 170 -29.64 -17.36 -0.07
CA ILE A 170 -30.26 -16.10 0.40
C ILE A 170 -31.03 -15.47 -0.77
N ALA A 171 -30.48 -15.52 -1.97
CA ALA A 171 -31.05 -14.92 -3.19
C ALA A 171 -32.27 -15.71 -3.67
N ALA A 172 -32.22 -17.03 -3.57
CA ALA A 172 -33.39 -17.87 -3.87
C ALA A 172 -34.55 -17.38 -2.98
N ARG A 173 -34.36 -17.12 -1.70
CA ARG A 173 -35.45 -16.75 -0.77
C ARG A 173 -35.92 -15.34 -1.07
N ALA A 174 -35.00 -14.41 -1.35
CA ALA A 174 -35.36 -13.07 -1.86
C ALA A 174 -36.21 -13.16 -3.13
N GLN A 175 -35.88 -13.99 -4.13
CA GLN A 175 -36.65 -14.06 -5.42
C GLN A 175 -38.04 -14.69 -5.15
N VAL A 176 -38.13 -15.63 -4.21
CA VAL A 176 -39.45 -16.17 -3.78
C VAL A 176 -40.28 -15.03 -3.24
N CYS A 177 -39.72 -14.27 -2.31
CA CYS A 177 -40.46 -13.17 -1.66
C CYS A 177 -40.80 -12.12 -2.71
N GLN A 178 -39.88 -11.93 -3.68
CA GLN A 178 -40.05 -10.92 -4.74
C GLN A 178 -41.14 -11.39 -5.69
N GLN A 179 -41.20 -12.68 -6.00
CA GLN A 179 -42.27 -13.28 -6.85
C GLN A 179 -43.65 -13.06 -6.22
N ALA A 180 -43.77 -13.22 -4.91
CA ALA A 180 -45.05 -13.06 -4.19
C ALA A 180 -45.49 -11.60 -4.37
N GLU A 181 -44.57 -10.68 -4.17
CA GLU A 181 -44.77 -9.23 -4.41
C GLU A 181 -45.26 -8.98 -5.84
N HIS A 182 -44.67 -9.60 -6.84
CA HIS A 182 -45.06 -9.43 -8.27
C HIS A 182 -46.45 -10.06 -8.49
N SER A 183 -46.62 -11.33 -8.13
CA SER A 183 -47.78 -12.14 -8.59
C SER A 183 -48.99 -11.81 -7.71
N PHE A 184 -48.79 -11.60 -6.41
CA PHE A 184 -49.89 -11.63 -5.42
C PHE A 184 -50.19 -10.21 -4.94
N ALA A 185 -49.22 -9.26 -4.95
CA ALA A 185 -49.52 -7.85 -4.61
C ALA A 185 -49.44 -6.96 -5.84
N GLY A 186 -49.19 -7.50 -7.03
CA GLY A 186 -49.17 -6.72 -8.29
C GLY A 186 -48.16 -5.57 -8.29
N MET A 187 -47.00 -5.77 -7.64
CA MET A 187 -45.94 -4.74 -7.51
CA MET A 187 -45.94 -4.74 -7.51
C MET A 187 -44.64 -5.36 -8.03
N PRO A 188 -44.15 -4.94 -9.23
CA PRO A 188 -42.98 -5.56 -9.85
C PRO A 188 -41.65 -4.99 -9.34
N CYS A 189 -41.36 -5.30 -8.09
CA CYS A 189 -40.26 -4.70 -7.30
C CYS A 189 -38.95 -5.38 -7.73
N GLY A 190 -37.84 -4.67 -7.50
CA GLY A 190 -36.48 -5.25 -7.49
C GLY A 190 -36.32 -6.07 -6.23
N ILE A 191 -35.08 -6.47 -5.94
CA ILE A 191 -34.70 -7.40 -4.86
C ILE A 191 -34.31 -6.61 -3.62
N MET A 192 -34.14 -5.29 -3.66
CA MET A 192 -33.56 -4.59 -2.49
C MET A 192 -34.26 -5.02 -1.17
N ASP A 193 -35.58 -4.79 -1.07
CA ASP A 193 -36.32 -4.75 0.22
C ASP A 193 -36.25 -6.14 0.83
N GLN A 194 -36.43 -7.18 0.03
CA GLN A 194 -36.41 -8.60 0.53
C GLN A 194 -34.99 -8.94 0.97
N PHE A 195 -34.00 -8.57 0.14
CA PHE A 195 -32.59 -8.87 0.40
C PHE A 195 -32.22 -8.25 1.76
N ILE A 196 -32.62 -7.00 2.01
CA ILE A 196 -32.19 -6.33 3.28
C ILE A 196 -32.92 -6.96 4.46
N SER A 197 -34.19 -7.32 4.29
CA SER A 197 -35.00 -7.93 5.38
C SER A 197 -34.44 -9.29 5.72
N LEU A 198 -33.91 -10.02 4.76
CA LEU A 198 -33.17 -11.29 5.04
C LEU A 198 -31.81 -11.04 5.69
N MET A 199 -30.98 -10.14 5.20
CA MET A 199 -29.50 -10.19 5.45
C MET A 199 -29.02 -9.09 6.40
N GLY A 200 -29.86 -8.15 6.77
CA GLY A 200 -29.49 -7.08 7.70
C GLY A 200 -28.75 -7.62 8.91
N GLN A 201 -27.85 -6.82 9.44
CA GLN A 201 -27.16 -7.16 10.70
C GLN A 201 -27.11 -5.89 11.52
N LYS A 202 -27.31 -6.03 12.82
CA LYS A 202 -27.24 -4.87 13.73
C LYS A 202 -25.96 -4.09 13.42
N GLY A 203 -26.04 -2.76 13.40
CA GLY A 203 -24.84 -1.91 13.41
C GLY A 203 -24.14 -1.97 12.07
N HIS A 204 -24.83 -2.39 11.02
CA HIS A 204 -24.29 -2.48 9.63
C HIS A 204 -25.31 -1.99 8.63
N ALA A 205 -24.86 -1.33 7.58
CA ALA A 205 -25.61 -1.15 6.33
C ALA A 205 -25.23 -2.33 5.44
N LEU A 206 -25.98 -2.56 4.38
CA LEU A 206 -25.79 -3.71 3.47
C LEU A 206 -25.67 -3.15 2.07
N LEU A 207 -24.46 -3.13 1.49
CA LEU A 207 -24.27 -2.77 0.06
C LEU A 207 -24.64 -4.02 -0.76
N ILE A 208 -25.68 -3.90 -1.57
CA ILE A 208 -26.12 -5.02 -2.45
C ILE A 208 -25.72 -4.76 -3.90
N ASP A 209 -25.06 -5.74 -4.49
CA ASP A 209 -24.75 -5.68 -5.94
C ASP A 209 -25.82 -6.55 -6.59
N CYS A 210 -26.78 -5.86 -7.22
CA CYS A 210 -27.99 -6.43 -7.86
C CYS A 210 -27.66 -6.93 -9.27
N ARG A 211 -26.40 -6.88 -9.70
CA ARG A 211 -25.94 -7.66 -10.89
C ARG A 211 -25.38 -9.00 -10.43
N SER A 212 -24.39 -8.98 -9.54
CA SER A 212 -23.62 -10.20 -9.16
C SER A 212 -24.31 -10.90 -7.97
N LEU A 213 -25.09 -10.13 -7.19
CA LEU A 213 -25.77 -10.53 -5.93
C LEU A 213 -24.74 -10.71 -4.82
N GLU A 214 -23.54 -10.18 -5.02
CA GLU A 214 -22.56 -10.02 -3.94
C GLU A 214 -23.18 -9.01 -2.96
N THR A 215 -22.85 -9.19 -1.70
CA THR A 215 -23.33 -8.30 -0.64
C THR A 215 -22.16 -7.99 0.27
N SER A 216 -22.09 -6.75 0.71
CA SER A 216 -21.12 -6.34 1.72
C SER A 216 -21.85 -5.81 2.94
N LEU A 217 -21.39 -6.22 4.11
CA LEU A 217 -21.85 -5.78 5.43
C LEU A 217 -20.89 -4.73 5.94
N VAL A 218 -21.31 -3.47 5.90
CA VAL A 218 -20.48 -2.26 6.15
C VAL A 218 -20.80 -1.73 7.54
N PRO A 219 -19.85 -1.73 8.50
CA PRO A 219 -20.13 -1.22 9.83
C PRO A 219 -20.64 0.22 9.79
N LEU A 220 -21.70 0.49 10.52
CA LEU A 220 -22.02 1.85 11.01
C LEU A 220 -21.23 2.08 12.30
N SER A 221 -20.02 2.68 12.21
CA SER A 221 -18.97 2.76 13.27
C SER A 221 -18.49 4.21 13.51
N ASP A 222 -19.38 5.21 13.40
CA ASP A 222 -19.33 6.43 14.25
C ASP A 222 -20.66 6.48 14.99
N PRO A 223 -20.71 6.34 16.33
CA PRO A 223 -21.96 6.43 17.06
C PRO A 223 -22.25 7.91 17.38
N LYS A 224 -21.28 8.79 17.10
CA LYS A 224 -21.49 10.27 17.11
C LYS A 224 -22.67 10.61 16.18
N LEU A 225 -22.99 9.78 15.17
CA LEU A 225 -24.03 10.16 14.19
C LEU A 225 -25.19 9.17 14.20
N ALA A 226 -26.31 9.59 13.60
CA ALA A 226 -27.62 8.92 13.60
C ALA A 226 -28.16 8.91 12.18
N VAL A 227 -29.13 8.05 11.90
CA VAL A 227 -30.04 8.28 10.75
C VAL A 227 -31.44 8.48 11.34
N LEU A 228 -32.01 9.65 11.04
CA LEU A 228 -33.40 10.06 11.34
C LEU A 228 -34.23 9.73 10.10
N ILE A 229 -35.27 8.93 10.28
CA ILE A 229 -36.25 8.65 9.21
C ILE A 229 -37.51 9.47 9.48
N THR A 230 -38.00 10.18 8.46
CA THR A 230 -39.18 11.08 8.58
C THR A 230 -40.28 10.53 7.69
N ASN A 231 -41.38 10.12 8.32
CA ASN A 231 -42.64 9.72 7.67
C ASN A 231 -43.43 10.99 7.32
N SER A 232 -43.55 11.28 6.03
CA SER A 232 -44.38 12.38 5.48
C SER A 232 -45.85 12.09 5.78
N ASN A 233 -46.20 10.84 6.05
CA ASN A 233 -47.61 10.44 6.30
C ASN A 233 -48.44 10.84 5.08
N VAL A 234 -47.90 10.72 3.86
CA VAL A 234 -48.69 10.70 2.60
C VAL A 234 -48.28 9.49 1.76
N ARG A 235 -49.23 9.00 0.96
CA ARG A 235 -49.03 8.19 -0.28
C ARG A 235 -49.89 8.87 -1.37
N HIS A 236 -49.26 9.43 -2.40
CA HIS A 236 -49.94 9.93 -3.63
C HIS A 236 -50.38 8.73 -4.48
N SER A 237 -51.46 8.92 -5.27
CA SER A 237 -52.04 7.96 -6.26
C SER A 237 -50.94 7.47 -7.20
N LEU A 238 -50.13 8.38 -7.77
CA LEU A 238 -49.10 8.13 -8.83
C LEU A 238 -48.11 7.06 -8.38
N ALA A 239 -47.94 6.86 -7.06
CA ALA A 239 -47.05 5.85 -6.44
C ALA A 239 -47.17 4.50 -7.17
N SER A 240 -48.28 3.77 -6.95
CA SER A 240 -48.62 2.45 -7.55
C SER A 240 -48.45 2.53 -9.09
N SER A 241 -49.01 3.55 -9.73
CA SER A 241 -49.09 3.71 -11.20
C SER A 241 -47.70 3.91 -11.82
N GLU A 242 -46.84 4.73 -11.20
CA GLU A 242 -45.62 5.27 -11.86
C GLU A 242 -44.43 4.31 -11.73
N TYR A 243 -44.31 3.55 -10.64
CA TYR A 243 -43.16 2.63 -10.38
C TYR A 243 -42.95 1.77 -11.62
N PRO A 244 -43.94 1.00 -12.13
CA PRO A 244 -43.71 0.24 -13.36
C PRO A 244 -43.37 1.10 -14.59
N VAL A 245 -43.95 2.29 -14.74
CA VAL A 245 -43.73 3.16 -15.93
C VAL A 245 -42.22 3.41 -16.05
N ARG A 246 -41.62 3.88 -14.95
CA ARG A 246 -40.19 4.15 -14.80
C ARG A 246 -39.39 2.91 -15.21
N ARG A 247 -39.82 1.79 -14.67
CA ARG A 247 -39.14 0.50 -14.86
C ARG A 247 -39.13 0.22 -16.37
N ARG A 248 -40.28 0.28 -17.04
CA ARG A 248 -40.43 0.03 -18.50
C ARG A 248 -39.57 1.05 -19.26
N GLN A 249 -39.48 2.28 -18.76
CA GLN A 249 -38.69 3.38 -19.38
C GLN A 249 -37.20 3.02 -19.36
N CYS A 250 -36.69 2.61 -18.20
CA CYS A 250 -35.28 2.19 -18.03
C CYS A 250 -34.96 1.07 -19.03
N GLU A 251 -35.90 0.16 -19.28
CA GLU A 251 -35.68 -1.06 -20.09
C GLU A 251 -35.61 -0.69 -21.57
N GLU A 252 -36.33 0.35 -22.04
CA GLU A 252 -36.39 0.83 -23.47
C GLU A 252 -35.04 1.40 -23.90
N VAL A 253 -34.44 2.21 -23.02
CA VAL A 253 -33.03 2.68 -23.15
C VAL A 253 -32.15 1.44 -23.39
N ALA A 254 -32.01 0.57 -22.39
CA ALA A 254 -31.24 -0.70 -22.45
C ALA A 254 -31.44 -1.41 -23.79
N ARG A 255 -32.68 -1.49 -24.31
CA ARG A 255 -32.95 -1.99 -25.69
C ARG A 255 -32.08 -1.18 -26.65
N ALA A 256 -32.35 0.13 -26.72
CA ALA A 256 -31.83 1.07 -27.74
C ALA A 256 -30.30 1.20 -27.69
N LEU A 257 -29.66 0.99 -26.52
CA LEU A 257 -28.17 1.14 -26.36
C LEU A 257 -27.48 -0.22 -26.46
N GLY A 258 -28.20 -1.25 -26.91
CA GLY A 258 -27.67 -2.61 -27.08
C GLY A 258 -27.05 -3.14 -25.80
N ALA A 259 -27.49 -2.60 -24.65
CA ALA A 259 -27.08 -3.01 -23.28
C ALA A 259 -28.11 -3.99 -22.73
N ALA A 260 -27.65 -4.97 -21.96
CA ALA A 260 -28.49 -6.04 -21.35
C ALA A 260 -29.13 -5.52 -20.05
N SER A 261 -28.70 -4.33 -19.62
CA SER A 261 -29.07 -3.64 -18.35
C SER A 261 -28.36 -2.30 -18.33
N LEU A 262 -28.87 -1.31 -17.59
CA LEU A 262 -28.28 0.06 -17.54
C LEU A 262 -26.95 -0.04 -16.78
N ARG A 263 -26.85 -0.89 -15.77
CA ARG A 263 -25.58 -1.18 -15.07
C ARG A 263 -24.35 -1.00 -16.01
N GLU A 264 -24.39 -1.73 -17.13
CA GLU A 264 -23.35 -1.89 -18.18
C GLU A 264 -23.12 -0.53 -18.86
N VAL A 265 -24.08 0.39 -18.72
CA VAL A 265 -24.06 1.76 -19.32
C VAL A 265 -23.45 2.73 -18.30
N GLN A 266 -22.55 3.59 -18.79
CA GLN A 266 -21.79 4.64 -18.05
C GLN A 266 -22.07 6.04 -18.67
N LEU A 267 -22.04 7.08 -17.81
CA LEU A 267 -22.59 8.42 -18.14
C LEU A 267 -21.99 8.95 -19.46
N GLU A 268 -20.69 8.66 -19.74
CA GLU A 268 -20.03 9.06 -21.01
C GLU A 268 -20.80 8.40 -22.17
N GLU A 269 -21.14 7.11 -22.03
CA GLU A 269 -21.93 6.28 -23.00
C GLU A 269 -23.24 7.01 -23.35
N LEU A 270 -24.06 7.31 -22.33
CA LEU A 270 -25.44 7.85 -22.47
C LEU A 270 -25.41 9.23 -23.11
N GLU A 271 -24.40 10.06 -22.81
CA GLU A 271 -24.33 11.46 -23.32
C GLU A 271 -24.04 11.46 -24.83
N ALA A 272 -23.27 10.47 -25.28
CA ALA A 272 -22.85 10.26 -26.68
C ALA A 272 -23.96 9.59 -27.50
N ALA A 273 -24.99 9.03 -26.84
CA ALA A 273 -26.03 8.17 -27.45
C ALA A 273 -27.46 8.71 -27.25
N ARG A 274 -27.62 9.94 -26.76
CA ARG A 274 -28.93 10.64 -26.64
C ARG A 274 -29.81 10.37 -27.88
N ASP A 275 -29.29 10.69 -29.08
CA ASP A 275 -30.05 10.66 -30.37
C ASP A 275 -30.80 9.32 -30.45
N LEU A 276 -30.17 8.24 -29.96
CA LEU A 276 -30.70 6.85 -29.96
C LEU A 276 -32.01 6.75 -29.14
N VAL A 277 -32.23 7.57 -28.10
CA VAL A 277 -33.35 7.38 -27.13
C VAL A 277 -34.18 8.68 -26.98
N SER A 278 -35.28 8.59 -26.22
CA SER A 278 -36.26 9.69 -25.92
C SER A 278 -35.60 10.76 -25.03
N LYS A 279 -36.26 11.91 -24.85
CA LYS A 279 -35.77 13.02 -23.99
C LYS A 279 -36.11 12.64 -22.54
N GLU A 280 -37.28 12.05 -22.35
CA GLU A 280 -37.64 11.38 -21.09
C GLU A 280 -36.68 10.19 -20.88
N GLY A 281 -36.56 9.33 -21.88
CA GLY A 281 -35.76 8.08 -21.79
C GLY A 281 -34.33 8.37 -21.36
N PHE A 282 -33.72 9.40 -21.96
CA PHE A 282 -32.32 9.83 -21.65
C PHE A 282 -32.26 10.31 -20.20
N ARG A 283 -33.27 11.04 -19.71
CA ARG A 283 -33.27 11.63 -18.35
C ARG A 283 -33.59 10.54 -17.31
N ARG A 284 -34.35 9.50 -17.67
CA ARG A 284 -34.59 8.34 -16.75
C ARG A 284 -33.24 7.65 -16.54
N ALA A 285 -32.47 7.38 -17.60
CA ALA A 285 -31.22 6.59 -17.54
C ALA A 285 -30.10 7.44 -16.89
N ARG A 286 -30.22 8.77 -16.98
CA ARG A 286 -29.26 9.77 -16.42
C ARG A 286 -29.28 9.71 -14.89
N HIS A 287 -30.46 9.42 -14.32
CA HIS A 287 -30.60 9.17 -12.86
C HIS A 287 -29.78 7.89 -12.59
N VAL A 288 -30.20 6.80 -13.28
CA VAL A 288 -29.93 5.39 -12.89
C VAL A 288 -28.43 5.25 -12.88
N VAL A 289 -27.86 5.47 -14.06
CA VAL A 289 -26.41 5.36 -14.40
C VAL A 289 -25.54 6.33 -13.54
N GLY A 290 -26.15 7.54 -13.34
CA GLY A 290 -25.70 8.51 -12.32
C GLY A 290 -25.74 7.92 -10.93
N GLU A 291 -26.91 7.33 -10.52
CA GLU A 291 -27.23 6.92 -9.12
C GLU A 291 -26.19 5.82 -8.69
N ILE A 292 -26.10 4.83 -9.61
CA ILE A 292 -25.24 3.60 -9.41
C ILE A 292 -23.83 4.09 -9.07
N ARG A 293 -23.31 5.11 -9.77
CA ARG A 293 -21.95 5.64 -9.51
C ARG A 293 -21.98 6.26 -8.10
N ARG A 294 -22.98 7.12 -7.85
CA ARG A 294 -23.04 7.84 -6.55
C ARG A 294 -23.04 6.84 -5.39
N THR A 295 -23.68 5.67 -5.53
CA THR A 295 -23.78 4.66 -4.43
C THR A 295 -22.36 4.15 -4.14
N ALA A 296 -21.70 3.62 -5.17
CA ALA A 296 -20.32 3.09 -5.08
C ALA A 296 -19.39 4.09 -4.36
N GLN A 297 -19.56 5.37 -4.61
CA GLN A 297 -18.80 6.45 -3.91
C GLN A 297 -19.29 6.50 -2.46
N ALA A 298 -20.60 6.37 -2.24
CA ALA A 298 -21.22 6.53 -0.90
C ALA A 298 -20.80 5.35 0.02
N ALA A 299 -20.78 4.15 -0.55
CA ALA A 299 -20.19 2.99 0.15
C ALA A 299 -18.75 3.35 0.57
N ALA A 300 -17.92 3.78 -0.38
CA ALA A 300 -16.47 4.03 -0.16
C ALA A 300 -16.26 5.28 0.73
N ALA A 301 -17.29 6.18 0.73
CA ALA A 301 -17.35 7.35 1.63
C ALA A 301 -17.55 6.86 3.07
N LEU A 302 -18.49 5.92 3.25
CA LEU A 302 -18.94 5.38 4.56
C LEU A 302 -17.74 4.70 5.27
N ARG A 303 -17.00 3.83 4.55
CA ARG A 303 -15.85 3.08 5.09
C ARG A 303 -14.77 4.06 5.57
N ARG A 304 -14.46 5.09 4.77
CA ARG A 304 -13.43 6.10 5.12
C ARG A 304 -13.95 7.04 6.21
N GLY A 305 -15.14 6.82 6.77
CA GLY A 305 -15.78 7.79 7.69
C GLY A 305 -15.96 9.17 7.06
N ASP A 306 -16.00 9.27 5.71
CA ASP A 306 -16.23 10.54 4.97
C ASP A 306 -17.74 10.85 4.91
N TYR A 307 -18.31 11.16 6.08
CA TYR A 307 -19.75 11.44 6.27
C TYR A 307 -20.21 12.55 5.29
N ARG A 308 -19.34 13.55 5.00
CA ARG A 308 -19.68 14.81 4.28
C ARG A 308 -19.84 14.60 2.74
N ALA A 309 -18.97 13.68 2.17
CA ALA A 309 -19.16 13.18 0.78
C ALA A 309 -20.49 12.34 0.66
N PHE A 310 -20.75 11.44 1.60
CA PHE A 310 -21.96 10.57 1.60
C PHE A 310 -23.23 11.43 1.67
N GLY A 311 -23.22 12.37 2.63
CA GLY A 311 -24.17 13.49 2.70
C GLY A 311 -24.48 14.08 1.33
N ARG A 312 -23.46 14.50 0.60
CA ARG A 312 -23.58 15.39 -0.60
C ARG A 312 -24.09 14.57 -1.82
N LEU A 313 -23.65 13.26 -1.83
CA LEU A 313 -24.06 12.26 -2.84
C LEU A 313 -25.59 12.08 -2.65
N MET A 314 -26.00 12.01 -1.34
CA MET A 314 -27.39 11.76 -0.85
C MET A 314 -28.30 12.84 -1.44
N VAL A 315 -27.81 14.07 -1.39
CA VAL A 315 -28.59 15.24 -1.84
C VAL A 315 -28.66 15.16 -3.37
N GLU A 316 -27.52 14.86 -4.01
CA GLU A 316 -27.47 14.57 -5.46
C GLU A 316 -28.53 13.47 -5.75
N SER A 317 -28.57 12.41 -4.94
CA SER A 317 -29.52 11.27 -5.07
C SER A 317 -31.00 11.72 -5.02
N HIS A 318 -31.30 12.63 -4.07
CA HIS A 318 -32.61 13.31 -4.02
C HIS A 318 -32.87 14.13 -5.30
N ARG A 319 -31.92 15.01 -5.70
CA ARG A 319 -32.07 15.97 -6.83
C ARG A 319 -32.26 15.27 -8.18
N SER A 320 -31.53 14.10 -8.32
CA SER A 320 -31.71 13.21 -9.50
C SER A 320 -33.12 12.56 -9.43
N LEU A 321 -33.54 12.06 -8.25
CA LEU A 321 -34.89 11.47 -8.03
C LEU A 321 -35.96 12.52 -8.34
N ARG A 322 -35.81 13.72 -7.77
CA ARG A 322 -36.80 14.84 -7.84
C ARG A 322 -36.88 15.38 -9.27
N ASP A 323 -35.75 15.61 -9.94
CA ASP A 323 -35.70 16.34 -11.24
C ASP A 323 -35.64 15.34 -12.42
N ASP A 324 -34.79 14.31 -12.32
CA ASP A 324 -34.60 13.38 -13.45
C ASP A 324 -35.59 12.22 -13.37
N TYR A 325 -35.69 11.55 -12.23
CA TYR A 325 -36.54 10.33 -12.15
C TYR A 325 -38.00 10.75 -11.92
N GLU A 326 -38.20 11.94 -11.34
CA GLU A 326 -39.53 12.54 -11.00
C GLU A 326 -40.37 11.54 -10.21
N VAL A 327 -39.91 11.15 -9.04
CA VAL A 327 -40.61 10.17 -8.15
C VAL A 327 -40.56 10.70 -6.72
N SER A 328 -40.30 11.99 -6.56
CA SER A 328 -40.45 12.74 -5.30
C SER A 328 -41.84 13.36 -5.33
N CYS A 329 -42.19 14.10 -4.30
CA CYS A 329 -43.44 14.89 -4.24
C CYS A 329 -43.12 16.14 -3.44
N PRO A 330 -43.97 17.19 -3.53
CA PRO A 330 -43.73 18.41 -2.75
C PRO A 330 -43.43 18.12 -1.26
N GLU A 331 -44.12 17.17 -0.64
CA GLU A 331 -43.96 16.88 0.82
C GLU A 331 -42.53 16.40 1.09
N LEU A 332 -42.05 15.45 0.28
CA LEU A 332 -40.67 14.93 0.36
C LEU A 332 -39.68 16.07 0.06
N ASP A 333 -39.85 16.75 -1.08
CA ASP A 333 -39.02 17.90 -1.48
C ASP A 333 -38.86 18.82 -0.28
N GLN A 334 -39.95 19.00 0.46
CA GLN A 334 -40.03 20.00 1.55
C GLN A 334 -39.42 19.42 2.82
N LEU A 335 -39.50 18.11 3.05
CA LEU A 335 -38.82 17.51 4.25
C LEU A 335 -37.30 17.53 4.02
N VAL A 336 -36.86 17.26 2.80
CA VAL A 336 -35.43 17.29 2.40
C VAL A 336 -34.94 18.74 2.52
N GLU A 337 -35.42 19.71 1.71
CA GLU A 337 -34.97 21.14 1.74
C GLU A 337 -34.95 21.64 3.20
N ALA A 338 -35.88 21.17 4.05
CA ALA A 338 -36.05 21.57 5.47
C ALA A 338 -34.96 20.95 6.34
N ALA A 339 -34.61 19.68 6.09
CA ALA A 339 -33.51 18.97 6.78
C ALA A 339 -32.15 19.56 6.41
N LEU A 340 -31.90 19.73 5.11
CA LEU A 340 -30.63 20.25 4.52
C LEU A 340 -30.31 21.67 5.02
N ALA A 341 -31.27 22.33 5.67
CA ALA A 341 -31.07 23.71 6.18
C ALA A 341 -30.40 23.64 7.57
N VAL A 342 -30.55 22.51 8.29
CA VAL A 342 -30.12 22.35 9.71
C VAL A 342 -28.62 22.03 9.78
N PRO A 343 -27.77 22.88 10.41
CA PRO A 343 -26.34 22.56 10.55
C PRO A 343 -26.10 21.26 11.34
N GLY A 344 -25.18 20.41 10.84
CA GLY A 344 -24.94 19.05 11.35
C GLY A 344 -25.77 17.98 10.66
N VAL A 345 -26.66 18.36 9.73
CA VAL A 345 -27.27 17.39 8.77
C VAL A 345 -26.30 17.24 7.61
N TYR A 346 -25.71 16.07 7.42
CA TYR A 346 -24.75 15.79 6.32
C TYR A 346 -25.49 15.75 4.98
N GLY A 347 -26.75 15.32 5.04
CA GLY A 347 -27.53 14.93 3.85
C GLY A 347 -28.93 14.49 4.22
N SER A 348 -29.83 14.57 3.25
CA SER A 348 -31.23 14.14 3.37
C SER A 348 -31.76 13.84 1.98
N ARG A 349 -32.64 12.85 1.89
CA ARG A 349 -33.26 12.45 0.62
C ARG A 349 -34.55 11.73 0.93
N MET A 350 -35.44 11.64 -0.07
CA MET A 350 -36.50 10.61 -0.09
C MET A 350 -35.78 9.26 -0.05
N THR A 351 -36.43 8.26 0.57
CA THR A 351 -35.97 6.84 0.54
C THR A 351 -37.12 5.99 0.01
N GLY A 352 -36.82 4.83 -0.56
CA GLY A 352 -37.78 3.91 -1.17
C GLY A 352 -38.34 4.47 -2.46
N GLY A 353 -39.55 4.10 -2.81
CA GLY A 353 -40.06 4.27 -4.18
C GLY A 353 -40.49 5.69 -4.44
N GLY A 354 -40.74 6.47 -3.40
CA GLY A 354 -41.11 7.89 -3.59
C GLY A 354 -42.63 8.12 -3.63
N PHE A 355 -43.06 9.25 -4.22
CA PHE A 355 -44.48 9.69 -4.34
C PHE A 355 -45.14 9.76 -2.96
N GLY A 356 -44.34 9.90 -1.89
CA GLY A 356 -44.78 9.85 -0.49
C GLY A 356 -43.81 9.04 0.32
N GLY A 357 -44.21 8.57 1.50
CA GLY A 357 -43.36 7.75 2.37
C GLY A 357 -42.40 8.63 3.17
N CYS A 358 -41.16 8.18 3.32
CA CYS A 358 -40.22 8.75 4.29
C CYS A 358 -39.01 9.39 3.61
N THR A 359 -38.35 10.23 4.38
CA THR A 359 -36.99 10.73 4.11
C THR A 359 -36.04 10.03 5.08
N VAL A 360 -34.77 10.04 4.70
CA VAL A 360 -33.67 9.56 5.56
C VAL A 360 -32.62 10.67 5.60
N THR A 361 -32.32 11.13 6.81
CA THR A 361 -31.38 12.22 7.12
C THR A 361 -30.17 11.62 7.85
N LEU A 362 -28.96 11.91 7.39
CA LEU A 362 -27.69 11.53 8.07
C LEU A 362 -27.20 12.74 8.87
N LEU A 363 -27.03 12.64 10.19
CA LEU A 363 -26.78 13.80 11.09
C LEU A 363 -26.17 13.38 12.44
N GLU A 364 -25.71 14.35 13.26
CA GLU A 364 -25.14 14.14 14.62
C GLU A 364 -26.26 13.79 15.62
N ALA A 365 -26.03 12.78 16.46
CA ALA A 365 -27.02 12.25 17.44
C ALA A 365 -27.47 13.37 18.36
N SER A 366 -26.62 14.39 18.61
CA SER A 366 -26.92 15.61 19.39
C SER A 366 -27.77 16.60 18.57
N ALA A 367 -27.57 16.64 17.25
CA ALA A 367 -28.30 17.53 16.28
C ALA A 367 -29.71 16.97 16.00
N ALA A 368 -29.90 15.65 16.04
CA ALA A 368 -31.18 14.97 15.72
C ALA A 368 -32.37 15.54 16.50
N PRO A 369 -32.26 15.79 17.85
CA PRO A 369 -33.39 16.28 18.64
C PRO A 369 -33.74 17.76 18.36
N HIS A 370 -32.82 18.49 17.71
CA HIS A 370 -33.11 19.84 17.16
C HIS A 370 -34.14 19.67 16.03
N ALA A 371 -33.97 18.64 15.20
CA ALA A 371 -34.74 18.43 13.97
C ALA A 371 -36.23 18.17 14.27
N MET A 372 -36.51 17.29 15.22
CA MET A 372 -37.88 16.84 15.59
C MET A 372 -38.72 17.91 16.32
N ARG A 373 -38.06 18.92 16.93
CA ARG A 373 -38.68 20.21 17.27
C ARG A 373 -39.14 20.80 15.92
N HIS A 374 -38.13 21.04 15.07
CA HIS A 374 -38.11 21.87 13.85
C HIS A 374 -38.97 21.23 12.75
N ILE A 375 -38.68 20.00 12.35
CA ILE A 375 -39.48 19.35 11.28
C ILE A 375 -40.97 19.41 11.66
N GLN A 376 -41.38 18.92 12.84
CA GLN A 376 -42.81 18.87 13.28
C GLN A 376 -43.52 20.21 12.99
N GLU A 377 -42.96 21.34 13.43
CA GLU A 377 -43.66 22.66 13.40
C GLU A 377 -43.23 23.53 12.17
N HIS A 378 -42.28 23.06 11.34
CA HIS A 378 -41.91 23.65 10.02
C HIS A 378 -42.19 22.66 8.87
N TYR A 379 -42.98 21.59 9.08
CA TYR A 379 -43.45 20.66 8.01
C TYR A 379 -44.95 20.85 7.74
N GLY A 380 -45.29 21.17 6.49
CA GLY A 380 -46.68 21.38 6.03
C GLY A 380 -47.61 20.32 6.59
N GLY A 381 -47.35 19.05 6.32
CA GLY A 381 -48.16 17.92 6.81
C GLY A 381 -47.78 17.51 8.23
N THR A 382 -48.02 16.23 8.59
CA THR A 382 -47.71 15.63 9.91
C THR A 382 -46.48 14.73 9.80
N ALA A 383 -45.44 15.01 10.60
CA ALA A 383 -44.22 14.18 10.71
C ALA A 383 -44.39 13.07 11.77
N THR A 384 -43.94 11.85 11.46
CA THR A 384 -43.58 10.82 12.45
C THR A 384 -42.07 10.54 12.30
N PHE A 385 -41.37 10.35 13.41
CA PHE A 385 -39.90 10.14 13.39
C PHE A 385 -39.58 8.74 13.91
N TYR A 386 -38.60 8.12 13.26
CA TYR A 386 -37.84 6.96 13.77
C TYR A 386 -36.37 7.37 13.81
N LEU A 387 -35.77 7.23 14.99
CA LEU A 387 -34.31 7.30 15.21
C LEU A 387 -33.76 5.88 15.17
N SER A 388 -33.16 5.52 14.04
CA SER A 388 -32.90 4.12 13.63
C SER A 388 -31.47 3.76 13.97
N GLN A 389 -31.29 2.87 14.95
CA GLN A 389 -30.11 1.99 15.04
C GLN A 389 -30.29 1.02 13.86
N ALA A 390 -29.19 0.67 13.18
CA ALA A 390 -29.17 -0.37 12.13
C ALA A 390 -29.40 -1.73 12.81
N ALA A 391 -30.28 -2.56 12.25
CA ALA A 391 -30.81 -3.73 12.98
C ALA A 391 -30.51 -5.04 12.28
N ASP A 392 -30.71 -6.11 13.03
CA ASP A 392 -30.73 -7.50 12.55
C ASP A 392 -31.80 -7.73 11.46
N GLY A 393 -31.50 -8.72 10.62
CA GLY A 393 -32.42 -9.27 9.60
C GLY A 393 -33.31 -10.34 10.23
N ALA A 394 -33.82 -11.24 9.39
CA ALA A 394 -34.76 -12.32 9.73
C ALA A 394 -34.20 -13.10 10.93
N LYS A 395 -35.04 -13.41 11.91
CA LYS A 395 -34.61 -14.05 13.18
C LYS A 395 -35.70 -15.05 13.61
N VAL A 396 -35.28 -16.05 14.34
CA VAL A 396 -36.10 -17.17 14.86
C VAL A 396 -35.93 -17.13 16.38
N LEU A 397 -37.05 -17.24 17.10
CA LEU A 397 -37.02 -17.64 18.52
C LEU A 397 -37.97 -18.84 18.76
N CYS A 398 -37.41 -19.96 19.18
CA CYS A 398 -38.19 -21.15 19.58
C CYS A 398 -38.88 -20.83 20.91
N LEU A 399 -40.18 -21.11 21.02
CA LEU A 399 -40.98 -20.83 22.24
C LEU A 399 -41.35 -22.16 22.88
N ALA B 9 -13.75 -43.64 -1.75
CA ALA B 9 -13.49 -44.68 -0.64
C ALA B 9 -12.96 -43.98 0.61
N ALA B 10 -11.95 -43.13 0.44
CA ALA B 10 -11.41 -42.22 1.47
C ALA B 10 -12.25 -40.93 1.44
N LEU B 11 -13.30 -40.89 0.59
CA LEU B 11 -14.26 -39.75 0.52
C LEU B 11 -15.34 -39.95 1.59
N ARG B 12 -15.33 -39.08 2.60
CA ARG B 12 -16.30 -39.08 3.72
C ARG B 12 -17.46 -38.14 3.34
N GLN B 13 -18.66 -38.70 3.23
CA GLN B 13 -19.92 -38.02 2.82
C GLN B 13 -20.44 -37.21 4.00
N PRO B 14 -21.03 -36.02 3.78
CA PRO B 14 -21.51 -35.18 4.90
C PRO B 14 -22.52 -35.92 5.80
N GLN B 15 -23.68 -36.27 5.24
CA GLN B 15 -24.80 -36.88 5.99
C GLN B 15 -25.15 -35.97 7.18
N VAL B 16 -25.79 -34.81 6.94
CA VAL B 16 -26.30 -33.85 7.98
C VAL B 16 -27.64 -34.33 8.55
N ALA B 17 -28.54 -34.81 7.69
CA ALA B 17 -29.78 -35.48 8.13
C ALA B 17 -29.45 -36.52 9.23
N GLU B 18 -28.40 -37.33 9.02
CA GLU B 18 -28.02 -38.46 9.91
C GLU B 18 -27.45 -37.90 11.24
N LEU B 19 -26.66 -36.84 11.17
CA LEU B 19 -26.08 -36.12 12.36
C LEU B 19 -27.21 -35.69 13.31
N LEU B 20 -28.26 -35.08 12.78
CA LEU B 20 -29.40 -34.52 13.55
C LEU B 20 -30.25 -35.66 14.13
N ALA B 21 -30.55 -36.67 13.33
CA ALA B 21 -31.20 -37.93 13.80
C ALA B 21 -30.39 -38.56 14.96
N GLU B 22 -29.04 -38.61 14.90
CA GLU B 22 -28.19 -39.21 15.98
C GLU B 22 -28.21 -38.35 17.24
N ALA B 23 -28.10 -37.03 17.11
CA ALA B 23 -28.22 -36.10 18.26
C ALA B 23 -29.57 -36.34 18.95
N ARG B 24 -30.62 -36.64 18.18
CA ARG B 24 -32.01 -36.72 18.73
C ARG B 24 -32.24 -38.08 19.43
N ARG B 25 -31.78 -39.20 18.87
CA ARG B 25 -31.82 -40.53 19.54
C ARG B 25 -31.01 -40.46 20.84
N ALA B 26 -29.84 -39.80 20.83
CA ALA B 26 -28.94 -39.70 22.00
C ALA B 26 -29.60 -38.88 23.13
N PHE B 27 -30.12 -37.68 22.81
CA PHE B 27 -30.82 -36.77 23.77
C PHE B 27 -31.99 -37.51 24.42
N ARG B 28 -32.79 -38.18 23.61
CA ARG B 28 -34.00 -38.94 24.01
C ARG B 28 -33.60 -40.08 24.97
N GLU B 29 -32.66 -40.92 24.51
CA GLU B 29 -32.15 -42.06 25.31
C GLU B 29 -31.69 -41.47 26.66
N GLU B 30 -30.94 -40.37 26.61
CA GLU B 30 -30.21 -39.86 27.80
C GLU B 30 -31.15 -39.18 28.81
N PHE B 31 -32.04 -38.34 28.30
CA PHE B 31 -32.78 -37.30 29.08
C PHE B 31 -34.25 -37.63 29.26
N GLY B 32 -34.76 -38.60 28.47
CA GLY B 32 -36.08 -39.27 28.60
C GLY B 32 -37.23 -38.47 28.01
N ALA B 33 -36.94 -37.63 27.01
CA ALA B 33 -37.87 -36.64 26.42
C ALA B 33 -37.27 -36.04 25.14
N GLU B 34 -38.11 -35.48 24.30
CA GLU B 34 -37.73 -34.88 23.02
C GLU B 34 -36.99 -33.57 23.30
N PRO B 35 -35.85 -33.31 22.61
CA PRO B 35 -35.16 -32.02 22.70
C PRO B 35 -36.00 -30.92 22.02
N GLU B 36 -36.07 -29.76 22.68
CA GLU B 36 -36.94 -28.63 22.27
C GLU B 36 -36.31 -27.90 21.08
N LEU B 37 -34.98 -27.85 20.97
CA LEU B 37 -34.25 -27.03 19.94
C LEU B 37 -33.05 -27.79 19.37
N ALA B 38 -32.81 -27.53 18.08
CA ALA B 38 -31.60 -27.93 17.36
C ALA B 38 -30.89 -26.67 16.87
N VAL B 39 -29.56 -26.63 17.02
CA VAL B 39 -28.72 -25.60 16.36
C VAL B 39 -27.49 -26.31 15.79
N SER B 40 -26.95 -25.70 14.74
CA SER B 40 -25.69 -26.11 14.10
C SER B 40 -24.81 -24.88 13.80
N ALA B 41 -23.51 -25.12 13.77
CA ALA B 41 -22.48 -24.17 13.29
C ALA B 41 -21.43 -24.97 12.53
N PRO B 42 -21.02 -24.49 11.34
CA PRO B 42 -20.10 -25.25 10.49
C PRO B 42 -18.62 -25.09 10.86
N GLY B 43 -17.83 -26.06 10.40
CA GLY B 43 -16.38 -25.93 10.20
C GLY B 43 -16.12 -25.19 8.91
N ARG B 44 -14.86 -25.08 8.55
CA ARG B 44 -14.47 -24.12 7.48
C ARG B 44 -13.14 -24.54 6.85
N VAL B 45 -12.98 -24.23 5.56
CA VAL B 45 -11.68 -24.12 4.85
C VAL B 45 -11.38 -22.63 4.60
N ASN B 46 -10.14 -22.23 4.78
CA ASN B 46 -9.60 -20.95 4.25
C ASN B 46 -9.16 -21.12 2.81
N LEU B 47 -9.83 -20.46 1.88
CA LEU B 47 -9.47 -20.61 0.45
C LEU B 47 -8.08 -20.01 0.26
N ILE B 48 -7.79 -18.89 0.92
CA ILE B 48 -6.51 -18.14 0.81
C ILE B 48 -6.55 -17.02 1.84
N GLY B 49 -5.38 -16.58 2.31
CA GLY B 49 -5.29 -15.56 3.34
C GLY B 49 -4.98 -16.18 4.68
N GLU B 50 -3.89 -16.94 4.68
CA GLU B 50 -3.44 -17.72 5.85
C GLU B 50 -2.46 -16.85 6.64
N HIS B 51 -2.72 -16.73 7.94
CA HIS B 51 -1.92 -16.03 8.99
C HIS B 51 -1.90 -14.54 8.67
N THR B 52 -3.02 -14.04 8.15
CA THR B 52 -3.30 -12.62 7.91
C THR B 52 -4.25 -12.08 8.99
N ASP B 53 -5.09 -12.95 9.58
CA ASP B 53 -6.27 -12.50 10.34
C ASP B 53 -5.74 -11.71 11.53
N TYR B 54 -4.73 -12.22 12.22
CA TYR B 54 -4.17 -11.57 13.43
C TYR B 54 -3.19 -10.46 13.03
N ASN B 55 -3.09 -10.16 11.73
CA ASN B 55 -2.25 -9.09 11.13
C ASN B 55 -3.18 -8.07 10.46
N GLN B 56 -4.45 -8.03 10.86
CA GLN B 56 -5.51 -7.12 10.36
C GLN B 56 -5.56 -7.23 8.83
N GLY B 57 -5.51 -8.46 8.34
CA GLY B 57 -5.40 -8.73 6.90
C GLY B 57 -6.76 -9.08 6.34
N LEU B 58 -6.77 -9.64 5.13
CA LEU B 58 -7.94 -10.20 4.43
C LEU B 58 -7.84 -11.72 4.52
N VAL B 59 -8.98 -12.37 4.77
CA VAL B 59 -9.06 -13.86 4.69
C VAL B 59 -10.20 -14.17 3.72
N LEU B 60 -10.20 -15.33 3.10
CA LEU B 60 -11.32 -15.71 2.21
C LEU B 60 -11.74 -17.13 2.51
N PRO B 61 -12.32 -17.36 3.71
CA PRO B 61 -12.86 -18.69 4.04
C PRO B 61 -14.26 -19.04 3.50
N MET B 62 -14.61 -20.33 3.55
CA MET B 62 -15.99 -20.77 3.26
C MET B 62 -16.42 -21.82 4.28
N ALA B 63 -17.71 -21.82 4.60
CA ALA B 63 -18.24 -22.78 5.61
C ALA B 63 -18.32 -24.14 4.94
N LEU B 64 -18.05 -25.20 5.67
CA LEU B 64 -18.13 -26.57 5.11
C LEU B 64 -19.45 -27.21 5.51
N GLU B 65 -19.82 -28.25 4.78
CA GLU B 65 -21.00 -29.08 5.13
C GLU B 65 -20.72 -29.88 6.40
N LEU B 66 -19.47 -30.07 6.77
CA LEU B 66 -19.10 -30.62 8.10
C LEU B 66 -19.52 -29.62 9.18
N MET B 67 -20.12 -30.09 10.28
CA MET B 67 -20.81 -29.22 11.26
C MET B 67 -20.92 -29.89 12.65
N THR B 68 -21.09 -29.05 13.67
CA THR B 68 -21.42 -29.39 15.06
C THR B 68 -22.90 -29.05 15.29
N VAL B 69 -23.67 -30.04 15.73
CA VAL B 69 -25.11 -29.89 16.05
C VAL B 69 -25.22 -29.99 17.59
N LEU B 70 -25.97 -29.08 18.18
CA LEU B 70 -26.44 -29.16 19.57
C LEU B 70 -27.96 -29.37 19.50
N VAL B 71 -28.47 -30.42 20.13
CA VAL B 71 -29.93 -30.54 20.35
C VAL B 71 -30.11 -30.41 21.85
N GLY B 72 -31.01 -29.54 22.30
CA GLY B 72 -31.22 -29.39 23.76
C GLY B 72 -32.54 -28.78 24.20
N SER B 73 -32.55 -28.37 25.46
CA SER B 73 -33.73 -27.84 26.20
C SER B 73 -33.23 -26.95 27.33
N PRO B 74 -33.97 -25.86 27.63
CA PRO B 74 -33.73 -25.07 28.83
C PRO B 74 -34.07 -25.94 30.06
N ARG B 75 -33.58 -25.51 31.23
CA ARG B 75 -33.73 -26.20 32.55
C ARG B 75 -34.07 -25.13 33.59
N LYS B 76 -34.76 -25.57 34.66
CA LYS B 76 -35.32 -24.78 35.81
C LYS B 76 -34.27 -24.67 36.92
N ASP B 77 -33.64 -25.79 37.32
CA ASP B 77 -32.41 -25.83 38.16
C ASP B 77 -31.35 -24.95 37.47
N GLY B 78 -30.28 -24.55 38.14
CA GLY B 78 -29.22 -23.76 37.49
C GLY B 78 -28.14 -24.64 36.90
N LEU B 79 -28.52 -25.76 36.25
CA LEU B 79 -27.61 -26.86 35.87
C LEU B 79 -27.47 -26.96 34.33
N VAL B 80 -26.23 -27.12 33.86
CA VAL B 80 -25.84 -27.47 32.47
C VAL B 80 -25.45 -28.96 32.45
N SER B 81 -26.15 -29.75 31.64
CA SER B 81 -26.01 -31.23 31.57
C SER B 81 -25.70 -31.66 30.11
N LEU B 82 -24.44 -31.99 29.84
CA LEU B 82 -23.92 -32.22 28.47
C LEU B 82 -23.61 -33.70 28.26
N LEU B 83 -23.97 -34.20 27.07
CA LEU B 83 -23.49 -35.50 26.54
C LEU B 83 -23.05 -35.24 25.11
N THR B 84 -21.89 -35.78 24.72
CA THR B 84 -21.41 -35.82 23.31
C THR B 84 -21.27 -37.27 22.85
N THR B 85 -21.69 -37.57 21.62
CA THR B 85 -21.47 -38.86 20.91
C THR B 85 -20.32 -38.75 19.88
N SER B 86 -19.44 -37.74 19.97
CA SER B 86 -18.30 -37.61 19.04
C SER B 86 -17.13 -38.50 19.51
N GLU B 87 -16.76 -39.49 18.68
CA GLU B 87 -15.79 -40.57 19.03
C GLU B 87 -14.42 -39.97 19.39
N GLY B 88 -14.02 -38.87 18.74
CA GLY B 88 -12.80 -38.10 19.06
C GLY B 88 -12.76 -37.54 20.48
N ALA B 89 -13.91 -37.20 21.06
CA ALA B 89 -14.02 -36.51 22.37
C ALA B 89 -13.43 -37.39 23.47
N ASP B 90 -12.81 -36.74 24.47
CA ASP B 90 -12.05 -37.39 25.57
C ASP B 90 -12.95 -37.54 26.79
N GLU B 91 -12.65 -38.51 27.65
CA GLU B 91 -13.59 -38.99 28.70
C GLU B 91 -13.65 -37.98 29.84
N PRO B 92 -14.80 -37.85 30.56
CA PRO B 92 -16.05 -38.52 30.18
C PRO B 92 -16.76 -37.76 29.05
N GLN B 93 -17.54 -38.48 28.24
CA GLN B 93 -18.28 -37.93 27.08
C GLN B 93 -19.61 -37.33 27.56
N ARG B 94 -19.71 -37.11 28.88
CA ARG B 94 -20.94 -36.73 29.61
C ARG B 94 -20.54 -36.08 30.95
N LEU B 95 -20.99 -34.84 31.22
CA LEU B 95 -20.77 -34.12 32.51
C LEU B 95 -21.96 -33.20 32.83
N GLN B 96 -22.04 -32.76 34.09
CA GLN B 96 -23.17 -32.01 34.69
C GLN B 96 -22.56 -31.03 35.68
N PHE B 97 -22.46 -29.75 35.33
CA PHE B 97 -21.90 -28.69 36.20
C PHE B 97 -22.89 -27.54 36.37
N PRO B 98 -22.80 -26.75 37.46
CA PRO B 98 -23.77 -25.69 37.73
C PRO B 98 -23.46 -24.47 36.86
N LEU B 99 -24.45 -23.63 36.56
CA LEU B 99 -24.24 -22.37 35.78
C LEU B 99 -23.23 -21.51 36.54
N PRO B 100 -22.32 -20.76 35.88
CA PRO B 100 -21.50 -19.77 36.56
C PRO B 100 -22.28 -18.64 37.23
N THR B 101 -21.62 -17.95 38.16
CA THR B 101 -22.19 -16.84 38.96
C THR B 101 -21.19 -15.68 38.96
N ALA B 102 -21.50 -14.62 39.71
CA ALA B 102 -20.57 -13.53 40.10
C ALA B 102 -19.88 -13.95 41.41
N GLN B 103 -18.56 -14.19 41.38
CA GLN B 103 -17.71 -14.55 42.55
C GLN B 103 -17.59 -16.09 42.64
N ARG B 104 -17.82 -16.81 41.53
CA ARG B 104 -17.64 -18.28 41.42
C ARG B 104 -17.67 -18.68 39.94
N SER B 105 -16.85 -18.00 39.10
CA SER B 105 -16.73 -18.16 37.62
C SER B 105 -16.37 -19.61 37.26
N LEU B 106 -16.80 -20.09 36.08
CA LEU B 106 -16.39 -21.40 35.51
C LEU B 106 -14.94 -21.26 35.04
N GLU B 107 -14.10 -22.27 35.27
CA GLU B 107 -12.64 -22.29 34.87
C GLU B 107 -12.37 -23.56 34.07
N PRO B 108 -11.37 -23.57 33.16
CA PRO B 108 -11.13 -24.72 32.28
C PRO B 108 -10.63 -25.94 33.06
N GLY B 109 -10.84 -27.15 32.50
CA GLY B 109 -10.68 -28.44 33.22
C GLY B 109 -10.83 -29.64 32.30
N THR B 110 -11.25 -30.78 32.88
CA THR B 110 -11.44 -32.11 32.22
C THR B 110 -12.95 -32.37 32.14
N PRO B 111 -13.55 -32.82 31.02
CA PRO B 111 -12.85 -33.06 29.76
C PRO B 111 -12.44 -31.79 29.00
N ARG B 112 -11.46 -31.95 28.12
CA ARG B 112 -10.91 -30.87 27.29
C ARG B 112 -12.05 -30.31 26.43
N TRP B 113 -12.85 -31.18 25.79
CA TRP B 113 -13.88 -30.78 24.79
C TRP B 113 -14.90 -29.85 25.45
N ALA B 114 -15.18 -30.06 26.74
CA ALA B 114 -16.22 -29.29 27.47
C ALA B 114 -15.75 -27.85 27.69
N ASN B 115 -14.45 -27.56 27.51
CA ASN B 115 -13.88 -26.23 27.85
C ASN B 115 -14.41 -25.20 26.85
N TYR B 116 -14.66 -25.63 25.62
CA TYR B 116 -15.21 -24.80 24.52
C TYR B 116 -16.61 -24.33 24.92
N VAL B 117 -17.39 -25.22 25.53
CA VAL B 117 -18.81 -24.95 25.89
C VAL B 117 -18.79 -24.07 27.14
N LYS B 118 -18.08 -24.50 28.18
CA LYS B 118 -17.95 -23.75 29.46
C LYS B 118 -17.39 -22.35 29.16
N GLY B 119 -16.46 -22.22 28.22
CA GLY B 119 -15.85 -20.92 27.87
C GLY B 119 -16.85 -19.93 27.29
N VAL B 120 -17.71 -20.39 26.36
CA VAL B 120 -18.80 -19.59 25.73
C VAL B 120 -19.87 -19.23 26.78
N ILE B 121 -20.22 -20.17 27.65
CA ILE B 121 -21.21 -19.92 28.75
C ILE B 121 -20.68 -18.80 29.64
N GLN B 122 -19.38 -18.78 29.89
CA GLN B 122 -18.70 -17.89 30.87
C GLN B 122 -18.66 -16.44 30.37
N TYR B 123 -18.49 -16.22 29.06
CA TYR B 123 -18.36 -14.87 28.47
C TYR B 123 -19.65 -14.50 27.72
N TYR B 124 -20.76 -15.19 27.97
CA TYR B 124 -22.04 -14.90 27.27
C TYR B 124 -22.57 -13.58 27.82
N PRO B 125 -22.77 -12.54 26.98
CA PRO B 125 -22.95 -11.16 27.47
C PRO B 125 -24.36 -10.72 27.87
N ALA B 126 -25.35 -11.63 27.86
CA ALA B 126 -26.76 -11.35 28.23
C ALA B 126 -27.25 -12.34 29.30
N ALA B 127 -28.34 -11.93 29.94
CA ALA B 127 -28.85 -12.49 31.19
C ALA B 127 -30.35 -12.26 31.21
N PRO B 128 -31.17 -13.10 31.91
CA PRO B 128 -30.66 -14.23 32.68
C PRO B 128 -30.53 -15.50 31.81
N LEU B 129 -29.33 -16.08 31.83
CA LEU B 129 -29.02 -17.34 31.09
C LEU B 129 -29.45 -18.50 31.98
N PRO B 130 -30.48 -19.30 31.59
CA PRO B 130 -30.90 -20.48 32.35
C PRO B 130 -29.98 -21.66 32.01
N GLY B 131 -29.97 -22.70 32.82
CA GLY B 131 -29.24 -23.94 32.51
C GLY B 131 -29.94 -24.70 31.39
N PHE B 132 -29.40 -25.86 30.99
CA PHE B 132 -29.97 -26.65 29.87
C PHE B 132 -29.36 -28.05 29.74
N SER B 133 -30.14 -28.94 29.11
CA SER B 133 -29.74 -30.27 28.60
C SER B 133 -29.41 -30.15 27.10
N ALA B 134 -28.24 -30.66 26.68
CA ALA B 134 -27.79 -30.69 25.29
C ALA B 134 -27.03 -31.99 25.01
N VAL B 135 -27.30 -32.59 23.84
CA VAL B 135 -26.40 -33.57 23.17
C VAL B 135 -25.56 -32.80 22.13
N VAL B 136 -24.25 -33.05 22.10
CA VAL B 136 -23.27 -32.44 21.15
C VAL B 136 -22.76 -33.54 20.21
N VAL B 137 -22.94 -33.34 18.90
CA VAL B 137 -22.40 -34.22 17.83
C VAL B 137 -21.62 -33.36 16.84
N SER B 138 -20.58 -33.91 16.24
CA SER B 138 -19.86 -33.19 15.16
C SER B 138 -19.47 -34.15 14.02
N SER B 139 -19.48 -33.64 12.79
CA SER B 139 -18.89 -34.30 11.59
C SER B 139 -17.58 -33.57 11.21
N VAL B 140 -17.18 -32.57 12.00
CA VAL B 140 -15.89 -31.84 11.81
C VAL B 140 -14.84 -32.69 12.48
N PRO B 141 -13.80 -33.21 11.76
CA PRO B 141 -12.84 -34.14 12.37
C PRO B 141 -12.11 -33.35 13.48
N LEU B 142 -12.12 -33.81 14.73
CA LEU B 142 -11.66 -33.05 15.92
C LEU B 142 -10.16 -32.76 15.78
N GLY B 143 -9.80 -31.48 15.63
CA GLY B 143 -8.40 -31.02 15.53
C GLY B 143 -7.70 -31.44 14.23
N GLY B 144 -8.38 -31.48 13.07
CA GLY B 144 -7.81 -31.75 11.73
C GLY B 144 -7.64 -30.51 10.84
N GLY B 145 -7.82 -29.31 11.41
CA GLY B 145 -7.58 -28.03 10.74
C GLY B 145 -8.78 -27.47 10.02
N LEU B 146 -10.00 -27.97 10.29
CA LEU B 146 -11.24 -27.38 9.73
C LEU B 146 -12.11 -26.71 10.82
N SER B 147 -11.52 -26.34 11.96
CA SER B 147 -12.05 -25.44 13.01
C SER B 147 -13.19 -26.12 13.77
N SER B 148 -13.01 -27.39 14.12
CA SER B 148 -13.99 -28.13 14.94
C SER B 148 -14.38 -27.31 16.19
N SER B 149 -13.41 -26.66 16.82
CA SER B 149 -13.57 -25.97 18.11
C SER B 149 -14.37 -24.68 17.92
N ALA B 150 -14.14 -23.95 16.86
CA ALA B 150 -14.97 -22.78 16.56
C ALA B 150 -16.39 -23.22 16.23
N SER B 151 -16.59 -24.40 15.62
CA SER B 151 -17.95 -24.88 15.26
C SER B 151 -18.69 -25.20 16.57
N LEU B 152 -18.01 -25.82 17.52
CA LEU B 152 -18.56 -26.09 18.87
C LEU B 152 -18.80 -24.77 19.60
N GLU B 153 -17.88 -23.79 19.53
CA GLU B 153 -18.02 -22.51 20.28
C GLU B 153 -19.22 -21.75 19.71
N VAL B 154 -19.36 -21.71 18.38
CA VAL B 154 -20.46 -20.92 17.75
C VAL B 154 -21.80 -21.67 17.91
N ALA B 155 -21.81 -22.99 17.76
CA ALA B 155 -23.02 -23.78 17.96
C ALA B 155 -23.50 -23.55 19.39
N THR B 156 -22.59 -23.54 20.38
CA THR B 156 -22.91 -23.30 21.81
C THR B 156 -23.55 -21.91 21.90
N TYR B 157 -22.89 -20.91 21.32
CA TYR B 157 -23.31 -19.47 21.32
C TYR B 157 -24.74 -19.34 20.80
N THR B 158 -25.05 -19.93 19.64
CA THR B 158 -26.37 -19.78 18.97
C THR B 158 -27.42 -20.56 19.76
N PHE B 159 -27.03 -21.60 20.52
CA PHE B 159 -27.95 -22.32 21.42
C PHE B 159 -28.30 -21.41 22.61
N LEU B 160 -27.31 -20.71 23.17
CA LEU B 160 -27.51 -19.76 24.32
C LEU B 160 -28.42 -18.63 23.85
N GLN B 161 -28.31 -18.27 22.57
CA GLN B 161 -29.11 -17.17 21.97
C GLN B 161 -30.61 -17.51 22.09
N GLN B 162 -30.99 -18.79 21.99
CA GLN B 162 -32.42 -19.22 22.04
C GLN B 162 -32.93 -19.33 23.48
N LEU B 163 -32.02 -19.51 24.44
CA LEU B 163 -32.35 -19.53 25.89
C LEU B 163 -32.39 -18.09 26.43
N CYS B 164 -31.48 -17.23 25.98
CA CYS B 164 -31.36 -15.82 26.42
C CYS B 164 -30.86 -14.99 25.25
N PRO B 165 -31.79 -14.47 24.40
CA PRO B 165 -31.39 -13.64 23.27
C PRO B 165 -30.34 -12.59 23.69
N ASP B 166 -29.19 -12.57 23.00
CA ASP B 166 -28.16 -11.50 23.17
C ASP B 166 -28.70 -10.29 22.42
N SER B 167 -28.14 -9.11 22.57
CA SER B 167 -28.63 -7.98 21.77
C SER B 167 -27.50 -7.36 20.99
N GLY B 168 -26.57 -8.17 20.51
CA GLY B 168 -25.30 -7.67 19.97
C GLY B 168 -25.13 -7.96 18.49
N THR B 169 -23.90 -7.74 18.04
CA THR B 169 -23.44 -7.76 16.64
C THR B 169 -22.72 -9.10 16.35
N ILE B 170 -22.52 -9.37 15.08
CA ILE B 170 -21.77 -10.55 14.62
C ILE B 170 -20.36 -10.53 15.26
N ALA B 171 -19.64 -9.40 15.14
CA ALA B 171 -18.23 -9.21 15.60
C ALA B 171 -18.16 -9.54 17.08
N ALA B 172 -19.12 -9.05 17.87
CA ALA B 172 -19.19 -9.27 19.34
C ALA B 172 -19.28 -10.77 19.64
N ARG B 173 -20.15 -11.50 18.94
CA ARG B 173 -20.38 -12.96 19.15
C ARG B 173 -19.10 -13.72 18.77
N ALA B 174 -18.50 -13.32 17.67
CA ALA B 174 -17.22 -13.86 17.18
C ALA B 174 -16.13 -13.65 18.24
N GLN B 175 -16.10 -12.51 18.94
CA GLN B 175 -15.00 -12.17 19.88
C GLN B 175 -15.23 -12.93 21.20
N VAL B 176 -16.47 -13.28 21.55
CA VAL B 176 -16.83 -14.15 22.72
C VAL B 176 -16.23 -15.55 22.49
N CYS B 177 -16.62 -16.20 21.39
CA CYS B 177 -16.09 -17.53 21.00
C CYS B 177 -14.56 -17.46 20.95
N GLN B 178 -13.98 -16.34 20.47
CA GLN B 178 -12.51 -16.18 20.32
C GLN B 178 -11.90 -16.17 21.72
N GLN B 179 -12.53 -15.42 22.64
CA GLN B 179 -12.06 -15.33 24.05
C GLN B 179 -12.15 -16.74 24.61
N ALA B 180 -13.17 -17.52 24.25
CA ALA B 180 -13.36 -18.90 24.76
C ALA B 180 -12.16 -19.77 24.33
N GLU B 181 -11.76 -19.66 23.06
CA GLU B 181 -10.58 -20.36 22.47
C GLU B 181 -9.28 -19.95 23.20
N HIS B 182 -9.09 -18.66 23.51
CA HIS B 182 -7.86 -18.12 24.14
C HIS B 182 -7.78 -18.59 25.59
N SER B 183 -8.83 -18.33 26.38
CA SER B 183 -8.85 -18.48 27.87
C SER B 183 -9.11 -19.92 28.32
N PHE B 184 -9.93 -20.70 27.62
CA PHE B 184 -10.35 -22.06 28.08
C PHE B 184 -9.66 -23.18 27.30
N ALA B 185 -9.17 -22.95 26.08
CA ALA B 185 -8.50 -23.96 25.23
C ALA B 185 -7.03 -23.59 24.95
N GLY B 186 -6.50 -22.54 25.59
CA GLY B 186 -5.10 -22.08 25.46
C GLY B 186 -4.64 -21.74 24.03
N MET B 187 -5.53 -21.50 23.06
CA MET B 187 -5.14 -21.22 21.64
C MET B 187 -5.49 -19.77 21.25
N PRO B 188 -4.46 -18.90 21.10
CA PRO B 188 -4.65 -17.48 20.76
C PRO B 188 -4.94 -17.20 19.28
N CYS B 189 -6.03 -17.78 18.76
CA CYS B 189 -6.48 -17.62 17.34
C CYS B 189 -6.83 -16.16 17.01
N GLY B 190 -6.81 -15.80 15.74
CA GLY B 190 -7.52 -14.63 15.20
C GLY B 190 -9.02 -14.89 15.15
N ILE B 191 -9.72 -14.06 14.37
CA ILE B 191 -11.21 -13.99 14.26
C ILE B 191 -11.71 -14.88 13.10
N MET B 192 -10.84 -15.31 12.18
CA MET B 192 -11.35 -15.97 10.95
C MET B 192 -12.37 -17.07 11.33
N ASP B 193 -11.95 -18.09 12.09
CA ASP B 193 -12.71 -19.35 12.22
C ASP B 193 -14.07 -19.06 12.86
N GLN B 194 -14.15 -18.22 13.91
CA GLN B 194 -15.43 -17.94 14.60
C GLN B 194 -16.34 -17.21 13.63
N PHE B 195 -15.78 -16.26 12.89
CA PHE B 195 -16.49 -15.37 11.96
C PHE B 195 -17.16 -16.19 10.87
N ILE B 196 -16.41 -17.06 10.20
CA ILE B 196 -16.95 -17.88 9.09
C ILE B 196 -18.06 -18.81 9.63
N SER B 197 -17.90 -19.29 10.86
CA SER B 197 -18.88 -20.23 11.47
C SER B 197 -20.21 -19.49 11.71
N LEU B 198 -20.17 -18.28 12.25
CA LEU B 198 -21.34 -17.37 12.33
C LEU B 198 -21.91 -17.04 10.94
N MET B 199 -21.10 -16.68 9.96
CA MET B 199 -21.58 -15.83 8.83
C MET B 199 -21.60 -16.58 7.50
N GLY B 200 -21.11 -17.81 7.42
CA GLY B 200 -21.19 -18.57 6.16
C GLY B 200 -22.58 -18.47 5.57
N GLN B 201 -22.70 -18.53 4.25
CA GLN B 201 -23.97 -18.75 3.53
C GLN B 201 -23.70 -19.81 2.44
N LYS B 202 -24.70 -20.68 2.17
CA LYS B 202 -24.62 -21.70 1.11
C LYS B 202 -24.25 -21.03 -0.21
N GLY B 203 -23.29 -21.57 -0.96
CA GLY B 203 -22.96 -21.02 -2.30
C GLY B 203 -22.18 -19.69 -2.23
N HIS B 204 -21.56 -19.36 -1.10
CA HIS B 204 -20.74 -18.14 -0.89
C HIS B 204 -19.43 -18.43 -0.16
N ALA B 205 -18.37 -17.73 -0.57
CA ALA B 205 -17.17 -17.56 0.28
C ALA B 205 -17.33 -16.24 1.00
N LEU B 206 -16.66 -16.06 2.13
CA LEU B 206 -16.75 -14.82 2.95
C LEU B 206 -15.40 -14.08 2.88
N LEU B 207 -15.34 -12.93 2.21
CA LEU B 207 -14.13 -12.08 2.31
C LEU B 207 -14.22 -11.32 3.63
N ILE B 208 -13.29 -11.52 4.54
CA ILE B 208 -13.33 -10.81 5.84
C ILE B 208 -12.17 -9.83 5.84
N ASP B 209 -12.47 -8.58 6.07
CA ASP B 209 -11.42 -7.56 6.26
C ASP B 209 -11.22 -7.52 7.77
N CYS B 210 -10.08 -8.00 8.26
CA CYS B 210 -9.85 -8.19 9.72
C CYS B 210 -9.37 -6.89 10.33
N ARG B 211 -9.32 -5.79 9.57
CA ARG B 211 -9.09 -4.42 10.12
C ARG B 211 -10.44 -3.73 10.30
N SER B 212 -11.22 -3.55 9.23
CA SER B 212 -12.52 -2.81 9.30
C SER B 212 -13.63 -3.72 9.89
N LEU B 213 -13.43 -5.03 9.87
CA LEU B 213 -14.47 -6.02 10.32
C LEU B 213 -15.63 -6.03 9.30
N GLU B 214 -15.38 -5.51 8.11
CA GLU B 214 -16.32 -5.58 6.97
C GLU B 214 -16.23 -6.99 6.37
N THR B 215 -17.35 -7.52 5.91
CA THR B 215 -17.40 -8.86 5.30
C THR B 215 -18.16 -8.71 4.00
N SER B 216 -17.80 -9.50 3.02
CA SER B 216 -18.64 -9.62 1.81
C SER B 216 -18.94 -11.10 1.62
N LEU B 217 -20.14 -11.38 1.14
CA LEU B 217 -20.50 -12.73 0.66
C LEU B 217 -20.27 -12.76 -0.85
N VAL B 218 -19.29 -13.53 -1.26
CA VAL B 218 -18.92 -13.64 -2.67
C VAL B 218 -19.50 -14.95 -3.20
N PRO B 219 -20.37 -14.89 -4.21
CA PRO B 219 -20.93 -16.11 -4.81
C PRO B 219 -19.84 -16.99 -5.40
N LEU B 220 -19.74 -18.24 -4.92
CA LEU B 220 -19.19 -19.39 -5.67
C LEU B 220 -20.32 -19.99 -6.50
N SER B 221 -20.75 -19.30 -7.56
CA SER B 221 -21.88 -19.75 -8.42
C SER B 221 -21.46 -21.07 -9.09
N ASP B 222 -20.59 -20.97 -10.11
CA ASP B 222 -20.16 -22.06 -11.02
C ASP B 222 -20.27 -23.44 -10.37
N PRO B 223 -21.20 -24.31 -10.83
CA PRO B 223 -21.29 -25.70 -10.34
C PRO B 223 -20.33 -26.69 -11.02
N LYS B 224 -19.64 -26.26 -12.08
CA LYS B 224 -18.62 -27.06 -12.83
C LYS B 224 -17.31 -27.03 -12.06
N LEU B 225 -17.30 -26.37 -10.92
CA LEU B 225 -16.11 -26.17 -10.08
C LEU B 225 -16.34 -26.82 -8.74
N ALA B 226 -15.29 -27.27 -8.09
CA ALA B 226 -15.37 -27.90 -6.77
C ALA B 226 -14.14 -27.56 -5.94
N VAL B 227 -14.32 -27.63 -4.63
CA VAL B 227 -13.26 -27.54 -3.61
C VAL B 227 -13.10 -28.92 -2.99
N LEU B 228 -11.86 -29.43 -2.99
CA LEU B 228 -11.47 -30.73 -2.39
C LEU B 228 -10.58 -30.44 -1.19
N ILE B 229 -11.02 -30.87 -0.03
CA ILE B 229 -10.25 -30.85 1.25
C ILE B 229 -9.68 -32.24 1.40
N THR B 230 -8.36 -32.32 1.51
CA THR B 230 -7.56 -33.53 1.82
C THR B 230 -6.91 -33.36 3.19
N ASN B 231 -7.33 -34.16 4.16
CA ASN B 231 -6.75 -34.19 5.52
C ASN B 231 -5.51 -35.11 5.46
N SER B 232 -4.40 -34.64 5.99
CA SER B 232 -3.10 -35.36 6.02
C SER B 232 -3.14 -36.42 7.13
N ASN B 233 -4.12 -36.30 8.03
CA ASN B 233 -4.34 -37.14 9.24
C ASN B 233 -3.04 -37.09 10.06
N VAL B 234 -2.35 -35.94 10.01
CA VAL B 234 -1.12 -35.69 10.81
C VAL B 234 -1.28 -34.37 11.60
N ARG B 235 -0.63 -34.32 12.77
CA ARG B 235 -0.58 -33.15 13.70
C ARG B 235 0.73 -33.23 14.50
N HIS B 236 1.80 -32.65 13.96
CA HIS B 236 3.11 -32.43 14.64
C HIS B 236 2.89 -31.56 15.89
N SER B 237 3.69 -31.78 16.95
CA SER B 237 3.65 -31.02 18.23
C SER B 237 3.99 -29.55 17.98
N LEU B 238 4.75 -29.25 16.92
CA LEU B 238 5.12 -27.89 16.42
C LEU B 238 3.88 -27.00 16.21
N ALA B 239 2.67 -27.58 16.22
CA ALA B 239 1.38 -26.89 15.91
C ALA B 239 0.98 -25.88 17.01
N SER B 240 0.65 -26.35 18.21
CA SER B 240 0.30 -25.51 19.40
C SER B 240 1.46 -24.56 19.68
N SER B 241 2.66 -25.12 19.87
CA SER B 241 3.95 -24.41 20.12
C SER B 241 4.14 -23.19 19.19
N GLU B 242 4.18 -23.33 17.85
CA GLU B 242 4.75 -22.28 16.91
C GLU B 242 3.74 -21.18 16.53
N TYR B 243 2.43 -21.45 16.61
CA TYR B 243 1.35 -20.47 16.29
C TYR B 243 1.60 -19.16 17.06
N PRO B 244 1.60 -19.17 18.41
CA PRO B 244 1.86 -17.96 19.20
C PRO B 244 3.22 -17.31 18.92
N VAL B 245 4.21 -18.10 18.52
CA VAL B 245 5.60 -17.63 18.29
C VAL B 245 5.63 -16.74 17.03
N ARG B 246 4.94 -17.16 15.96
CA ARG B 246 4.72 -16.39 14.70
C ARG B 246 3.96 -15.07 14.97
N ARG B 247 2.87 -15.13 15.74
CA ARG B 247 2.10 -13.93 16.16
C ARG B 247 3.10 -12.92 16.76
N ARG B 248 3.99 -13.39 17.64
CA ARG B 248 5.03 -12.57 18.34
C ARG B 248 6.02 -11.95 17.32
N GLN B 249 6.41 -12.64 16.25
CA GLN B 249 7.41 -12.10 15.28
C GLN B 249 6.77 -11.02 14.40
N CYS B 250 5.54 -11.22 13.95
CA CYS B 250 4.79 -10.24 13.13
C CYS B 250 4.63 -8.95 13.92
N GLU B 251 4.22 -9.06 15.18
CA GLU B 251 4.07 -7.91 16.13
C GLU B 251 5.42 -7.19 16.18
N GLU B 252 6.54 -7.92 16.22
CA GLU B 252 7.94 -7.36 16.27
C GLU B 252 8.30 -6.59 14.97
N VAL B 253 8.10 -7.13 13.75
CA VAL B 253 8.52 -6.42 12.51
C VAL B 253 7.72 -5.12 12.37
N ALA B 254 6.39 -5.18 12.43
CA ALA B 254 5.53 -3.98 12.23
C ALA B 254 5.93 -2.87 13.20
N ARG B 255 6.35 -3.24 14.42
CA ARG B 255 6.89 -2.31 15.46
C ARG B 255 8.13 -1.61 14.89
N ALA B 256 9.11 -2.39 14.39
CA ALA B 256 10.40 -1.97 13.77
C ALA B 256 10.18 -1.03 12.56
N LEU B 257 9.05 -1.16 11.86
CA LEU B 257 8.68 -0.39 10.64
C LEU B 257 7.70 0.71 11.03
N GLY B 258 7.48 0.88 12.34
CA GLY B 258 6.63 1.93 12.91
C GLY B 258 5.24 1.95 12.30
N ALA B 259 4.68 0.76 12.02
CA ALA B 259 3.31 0.55 11.47
C ALA B 259 2.45 -0.10 12.55
N ALA B 260 1.15 0.19 12.52
CA ALA B 260 0.20 -0.34 13.52
C ALA B 260 0.17 -1.87 13.39
N SER B 261 0.04 -2.40 12.16
CA SER B 261 0.13 -3.84 11.83
C SER B 261 0.70 -4.02 10.43
N LEU B 262 0.92 -5.24 10.00
CA LEU B 262 1.49 -5.50 8.66
C LEU B 262 0.46 -5.19 7.57
N ARG B 263 -0.78 -4.90 7.91
CA ARG B 263 -1.77 -4.38 6.94
C ARG B 263 -1.31 -3.00 6.44
N GLU B 264 -0.59 -2.26 7.26
CA GLU B 264 -0.13 -0.88 6.97
C GLU B 264 1.16 -0.87 6.13
N VAL B 265 1.86 -2.00 5.99
CA VAL B 265 3.14 -2.09 5.24
C VAL B 265 2.88 -2.43 3.76
N GLN B 266 3.45 -1.71 2.78
CA GLN B 266 3.37 -2.16 1.35
C GLN B 266 4.59 -3.03 1.01
N LEU B 267 4.31 -4.02 0.17
CA LEU B 267 5.29 -5.05 -0.26
C LEU B 267 6.55 -4.34 -0.75
N GLU B 268 6.43 -3.39 -1.68
CA GLU B 268 7.63 -2.81 -2.35
C GLU B 268 8.46 -2.12 -1.25
N GLU B 269 7.84 -1.34 -0.36
CA GLU B 269 8.49 -0.63 0.80
C GLU B 269 9.16 -1.62 1.73
N LEU B 270 8.50 -2.74 2.05
CA LEU B 270 9.13 -3.79 2.87
C LEU B 270 10.43 -4.31 2.23
N GLU B 271 10.48 -4.58 0.91
CA GLU B 271 11.65 -5.29 0.27
C GLU B 271 12.89 -4.37 0.28
N ALA B 272 12.73 -3.11 0.65
CA ALA B 272 13.82 -2.13 0.80
C ALA B 272 14.32 -2.03 2.25
N ALA B 273 13.50 -2.48 3.22
CA ALA B 273 13.69 -2.36 4.68
C ALA B 273 14.42 -3.57 5.28
N ARG B 274 15.26 -4.25 4.51
CA ARG B 274 16.03 -5.42 4.98
C ARG B 274 17.02 -5.09 6.09
N ASP B 275 17.53 -3.86 6.23
CA ASP B 275 18.52 -3.56 7.30
C ASP B 275 17.77 -3.08 8.55
N LEU B 276 16.45 -2.93 8.51
CA LEU B 276 15.59 -2.52 9.66
C LEU B 276 15.15 -3.72 10.51
N VAL B 277 15.11 -4.93 9.97
CA VAL B 277 14.52 -6.11 10.68
C VAL B 277 15.42 -7.34 10.52
N SER B 278 15.19 -8.36 11.33
CA SER B 278 15.87 -9.70 11.29
C SER B 278 15.63 -10.40 9.94
N LYS B 279 16.47 -11.36 9.58
CA LYS B 279 16.30 -12.16 8.34
C LYS B 279 15.02 -12.98 8.43
N GLU B 280 14.69 -13.46 9.62
CA GLU B 280 13.48 -14.27 9.86
C GLU B 280 12.28 -13.32 9.83
N GLY B 281 12.33 -12.26 10.65
CA GLY B 281 11.27 -11.24 10.70
C GLY B 281 10.83 -10.83 9.30
N PHE B 282 11.82 -10.58 8.44
CA PHE B 282 11.61 -10.11 7.05
C PHE B 282 10.83 -11.15 6.29
N ARG B 283 11.24 -12.40 6.33
CA ARG B 283 10.55 -13.50 5.60
C ARG B 283 9.10 -13.61 6.09
N ARG B 284 8.85 -13.40 7.37
CA ARG B 284 7.48 -13.54 7.92
C ARG B 284 6.65 -12.39 7.37
N ALA B 285 7.19 -11.18 7.40
CA ALA B 285 6.43 -9.97 6.97
C ALA B 285 6.15 -10.13 5.47
N ARG B 286 7.08 -10.73 4.74
CA ARG B 286 6.95 -10.90 3.27
C ARG B 286 5.78 -11.85 3.01
N HIS B 287 5.76 -13.00 3.69
CA HIS B 287 4.56 -13.89 3.71
C HIS B 287 3.30 -13.05 3.92
N VAL B 288 3.21 -12.34 5.05
CA VAL B 288 1.90 -11.73 5.48
C VAL B 288 1.50 -10.62 4.51
N VAL B 289 2.46 -9.77 4.13
CA VAL B 289 2.23 -8.62 3.23
C VAL B 289 1.82 -9.16 1.85
N GLY B 290 2.54 -10.14 1.33
CA GLY B 290 2.19 -10.79 0.05
C GLY B 290 0.85 -11.50 0.12
N GLU B 291 0.60 -12.22 1.22
CA GLU B 291 -0.66 -12.98 1.38
C GLU B 291 -1.82 -12.00 1.34
N ILE B 292 -1.71 -10.88 2.05
CA ILE B 292 -2.80 -9.86 2.03
C ILE B 292 -3.11 -9.45 0.59
N ARG B 293 -2.09 -9.19 -0.21
CA ARG B 293 -2.28 -8.72 -1.60
C ARG B 293 -2.93 -9.86 -2.38
N ARG B 294 -2.33 -11.05 -2.32
CA ARG B 294 -2.87 -12.24 -3.06
C ARG B 294 -4.36 -12.44 -2.73
N THR B 295 -4.77 -12.13 -1.49
CA THR B 295 -6.18 -12.39 -1.06
C THR B 295 -7.13 -11.38 -1.75
N ALA B 296 -6.75 -10.11 -1.85
CA ALA B 296 -7.53 -9.12 -2.64
C ALA B 296 -7.57 -9.59 -4.10
N GLN B 297 -6.47 -10.10 -4.61
CA GLN B 297 -6.36 -10.55 -6.02
C GLN B 297 -7.19 -11.83 -6.22
N ALA B 298 -7.20 -12.71 -5.23
CA ALA B 298 -8.01 -13.96 -5.23
C ALA B 298 -9.51 -13.61 -5.25
N ALA B 299 -9.93 -12.67 -4.40
CA ALA B 299 -11.34 -12.20 -4.31
C ALA B 299 -11.77 -11.67 -5.67
N ALA B 300 -10.94 -10.78 -6.24
CA ALA B 300 -11.14 -10.15 -7.58
C ALA B 300 -11.28 -11.24 -8.63
N ALA B 301 -10.43 -12.26 -8.60
CA ALA B 301 -10.41 -13.35 -9.60
C ALA B 301 -11.69 -14.19 -9.43
N LEU B 302 -12.04 -14.49 -8.20
CA LEU B 302 -13.32 -15.15 -7.93
C LEU B 302 -14.43 -14.30 -8.58
N ARG B 303 -14.50 -13.00 -8.34
CA ARG B 303 -15.60 -12.18 -8.90
C ARG B 303 -15.74 -12.36 -10.42
N ARG B 304 -14.63 -12.55 -11.13
CA ARG B 304 -14.51 -12.53 -12.62
C ARG B 304 -14.70 -13.96 -13.17
N GLY B 305 -14.82 -14.97 -12.29
CA GLY B 305 -14.87 -16.39 -12.66
C GLY B 305 -13.53 -16.87 -13.20
N ASP B 306 -12.42 -16.26 -12.78
CA ASP B 306 -11.05 -16.63 -13.25
C ASP B 306 -10.46 -17.63 -12.25
N TYR B 307 -10.71 -18.92 -12.50
CA TYR B 307 -10.39 -20.06 -11.60
C TYR B 307 -8.90 -20.37 -11.69
N ARG B 308 -8.41 -20.36 -12.93
CA ARG B 308 -6.98 -20.58 -13.30
C ARG B 308 -6.11 -19.59 -12.49
N ALA B 309 -6.47 -18.31 -12.48
CA ALA B 309 -5.77 -17.22 -11.74
C ALA B 309 -5.91 -17.44 -10.22
N PHE B 310 -7.12 -17.80 -9.77
CA PHE B 310 -7.38 -18.06 -8.34
C PHE B 310 -6.44 -19.19 -7.93
N GLY B 311 -6.37 -20.21 -8.78
CA GLY B 311 -5.55 -21.43 -8.59
C GLY B 311 -4.07 -21.11 -8.43
N ARG B 312 -3.53 -20.28 -9.34
CA ARG B 312 -2.13 -19.81 -9.30
C ARG B 312 -1.90 -19.08 -7.96
N LEU B 313 -2.80 -18.19 -7.55
CA LEU B 313 -2.62 -17.44 -6.26
C LEU B 313 -2.60 -18.41 -5.06
N MET B 314 -3.34 -19.52 -5.11
CA MET B 314 -3.39 -20.49 -3.99
C MET B 314 -2.02 -21.14 -3.87
N VAL B 315 -1.40 -21.44 -5.01
CA VAL B 315 -0.09 -22.14 -5.06
C VAL B 315 0.96 -21.13 -4.56
N GLU B 316 0.88 -19.87 -4.96
CA GLU B 316 1.82 -18.84 -4.41
C GLU B 316 1.62 -18.78 -2.88
N SER B 317 0.38 -18.87 -2.39
CA SER B 317 0.09 -18.83 -0.92
C SER B 317 0.84 -20.01 -0.29
N HIS B 318 0.79 -21.18 -0.90
CA HIS B 318 1.44 -22.38 -0.33
C HIS B 318 2.97 -22.19 -0.26
N ARG B 319 3.56 -21.81 -1.39
CA ARG B 319 5.02 -21.59 -1.56
C ARG B 319 5.41 -20.63 -0.42
N SER B 320 4.61 -19.59 -0.21
CA SER B 320 4.91 -18.51 0.76
C SER B 320 4.85 -19.06 2.18
N LEU B 321 3.75 -19.74 2.54
CA LEU B 321 3.60 -20.40 3.87
C LEU B 321 4.72 -21.44 4.06
N ARG B 322 5.07 -22.19 3.01
CA ARG B 322 6.11 -23.25 3.12
C ARG B 322 7.50 -22.63 3.35
N ASP B 323 7.90 -21.62 2.56
CA ASP B 323 9.31 -21.14 2.55
C ASP B 323 9.48 -19.90 3.42
N ASP B 324 8.53 -18.94 3.40
CA ASP B 324 8.70 -17.67 4.14
C ASP B 324 8.12 -17.78 5.55
N TYR B 325 6.91 -18.32 5.72
CA TYR B 325 6.26 -18.41 7.06
C TYR B 325 6.70 -19.70 7.74
N GLU B 326 7.12 -20.71 6.99
CA GLU B 326 7.54 -22.03 7.56
C GLU B 326 6.44 -22.63 8.46
N VAL B 327 5.24 -22.87 7.94
CA VAL B 327 4.18 -23.51 8.77
C VAL B 327 3.60 -24.69 7.99
N SER B 328 4.30 -25.15 6.96
CA SER B 328 3.86 -26.34 6.19
C SER B 328 4.58 -27.53 6.81
N CYS B 329 4.39 -28.72 6.26
CA CYS B 329 5.16 -29.91 6.69
C CYS B 329 5.28 -30.82 5.48
N PRO B 330 6.18 -31.83 5.52
CA PRO B 330 6.44 -32.62 4.32
C PRO B 330 5.14 -33.28 3.83
N GLU B 331 4.20 -33.58 4.73
CA GLU B 331 2.90 -34.25 4.38
C GLU B 331 2.05 -33.28 3.55
N LEU B 332 1.84 -32.07 4.03
CA LEU B 332 1.08 -31.06 3.28
C LEU B 332 1.74 -30.84 1.91
N ASP B 333 3.06 -30.67 1.85
CA ASP B 333 3.78 -30.32 0.58
C ASP B 333 3.62 -31.49 -0.39
N GLN B 334 3.67 -32.71 0.10
CA GLN B 334 3.49 -33.93 -0.74
C GLN B 334 2.04 -33.93 -1.28
N LEU B 335 1.06 -33.54 -0.45
CA LEU B 335 -0.37 -33.52 -0.88
C LEU B 335 -0.58 -32.46 -1.98
N VAL B 336 0.03 -31.27 -1.81
CA VAL B 336 -0.10 -30.12 -2.74
C VAL B 336 0.50 -30.48 -4.09
N GLU B 337 1.70 -31.07 -4.09
CA GLU B 337 2.42 -31.42 -5.33
C GLU B 337 1.63 -32.51 -6.05
N ALA B 338 1.04 -33.46 -5.34
CA ALA B 338 0.31 -34.57 -5.98
C ALA B 338 -0.94 -34.01 -6.64
N ALA B 339 -1.60 -33.07 -5.93
CA ALA B 339 -2.81 -32.38 -6.39
C ALA B 339 -2.50 -31.60 -7.67
N LEU B 340 -1.38 -30.87 -7.71
CA LEU B 340 -0.98 -30.03 -8.87
C LEU B 340 -0.69 -30.88 -10.10
N ALA B 341 -0.20 -32.11 -9.91
CA ALA B 341 0.07 -33.07 -11.02
C ALA B 341 -1.23 -33.56 -11.64
N VAL B 342 -2.41 -33.26 -11.09
CA VAL B 342 -3.68 -33.85 -11.59
C VAL B 342 -4.36 -32.94 -12.62
N PRO B 343 -4.62 -33.44 -13.84
CA PRO B 343 -5.30 -32.63 -14.85
C PRO B 343 -6.67 -32.24 -14.26
N GLY B 344 -7.09 -30.98 -14.41
CA GLY B 344 -8.37 -30.43 -13.91
C GLY B 344 -8.20 -29.63 -12.63
N VAL B 345 -7.04 -29.72 -11.97
CA VAL B 345 -6.76 -29.00 -10.69
C VAL B 345 -6.26 -27.61 -10.98
N TYR B 346 -6.85 -26.56 -10.45
CA TYR B 346 -6.41 -25.17 -10.77
C TYR B 346 -5.38 -24.73 -9.74
N GLY B 347 -5.54 -25.12 -8.48
CA GLY B 347 -4.60 -24.75 -7.41
C GLY B 347 -4.75 -25.64 -6.20
N SER B 348 -3.74 -25.62 -5.34
CA SER B 348 -3.85 -26.34 -4.05
C SER B 348 -2.85 -25.72 -3.08
N ARG B 349 -3.16 -25.79 -1.78
CA ARG B 349 -2.32 -25.27 -0.68
C ARG B 349 -2.78 -25.85 0.64
N MET B 350 -1.89 -25.82 1.60
CA MET B 350 -2.27 -26.00 3.02
C MET B 350 -3.34 -24.95 3.33
N THR B 351 -4.36 -25.33 4.13
CA THR B 351 -5.31 -24.41 4.82
C THR B 351 -5.12 -24.55 6.31
N GLY B 352 -5.61 -23.53 7.05
CA GLY B 352 -5.52 -23.45 8.52
C GLY B 352 -4.13 -23.09 9.02
N GLY B 353 -3.84 -23.37 10.30
CA GLY B 353 -2.60 -22.96 11.02
C GLY B 353 -1.33 -23.57 10.43
N GLY B 354 -1.43 -24.78 9.87
CA GLY B 354 -0.27 -25.54 9.36
C GLY B 354 0.20 -26.60 10.34
N PHE B 355 1.33 -27.21 10.00
CA PHE B 355 2.01 -28.28 10.77
C PHE B 355 1.15 -29.54 10.76
N GLY B 356 0.35 -29.69 9.71
CA GLY B 356 -0.53 -30.84 9.52
C GLY B 356 -1.87 -30.38 9.06
N GLY B 357 -2.89 -31.15 9.39
CA GLY B 357 -4.24 -30.85 8.92
C GLY B 357 -4.36 -31.06 7.42
N CYS B 358 -5.05 -30.12 6.79
CA CYS B 358 -5.64 -30.29 5.45
C CYS B 358 -5.01 -29.30 4.47
N THR B 359 -5.18 -29.66 3.20
CA THR B 359 -4.95 -28.85 1.99
C THR B 359 -6.33 -28.57 1.39
N VAL B 360 -6.46 -27.45 0.69
CA VAL B 360 -7.66 -27.14 -0.11
C VAL B 360 -7.23 -27.07 -1.55
N THR B 361 -8.06 -27.57 -2.45
CA THR B 361 -7.76 -27.73 -3.88
C THR B 361 -8.98 -27.25 -4.64
N LEU B 362 -8.82 -26.26 -5.51
CA LEU B 362 -9.85 -25.83 -6.47
C LEU B 362 -9.62 -26.60 -7.77
N LEU B 363 -10.64 -27.29 -8.28
CA LEU B 363 -10.50 -28.22 -9.42
C LEU B 363 -11.84 -28.38 -10.13
N GLU B 364 -11.76 -28.84 -11.38
CA GLU B 364 -12.90 -29.24 -12.22
C GLU B 364 -13.68 -30.35 -11.48
N ALA B 365 -14.99 -30.19 -11.30
CA ALA B 365 -15.84 -31.22 -10.63
C ALA B 365 -15.50 -32.62 -11.19
N SER B 366 -15.46 -32.79 -12.51
CA SER B 366 -15.33 -34.12 -13.15
C SER B 366 -13.94 -34.73 -12.87
N ALA B 367 -13.02 -33.95 -12.30
CA ALA B 367 -11.63 -34.40 -12.04
C ALA B 367 -11.49 -34.88 -10.60
N ALA B 368 -12.52 -34.66 -9.77
CA ALA B 368 -12.47 -34.96 -8.33
C ALA B 368 -12.09 -36.43 -8.12
N PRO B 369 -12.69 -37.40 -8.85
CA PRO B 369 -12.27 -38.80 -8.77
C PRO B 369 -10.82 -39.10 -9.21
N HIS B 370 -10.39 -38.68 -10.39
CA HIS B 370 -8.95 -38.79 -10.74
C HIS B 370 -8.11 -38.25 -9.58
N ALA B 371 -8.43 -37.04 -9.09
CA ALA B 371 -7.65 -36.29 -8.06
C ALA B 371 -7.51 -37.10 -6.77
N MET B 372 -8.59 -37.69 -6.28
CA MET B 372 -8.52 -38.51 -5.05
C MET B 372 -7.67 -39.74 -5.36
N ARG B 373 -7.93 -40.41 -6.47
CA ARG B 373 -7.14 -41.63 -6.81
C ARG B 373 -5.67 -41.20 -6.68
N HIS B 374 -5.31 -40.21 -7.49
CA HIS B 374 -3.92 -39.74 -7.62
C HIS B 374 -3.39 -39.36 -6.23
N ILE B 375 -4.13 -38.54 -5.48
CA ILE B 375 -3.55 -37.96 -4.24
C ILE B 375 -3.20 -39.09 -3.27
N GLN B 376 -4.06 -40.11 -3.16
CA GLN B 376 -3.94 -41.16 -2.11
C GLN B 376 -2.74 -42.06 -2.40
N GLU B 377 -2.45 -42.33 -3.68
CA GLU B 377 -1.37 -43.27 -4.10
C GLU B 377 -0.04 -42.57 -3.86
N HIS B 378 0.04 -41.28 -4.19
CA HIS B 378 1.28 -40.47 -4.16
C HIS B 378 1.51 -39.89 -2.77
N TYR B 379 0.68 -40.24 -1.79
CA TYR B 379 0.82 -39.72 -0.41
C TYR B 379 1.29 -40.85 0.49
N GLY B 380 2.30 -40.59 1.34
CA GLY B 380 2.89 -41.64 2.20
C GLY B 380 1.93 -42.11 3.27
N GLY B 381 1.08 -41.21 3.77
CA GLY B 381 0.16 -41.51 4.87
C GLY B 381 -1.18 -41.97 4.34
N THR B 382 -2.19 -41.78 5.17
CA THR B 382 -3.60 -42.06 4.84
C THR B 382 -4.31 -40.72 4.71
N ALA B 383 -4.65 -40.36 3.48
CA ALA B 383 -5.46 -39.18 3.15
C ALA B 383 -6.94 -39.49 3.38
N THR B 384 -7.65 -38.53 3.98
CA THR B 384 -9.12 -38.39 3.96
C THR B 384 -9.57 -37.25 3.02
N PHE B 385 -10.65 -37.44 2.27
CA PHE B 385 -11.22 -36.44 1.36
C PHE B 385 -12.59 -35.94 1.82
N TYR B 386 -12.81 -34.63 1.72
CA TYR B 386 -14.13 -33.97 1.66
C TYR B 386 -14.24 -33.12 0.38
N LEU B 387 -15.28 -33.37 -0.40
CA LEU B 387 -15.74 -32.42 -1.43
C LEU B 387 -16.75 -31.50 -0.75
N SER B 388 -16.51 -30.21 -0.55
CA SER B 388 -17.60 -29.36 0.01
C SER B 388 -17.98 -28.27 -0.96
N GLN B 389 -19.27 -27.99 -1.00
CA GLN B 389 -19.80 -26.75 -1.57
C GLN B 389 -19.69 -25.75 -0.42
N ALA B 390 -19.89 -24.47 -0.70
CA ALA B 390 -19.96 -23.47 0.36
C ALA B 390 -21.25 -23.74 1.17
N ALA B 391 -21.17 -23.82 2.49
CA ALA B 391 -22.31 -24.18 3.35
C ALA B 391 -22.78 -22.98 4.17
N ASP B 392 -23.99 -23.10 4.71
CA ASP B 392 -24.58 -22.14 5.67
C ASP B 392 -23.65 -22.01 6.88
N GLY B 393 -23.65 -20.82 7.50
CA GLY B 393 -23.17 -20.67 8.88
C GLY B 393 -24.24 -21.14 9.88
N ALA B 394 -24.15 -20.60 11.10
CA ALA B 394 -24.95 -20.94 12.29
C ALA B 394 -26.44 -20.91 11.97
N LYS B 395 -27.16 -21.96 12.32
CA LYS B 395 -28.63 -21.89 12.22
C LYS B 395 -29.31 -22.70 13.33
N VAL B 396 -30.63 -22.52 13.37
CA VAL B 396 -31.59 -22.94 14.41
C VAL B 396 -32.73 -23.63 13.71
N LEU B 397 -33.12 -24.76 14.27
CA LEU B 397 -34.39 -25.50 14.00
C LEU B 397 -35.14 -25.71 15.33
N CYS B 398 -36.33 -25.12 15.47
CA CYS B 398 -37.25 -25.40 16.62
C CYS B 398 -37.81 -26.80 16.44
N LEU B 399 -37.70 -27.63 17.49
CA LEU B 399 -38.16 -29.05 17.47
C LEU B 399 -39.49 -29.14 18.23
N ALA C 9 31.67 32.12 19.64
CA ALA C 9 32.40 30.92 20.14
C ALA C 9 32.63 29.92 18.99
N ALA C 10 31.76 29.86 17.97
CA ALA C 10 31.95 28.97 16.80
C ALA C 10 33.06 29.54 15.90
N LEU C 11 34.19 28.81 15.72
CA LEU C 11 35.28 29.18 14.77
C LEU C 11 34.63 29.51 13.42
N ARG C 12 34.97 30.66 12.82
CA ARG C 12 34.42 31.11 11.50
C ARG C 12 34.81 30.10 10.40
N GLN C 13 33.94 29.98 9.40
CA GLN C 13 34.13 29.09 8.23
C GLN C 13 34.19 30.00 7.00
N PRO C 14 35.39 30.09 6.38
CA PRO C 14 35.57 30.90 5.18
C PRO C 14 34.81 30.21 4.02
N GLN C 15 34.19 31.04 3.19
CA GLN C 15 33.55 30.65 1.91
C GLN C 15 34.65 30.38 0.89
N VAL C 16 34.35 29.49 -0.05
CA VAL C 16 35.24 29.17 -1.19
C VAL C 16 35.77 30.50 -1.77
N ALA C 17 34.92 31.46 -2.15
CA ALA C 17 35.36 32.72 -2.77
C ALA C 17 36.56 33.35 -2.03
N GLU C 18 36.57 33.28 -0.70
CA GLU C 18 37.64 33.88 0.16
C GLU C 18 38.86 32.94 0.20
N LEU C 19 38.66 31.62 0.23
CA LEU C 19 39.79 30.66 0.15
C LEU C 19 40.38 30.76 -1.25
N LEU C 20 39.52 30.84 -2.25
CA LEU C 20 39.89 31.12 -3.65
C LEU C 20 40.85 32.31 -3.75
N ALA C 21 40.53 33.46 -3.14
CA ALA C 21 41.30 34.74 -3.12
C ALA C 21 42.68 34.51 -2.48
N GLU C 22 42.73 33.85 -1.32
CA GLU C 22 43.99 33.52 -0.61
C GLU C 22 44.83 32.66 -1.57
N ALA C 23 44.30 31.54 -2.06
CA ALA C 23 44.98 30.61 -2.98
C ALA C 23 45.49 31.35 -4.22
N ARG C 24 44.67 32.21 -4.82
CA ARG C 24 44.93 32.91 -6.12
C ARG C 24 46.09 33.89 -5.90
N ARG C 25 46.03 34.73 -4.85
CA ARG C 25 47.08 35.71 -4.47
C ARG C 25 48.38 34.94 -4.18
N ALA C 26 48.32 33.90 -3.36
CA ALA C 26 49.52 33.09 -3.05
C ALA C 26 50.10 32.59 -4.37
N PHE C 27 49.26 32.12 -5.28
CA PHE C 27 49.74 31.51 -6.54
C PHE C 27 50.50 32.54 -7.40
N ARG C 28 49.94 33.74 -7.58
CA ARG C 28 50.48 34.83 -8.45
C ARG C 28 51.83 35.24 -7.85
N GLU C 29 51.93 35.28 -6.51
CA GLU C 29 53.18 35.65 -5.79
C GLU C 29 54.22 34.55 -6.04
N GLU C 30 53.86 33.26 -5.96
CA GLU C 30 54.84 32.14 -6.03
C GLU C 30 55.27 31.86 -7.48
N PHE C 31 54.38 31.96 -8.45
CA PHE C 31 54.70 31.49 -9.82
C PHE C 31 54.75 32.64 -10.84
N GLY C 32 54.49 33.89 -10.46
CA GLY C 32 54.52 35.06 -11.37
C GLY C 32 53.43 35.12 -12.42
N ALA C 33 52.39 34.28 -12.33
CA ALA C 33 51.23 34.24 -13.26
C ALA C 33 49.95 33.87 -12.49
N GLU C 34 48.81 34.45 -12.88
CA GLU C 34 47.46 34.05 -12.43
C GLU C 34 47.33 32.57 -12.73
N PRO C 35 46.72 31.79 -11.81
CA PRO C 35 46.47 30.37 -12.05
C PRO C 35 45.33 30.23 -13.06
N GLU C 36 45.33 29.10 -13.75
CA GLU C 36 44.39 28.80 -14.85
C GLU C 36 43.14 28.13 -14.27
N LEU C 37 43.27 27.32 -13.20
CA LEU C 37 42.21 26.42 -12.67
C LEU C 37 42.02 26.57 -11.16
N ALA C 38 40.78 26.42 -10.66
CA ALA C 38 40.50 26.25 -9.23
C ALA C 38 39.57 25.05 -9.01
N VAL C 39 39.81 24.30 -7.93
CA VAL C 39 38.92 23.21 -7.49
C VAL C 39 38.74 23.34 -5.97
N SER C 40 37.65 22.79 -5.42
CA SER C 40 37.47 22.63 -3.96
C SER C 40 36.91 21.24 -3.66
N ALA C 41 37.21 20.71 -2.50
CA ALA C 41 36.72 19.42 -1.99
C ALA C 41 36.58 19.59 -0.49
N PRO C 42 35.44 19.15 0.09
CA PRO C 42 35.18 19.40 1.51
C PRO C 42 35.68 18.26 2.37
N GLY C 43 35.85 18.62 3.62
CA GLY C 43 35.85 17.65 4.72
C GLY C 43 34.44 17.18 5.02
N ARG C 44 34.29 16.42 6.10
CA ARG C 44 33.01 15.77 6.39
C ARG C 44 32.84 15.52 7.90
N VAL C 45 31.59 15.43 8.28
CA VAL C 45 31.18 14.85 9.60
C VAL C 45 30.34 13.61 9.28
N ASN C 46 30.61 12.51 9.94
CA ASN C 46 29.67 11.36 9.93
C ASN C 46 28.51 11.56 10.95
N LEU C 47 27.26 11.72 10.50
CA LEU C 47 26.13 11.86 11.48
C LEU C 47 25.98 10.54 12.24
N ILE C 48 26.09 9.40 11.56
CA ILE C 48 26.04 8.08 12.25
C ILE C 48 26.52 7.03 11.25
N GLY C 49 26.85 5.85 11.77
CA GLY C 49 27.31 4.69 11.00
C GLY C 49 28.83 4.60 11.03
N GLU C 50 29.37 4.42 12.21
CA GLU C 50 30.82 4.47 12.44
C GLU C 50 31.40 3.06 12.49
N HIS C 51 32.56 2.95 11.85
CA HIS C 51 33.33 1.70 11.65
C HIS C 51 32.47 0.69 10.94
N THR C 52 31.59 1.15 10.06
CA THR C 52 30.77 0.31 9.16
C THR C 52 31.28 0.32 7.71
N ASP C 53 31.97 1.38 7.24
CA ASP C 53 32.30 1.50 5.79
C ASP C 53 33.15 0.31 5.31
N TYR C 54 34.21 -0.03 6.03
CA TYR C 54 35.12 -1.14 5.67
C TYR C 54 34.48 -2.48 6.00
N ASN C 55 33.28 -2.45 6.63
CA ASN C 55 32.48 -3.66 6.96
C ASN C 55 31.34 -3.82 5.94
N GLN C 56 31.38 -3.06 4.84
CA GLN C 56 30.38 -3.11 3.75
C GLN C 56 29.01 -2.68 4.29
N GLY C 57 29.00 -1.75 5.24
CA GLY C 57 27.78 -1.35 5.94
C GLY C 57 27.22 -0.05 5.36
N LEU C 58 26.54 0.71 6.19
CA LEU C 58 25.81 1.94 5.81
C LEU C 58 26.43 3.08 6.58
N VAL C 59 26.61 4.21 5.92
CA VAL C 59 27.17 5.42 6.58
C VAL C 59 26.28 6.59 6.19
N LEU C 60 26.15 7.58 7.05
CA LEU C 60 25.33 8.77 6.71
C LEU C 60 26.19 10.02 7.00
N PRO C 61 27.22 10.29 6.17
CA PRO C 61 28.00 11.51 6.32
C PRO C 61 27.32 12.72 5.70
N MET C 62 27.79 13.93 6.03
CA MET C 62 27.50 15.16 5.25
C MET C 62 28.82 15.94 5.04
N ALA C 63 28.97 16.56 3.88
CA ALA C 63 30.08 17.48 3.55
C ALA C 63 29.95 18.74 4.38
N LEU C 64 31.08 19.24 4.86
CA LEU C 64 31.14 20.50 5.64
C LEU C 64 31.47 21.68 4.72
N GLU C 65 31.30 22.86 5.28
CA GLU C 65 31.71 24.14 4.67
C GLU C 65 33.24 24.28 4.77
N LEU C 66 33.87 23.63 5.73
CA LEU C 66 35.33 23.44 5.81
C LEU C 66 35.80 22.66 4.57
N MET C 67 36.82 23.16 3.85
CA MET C 67 37.21 22.58 2.55
C MET C 67 38.69 22.82 2.24
N THR C 68 39.19 22.05 1.27
CA THR C 68 40.51 22.24 0.63
C THR C 68 40.29 22.86 -0.75
N VAL C 69 41.01 23.94 -1.06
CA VAL C 69 41.01 24.61 -2.40
C VAL C 69 42.41 24.46 -3.00
N LEU C 70 42.50 23.99 -4.26
CA LEU C 70 43.72 24.01 -5.10
C LEU C 70 43.49 25.04 -6.20
N VAL C 71 44.39 26.00 -6.39
CA VAL C 71 44.45 26.75 -7.67
C VAL C 71 45.78 26.34 -8.35
N GLY C 72 45.77 26.16 -9.66
CA GLY C 72 46.95 25.67 -10.39
C GLY C 72 46.90 25.98 -11.88
N SER C 73 47.91 25.47 -12.59
CA SER C 73 48.10 25.53 -14.07
C SER C 73 48.90 24.32 -14.57
N PRO C 74 48.58 23.81 -15.76
CA PRO C 74 49.33 22.68 -16.30
C PRO C 74 50.72 23.22 -16.61
N ARG C 75 51.80 22.45 -16.48
CA ARG C 75 53.14 22.83 -17.02
C ARG C 75 53.42 21.99 -18.26
N LYS C 76 54.37 22.42 -19.09
CA LYS C 76 54.91 21.64 -20.25
C LYS C 76 56.16 20.79 -19.90
N ASP C 77 56.76 20.89 -18.72
CA ASP C 77 58.06 20.23 -18.38
C ASP C 77 57.93 18.97 -17.50
N GLY C 78 56.73 18.43 -17.25
CA GLY C 78 56.57 17.13 -16.59
C GLY C 78 56.93 17.13 -15.11
N LEU C 79 57.14 18.31 -14.50
CA LEU C 79 57.39 18.46 -13.04
C LEU C 79 56.07 18.81 -12.34
N VAL C 80 56.04 18.60 -11.03
CA VAL C 80 54.91 19.08 -10.19
C VAL C 80 55.49 20.00 -9.16
N SER C 81 54.96 21.21 -9.07
CA SER C 81 55.46 22.24 -8.12
C SER C 81 54.28 22.67 -7.23
N LEU C 82 54.43 22.45 -5.92
CA LEU C 82 53.36 22.61 -4.92
C LEU C 82 53.80 23.61 -3.86
N LEU C 83 52.86 24.46 -3.43
CA LEU C 83 52.92 25.33 -2.23
C LEU C 83 51.63 25.14 -1.42
N THR C 84 51.74 24.86 -0.13
CA THR C 84 50.64 24.96 0.84
C THR C 84 50.91 26.14 1.77
N THR C 85 49.84 26.85 2.10
CA THR C 85 49.77 27.91 3.15
C THR C 85 49.13 27.33 4.41
N SER C 86 48.57 26.12 4.36
CA SER C 86 47.88 25.50 5.53
C SER C 86 48.81 25.45 6.74
N GLU C 87 48.57 26.28 7.74
CA GLU C 87 49.14 26.13 9.12
C GLU C 87 48.75 24.74 9.68
N GLY C 88 49.68 24.12 10.41
CA GLY C 88 49.65 22.69 10.70
C GLY C 88 50.49 21.89 9.70
N ALA C 89 50.54 22.27 8.41
CA ALA C 89 51.35 21.56 7.39
C ALA C 89 52.79 21.46 7.88
N ASP C 90 53.42 20.31 7.66
CA ASP C 90 54.82 20.08 8.08
C ASP C 90 55.77 20.70 7.03
N GLU C 91 56.97 21.00 7.47
CA GLU C 91 58.04 21.66 6.65
C GLU C 91 58.67 20.64 5.70
N PRO C 92 58.98 21.04 4.44
CA PRO C 92 58.70 22.39 3.96
C PRO C 92 57.30 22.63 3.35
N GLN C 93 56.93 23.88 3.14
CA GLN C 93 55.57 24.30 2.66
C GLN C 93 55.51 24.15 1.13
N ARG C 94 56.68 23.95 0.52
CA ARG C 94 56.82 23.78 -0.93
C ARG C 94 57.51 22.46 -1.20
N LEU C 95 57.15 21.82 -2.30
CA LEU C 95 57.87 20.64 -2.79
C LEU C 95 57.70 20.60 -4.29
N GLN C 96 58.72 20.12 -4.99
CA GLN C 96 58.70 19.80 -6.44
C GLN C 96 59.25 18.39 -6.64
N PHE C 97 58.72 17.72 -7.64
CA PHE C 97 59.07 16.32 -7.97
C PHE C 97 58.67 16.13 -9.42
N PRO C 98 59.38 15.28 -10.17
CA PRO C 98 58.92 14.87 -11.48
C PRO C 98 57.69 13.95 -11.37
N LEU C 99 56.88 13.99 -12.43
CA LEU C 99 55.82 12.99 -12.64
C LEU C 99 56.45 11.62 -12.54
N PRO C 100 55.72 10.64 -11.96
CA PRO C 100 56.13 9.25 -12.03
C PRO C 100 56.13 8.76 -13.48
N THR C 101 56.92 7.71 -13.72
CA THR C 101 57.00 7.02 -15.03
C THR C 101 56.92 5.51 -14.79
N ALA C 102 56.86 4.72 -15.88
CA ALA C 102 57.06 3.25 -15.88
C ALA C 102 58.34 2.92 -15.10
N GLN C 103 59.39 3.75 -15.29
CA GLN C 103 60.74 3.59 -14.71
C GLN C 103 60.74 3.87 -13.18
N ARG C 104 60.00 4.87 -12.69
CA ARG C 104 60.19 5.37 -11.29
C ARG C 104 58.85 5.86 -10.72
N SER C 105 58.43 5.23 -9.64
CA SER C 105 57.20 5.61 -8.91
C SER C 105 57.52 6.82 -8.02
N LEU C 106 56.51 7.64 -7.78
CA LEU C 106 56.48 8.58 -6.64
C LEU C 106 56.61 7.75 -5.38
N GLU C 107 57.26 8.27 -4.34
CA GLU C 107 57.16 7.55 -3.05
C GLU C 107 56.96 8.48 -1.86
N PRO C 108 56.33 7.92 -0.82
CA PRO C 108 55.95 8.70 0.36
C PRO C 108 57.24 9.11 1.06
N GLY C 109 57.18 10.28 1.69
CA GLY C 109 58.24 10.81 2.57
C GLY C 109 57.83 12.15 3.19
N THR C 110 58.75 13.09 3.12
CA THR C 110 58.71 14.43 3.74
C THR C 110 58.55 15.43 2.61
N PRO C 111 57.71 16.45 2.77
CA PRO C 111 56.82 16.58 3.94
C PRO C 111 55.61 15.65 3.83
N ARG C 112 55.02 15.29 4.96
CA ARG C 112 53.88 14.34 5.05
C ARG C 112 52.67 14.88 4.25
N TRP C 113 52.44 16.20 4.21
CA TRP C 113 51.22 16.72 3.53
C TRP C 113 51.27 16.39 2.03
N ALA C 114 52.46 16.35 1.42
CA ALA C 114 52.55 16.13 -0.05
C ALA C 114 52.33 14.63 -0.35
N ASN C 115 52.38 13.76 0.64
CA ASN C 115 52.12 12.30 0.42
C ASN C 115 50.72 12.06 -0.17
N TYR C 116 49.75 12.90 0.16
CA TYR C 116 48.36 12.77 -0.32
C TYR C 116 48.24 13.18 -1.79
N VAL C 117 48.88 14.28 -2.16
CA VAL C 117 48.96 14.67 -3.59
C VAL C 117 49.77 13.61 -4.36
N LYS C 118 50.93 13.21 -3.88
CA LYS C 118 51.77 12.25 -4.64
C LYS C 118 50.94 10.99 -4.92
N GLY C 119 50.21 10.50 -3.90
CA GLY C 119 49.43 9.26 -3.96
C GLY C 119 48.36 9.33 -5.00
N VAL C 120 47.59 10.40 -5.01
CA VAL C 120 46.53 10.60 -6.06
C VAL C 120 47.15 10.61 -7.46
N ILE C 121 48.30 11.28 -7.62
CA ILE C 121 49.03 11.39 -8.92
C ILE C 121 49.49 9.97 -9.32
N GLN C 122 49.96 9.18 -8.36
CA GLN C 122 50.53 7.84 -8.67
C GLN C 122 49.45 6.89 -9.21
N TYR C 123 48.24 6.98 -8.66
CA TYR C 123 47.12 6.07 -8.97
C TYR C 123 46.11 6.74 -9.89
N TYR C 124 46.35 7.96 -10.39
CA TYR C 124 45.49 8.60 -11.41
C TYR C 124 45.38 7.67 -12.60
N PRO C 125 44.14 7.30 -13.00
CA PRO C 125 43.98 6.24 -13.99
C PRO C 125 44.13 6.71 -15.43
N ALA C 126 44.16 8.01 -15.72
CA ALA C 126 44.18 8.52 -17.11
C ALA C 126 45.54 9.13 -17.48
N ALA C 127 45.90 9.02 -18.77
CA ALA C 127 47.14 9.53 -19.40
C ALA C 127 46.72 10.24 -20.67
N PRO C 128 47.46 11.25 -21.18
CA PRO C 128 48.71 11.70 -20.56
C PRO C 128 48.45 12.81 -19.53
N LEU C 129 49.02 12.61 -18.35
CA LEU C 129 48.99 13.61 -17.25
C LEU C 129 50.24 14.45 -17.39
N PRO C 130 50.08 15.76 -17.63
CA PRO C 130 51.21 16.69 -17.60
C PRO C 130 51.50 17.03 -16.14
N GLY C 131 52.67 17.62 -15.94
CA GLY C 131 53.08 18.42 -14.78
C GLY C 131 52.18 19.63 -14.57
N PHE C 132 52.27 20.24 -13.38
CA PHE C 132 51.45 21.40 -13.00
C PHE C 132 52.09 22.11 -11.81
N SER C 133 51.68 23.35 -11.67
CA SER C 133 51.98 24.20 -10.48
C SER C 133 50.67 24.36 -9.71
N ALA C 134 50.70 24.16 -8.38
CA ALA C 134 49.50 24.39 -7.55
C ALA C 134 49.82 24.95 -6.17
N VAL C 135 48.89 25.79 -5.70
CA VAL C 135 48.76 26.21 -4.28
C VAL C 135 47.56 25.50 -3.64
N VAL C 136 47.77 25.04 -2.42
CA VAL C 136 46.80 24.29 -1.58
C VAL C 136 46.52 25.14 -0.36
N VAL C 137 45.22 25.38 -0.12
CA VAL C 137 44.74 25.98 1.15
C VAL C 137 43.61 25.12 1.68
N SER C 138 43.47 25.09 2.99
CA SER C 138 42.37 24.35 3.65
C SER C 138 41.83 25.16 4.83
N SER C 139 40.53 25.04 5.08
CA SER C 139 39.88 25.45 6.36
C SER C 139 39.66 24.19 7.18
N VAL C 140 39.99 23.02 6.63
CA VAL C 140 39.70 21.76 7.38
C VAL C 140 40.86 21.65 8.36
N PRO C 141 40.60 21.55 9.68
CA PRO C 141 41.65 21.51 10.69
C PRO C 141 42.47 20.23 10.48
N LEU C 142 43.81 20.30 10.40
CA LEU C 142 44.60 19.17 9.85
C LEU C 142 44.67 18.05 10.89
N GLY C 143 44.21 16.87 10.49
CA GLY C 143 44.13 15.71 11.39
C GLY C 143 43.29 15.95 12.65
N GLY C 144 42.30 16.86 12.64
CA GLY C 144 41.35 17.01 13.75
C GLY C 144 40.06 16.18 13.64
N GLY C 145 39.92 15.29 12.64
CA GLY C 145 38.91 14.22 12.56
C GLY C 145 37.74 14.51 11.61
N LEU C 146 37.85 15.54 10.77
CA LEU C 146 36.89 15.94 9.73
C LEU C 146 37.42 15.68 8.31
N SER C 147 38.36 14.75 8.15
CA SER C 147 38.86 14.24 6.83
CA SER C 147 38.87 14.24 6.85
C SER C 147 39.57 15.34 6.01
N SER C 148 40.52 16.06 6.62
CA SER C 148 41.42 17.01 5.92
C SER C 148 42.10 16.26 4.76
N SER C 149 42.63 15.09 5.03
CA SER C 149 43.38 14.29 4.01
C SER C 149 42.44 13.91 2.85
N ALA C 150 41.22 13.44 3.09
CA ALA C 150 40.30 13.08 1.98
C ALA C 150 39.99 14.32 1.15
N SER C 151 39.85 15.50 1.80
CA SER C 151 39.54 16.75 1.10
C SER C 151 40.71 17.07 0.17
N LEU C 152 41.94 16.84 0.64
CA LEU C 152 43.18 17.13 -0.13
C LEU C 152 43.27 16.13 -1.28
N GLU C 153 42.99 14.85 -0.99
CA GLU C 153 43.03 13.81 -2.05
C GLU C 153 41.96 14.13 -3.09
N VAL C 154 40.74 14.43 -2.65
CA VAL C 154 39.63 14.62 -3.62
C VAL C 154 39.89 15.92 -4.41
N ALA C 155 40.29 17.00 -3.78
CA ALA C 155 40.62 18.23 -4.50
C ALA C 155 41.72 17.87 -5.52
N THR C 156 42.74 17.09 -5.10
CA THR C 156 43.84 16.73 -6.04
C THR C 156 43.20 16.02 -7.21
N TYR C 157 42.37 15.00 -6.95
CA TYR C 157 41.79 14.21 -8.06
C TYR C 157 41.02 15.10 -9.01
N THR C 158 40.23 16.04 -8.47
CA THR C 158 39.33 16.89 -9.33
C THR C 158 40.19 17.88 -10.13
N PHE C 159 41.35 18.26 -9.61
CA PHE C 159 42.34 19.05 -10.37
C PHE C 159 42.93 18.22 -11.53
N LEU C 160 43.43 17.00 -11.26
CA LEU C 160 43.98 16.13 -12.35
C LEU C 160 42.97 15.91 -13.48
N GLN C 161 41.67 15.88 -13.16
CA GLN C 161 40.61 15.67 -14.17
C GLN C 161 40.55 16.84 -15.14
N GLN C 162 40.86 18.06 -14.70
CA GLN C 162 40.94 19.24 -15.61
C GLN C 162 42.19 19.14 -16.50
N LEU C 163 43.32 18.69 -15.96
CA LEU C 163 44.57 18.41 -16.75
C LEU C 163 44.31 17.28 -17.72
N CYS C 164 43.48 16.30 -17.37
CA CYS C 164 43.43 15.02 -18.12
C CYS C 164 42.17 14.22 -17.73
N PRO C 165 41.03 14.47 -18.39
CA PRO C 165 39.76 13.90 -17.97
C PRO C 165 39.83 12.37 -17.88
N ASP C 166 39.35 11.81 -16.77
CA ASP C 166 39.21 10.35 -16.57
C ASP C 166 37.92 9.96 -17.28
N SER C 167 37.68 8.69 -17.55
CA SER C 167 36.40 8.24 -18.17
C SER C 167 35.50 7.43 -17.20
N GLY C 168 35.70 7.47 -15.89
CA GLY C 168 35.15 6.42 -14.98
C GLY C 168 34.07 6.92 -14.03
N THR C 169 33.78 6.16 -12.98
CA THR C 169 32.63 6.44 -12.07
C THR C 169 33.12 7.32 -10.92
N ILE C 170 32.19 7.80 -10.10
CA ILE C 170 32.50 8.50 -8.82
C ILE C 170 33.24 7.55 -7.87
N ALA C 171 32.91 6.26 -7.90
CA ALA C 171 33.42 5.25 -6.94
C ALA C 171 34.86 4.93 -7.29
N ALA C 172 35.17 4.68 -8.56
CA ALA C 172 36.56 4.59 -9.09
C ALA C 172 37.39 5.76 -8.58
N ARG C 173 36.85 7.00 -8.55
CA ARG C 173 37.66 8.17 -8.13
C ARG C 173 37.89 8.11 -6.62
N ALA C 174 36.86 7.73 -5.86
CA ALA C 174 36.99 7.54 -4.41
C ALA C 174 38.09 6.51 -4.14
N GLN C 175 38.08 5.43 -4.90
CA GLN C 175 38.97 4.27 -4.66
C GLN C 175 40.42 4.69 -4.90
N VAL C 176 40.65 5.54 -5.91
CA VAL C 176 41.98 6.12 -6.17
C VAL C 176 42.41 6.94 -4.95
N CYS C 177 41.56 7.81 -4.48
CA CYS C 177 41.92 8.67 -3.35
C CYS C 177 42.13 7.78 -2.12
N GLN C 178 41.36 6.71 -2.03
CA GLN C 178 41.46 5.77 -0.88
C GLN C 178 42.79 5.02 -0.98
N GLN C 179 43.21 4.67 -2.18
CA GLN C 179 44.47 3.91 -2.39
C GLN C 179 45.67 4.79 -2.02
N ALA C 180 45.58 6.08 -2.33
CA ALA C 180 46.59 7.07 -1.93
C ALA C 180 46.73 7.06 -0.43
N GLU C 181 45.58 7.20 0.26
CA GLU C 181 45.51 7.18 1.75
C GLU C 181 46.20 5.89 2.22
N HIS C 182 45.89 4.76 1.62
CA HIS C 182 46.48 3.48 2.06
C HIS C 182 48.00 3.54 1.83
N SER C 183 48.43 3.80 0.60
CA SER C 183 49.81 3.49 0.12
C SER C 183 50.77 4.62 0.48
N PHE C 184 50.29 5.85 0.52
CA PHE C 184 51.14 7.06 0.72
C PHE C 184 50.97 7.64 2.13
N ALA C 185 49.88 7.36 2.84
CA ALA C 185 49.70 7.89 4.21
C ALA C 185 49.71 6.76 5.23
N GLY C 186 49.75 5.49 4.79
CA GLY C 186 49.75 4.32 5.69
C GLY C 186 48.53 4.27 6.61
N MET C 187 47.37 4.65 6.09
CA MET C 187 46.09 4.63 6.85
C MET C 187 45.06 3.92 5.97
N PRO C 188 44.69 2.68 6.34
CA PRO C 188 43.86 1.82 5.51
C PRO C 188 42.37 2.07 5.77
N CYS C 189 41.93 3.24 5.32
CA CYS C 189 40.57 3.77 5.51
C CYS C 189 39.58 3.02 4.62
N GLY C 190 38.31 3.15 4.93
CA GLY C 190 37.23 2.73 4.04
C GLY C 190 36.94 3.82 3.05
N ILE C 191 35.80 3.73 2.41
CA ILE C 191 35.48 4.56 1.22
C ILE C 191 34.78 5.87 1.66
N MET C 192 34.39 6.04 2.92
CA MET C 192 33.36 7.07 3.25
C MET C 192 33.92 8.49 3.00
N ASP C 193 35.07 8.84 3.56
CA ASP C 193 35.58 10.23 3.61
C ASP C 193 35.71 10.75 2.18
N GLN C 194 36.22 9.89 1.29
CA GLN C 194 36.53 10.25 -0.11
C GLN C 194 35.23 10.33 -0.87
N PHE C 195 34.33 9.43 -0.57
CA PHE C 195 33.03 9.36 -1.27
C PHE C 195 32.17 10.59 -0.92
N ILE C 196 32.12 10.96 0.35
CA ILE C 196 31.33 12.16 0.78
C ILE C 196 31.98 13.42 0.21
N SER C 197 33.31 13.52 0.25
CA SER C 197 34.03 14.70 -0.32
C SER C 197 33.67 14.85 -1.79
N LEU C 198 33.54 13.75 -2.53
CA LEU C 198 33.14 13.82 -3.96
C LEU C 198 31.66 14.15 -4.12
N MET C 199 30.80 13.55 -3.30
CA MET C 199 29.36 13.37 -3.60
C MET C 199 28.47 14.36 -2.80
N GLY C 200 29.01 15.09 -1.85
CA GLY C 200 28.17 15.97 -1.03
C GLY C 200 27.31 16.88 -1.87
N GLN C 201 26.13 17.22 -1.36
CA GLN C 201 25.23 18.24 -1.97
C GLN C 201 24.81 19.21 -0.87
N LYS C 202 24.85 20.49 -1.14
CA LYS C 202 24.29 21.48 -0.17
C LYS C 202 22.90 21.00 0.28
N GLY C 203 22.66 20.97 1.59
CA GLY C 203 21.30 20.75 2.11
C GLY C 203 20.99 19.29 2.29
N HIS C 204 21.98 18.40 2.14
CA HIS C 204 21.75 16.95 2.16
C HIS C 204 22.87 16.24 2.93
N ALA C 205 22.50 15.22 3.67
CA ALA C 205 23.41 14.16 4.14
C ALA C 205 23.40 13.13 3.02
N LEU C 206 24.33 12.18 3.07
CA LEU C 206 24.47 11.18 2.00
C LEU C 206 24.47 9.81 2.67
N LEU C 207 23.46 9.01 2.38
CA LEU C 207 23.45 7.62 2.85
C LEU C 207 24.27 6.81 1.86
N ILE C 208 25.35 6.18 2.33
CA ILE C 208 26.21 5.38 1.41
C ILE C 208 26.06 3.92 1.79
N ASP C 209 25.63 3.14 0.82
CA ASP C 209 25.67 1.68 0.96
C ASP C 209 27.07 1.28 0.49
N CYS C 210 27.92 0.92 1.45
CA CYS C 210 29.32 0.52 1.23
C CYS C 210 29.38 -0.91 0.74
N ARG C 211 28.25 -1.56 0.52
CA ARG C 211 28.30 -2.87 -0.15
C ARG C 211 28.05 -2.69 -1.64
N SER C 212 26.90 -2.09 -1.96
CA SER C 212 26.42 -1.92 -3.37
C SER C 212 27.04 -0.68 -3.97
N LEU C 213 27.48 0.26 -3.12
CA LEU C 213 27.93 1.61 -3.53
C LEU C 213 26.75 2.44 -4.08
N GLU C 214 25.51 2.04 -3.80
CA GLU C 214 24.33 2.90 -4.03
C GLU C 214 24.42 4.06 -3.04
N THR C 215 24.04 5.26 -3.47
CA THR C 215 24.08 6.46 -2.61
C THR C 215 22.71 7.11 -2.67
N SER C 216 22.36 7.80 -1.62
CA SER C 216 21.07 8.47 -1.57
C SER C 216 21.20 9.78 -0.82
N LEU C 217 20.83 10.87 -1.50
CA LEU C 217 20.81 12.23 -0.92
C LEU C 217 19.56 12.35 -0.05
N VAL C 218 19.76 12.56 1.25
CA VAL C 218 18.72 12.78 2.29
C VAL C 218 18.69 14.27 2.68
N PRO C 219 17.58 15.00 2.45
CA PRO C 219 17.42 16.39 2.94
C PRO C 219 17.83 16.64 4.40
N LEU C 220 18.61 17.68 4.64
CA LEU C 220 19.01 18.13 6.00
C LEU C 220 19.26 19.64 5.97
N SER C 221 18.18 20.44 6.00
CA SER C 221 18.23 21.93 6.00
C SER C 221 16.90 22.47 6.50
N ASP C 222 16.66 22.25 7.78
CA ASP C 222 15.57 22.82 8.61
C ASP C 222 16.18 23.97 9.42
N PRO C 223 15.75 25.23 9.24
CA PRO C 223 16.29 26.31 10.06
C PRO C 223 16.20 26.04 11.58
N LYS C 224 15.26 25.22 12.04
CA LYS C 224 15.05 24.97 13.50
C LYS C 224 16.13 23.97 13.97
N LEU C 225 16.79 23.24 13.06
CA LEU C 225 17.81 22.23 13.41
C LEU C 225 19.22 22.76 13.10
N ALA C 226 20.22 22.29 13.85
CA ALA C 226 21.65 22.57 13.60
C ALA C 226 22.49 21.33 13.87
N VAL C 227 23.64 21.25 13.23
CA VAL C 227 24.70 20.27 13.55
C VAL C 227 25.90 20.99 14.15
N LEU C 228 26.22 20.69 15.42
CA LEU C 228 27.34 21.29 16.16
C LEU C 228 28.44 20.24 16.19
N ILE C 229 29.57 20.61 15.57
CA ILE C 229 30.80 19.79 15.63
C ILE C 229 31.63 20.33 16.77
N THR C 230 32.12 19.48 17.66
CA THR C 230 33.04 19.89 18.73
C THR C 230 34.33 19.13 18.56
N ASN C 231 35.43 19.86 18.39
CA ASN C 231 36.79 19.31 18.32
C ASN C 231 37.35 19.24 19.74
N SER C 232 37.73 18.03 20.15
CA SER C 232 38.43 17.72 21.41
C SER C 232 39.82 18.35 21.41
N ASN C 233 40.36 18.61 20.20
CA ASN C 233 41.76 19.09 19.99
C ASN C 233 42.70 18.11 20.70
N VAL C 234 42.35 16.83 20.61
CA VAL C 234 43.16 15.73 21.17
C VAL C 234 43.20 14.63 20.12
N ARG C 235 44.35 13.96 19.97
CA ARG C 235 44.51 12.82 19.05
C ARG C 235 45.48 11.86 19.71
N HIS C 236 44.98 10.81 20.36
CA HIS C 236 45.85 9.73 20.87
C HIS C 236 46.43 8.97 19.66
N SER C 237 47.63 8.44 19.81
CA SER C 237 48.37 7.67 18.78
C SER C 237 47.54 6.47 18.31
N LEU C 238 46.80 5.84 19.24
CA LEU C 238 45.82 4.75 18.93
C LEU C 238 44.91 5.13 17.75
N ALA C 239 44.57 6.40 17.56
CA ALA C 239 43.80 6.78 16.36
C ALA C 239 44.47 6.16 15.12
N SER C 240 45.81 6.11 15.10
CA SER C 240 46.61 5.59 13.96
C SER C 240 46.78 4.07 14.04
N SER C 241 47.23 3.53 15.18
CA SER C 241 47.69 2.13 15.31
C SER C 241 46.51 1.16 15.54
N GLU C 242 45.39 1.61 16.10
CA GLU C 242 44.27 0.71 16.49
C GLU C 242 43.26 0.64 15.36
N TYR C 243 43.18 1.65 14.50
CA TYR C 243 42.32 1.61 13.29
C TYR C 243 42.56 0.30 12.54
N PRO C 244 43.78 -0.04 12.09
CA PRO C 244 44.00 -1.29 11.36
C PRO C 244 43.69 -2.56 12.17
N VAL C 245 43.90 -2.53 13.50
CA VAL C 245 43.54 -3.64 14.43
C VAL C 245 42.02 -3.91 14.33
N ARG C 246 41.17 -2.88 14.38
CA ARG C 246 39.69 -3.06 14.27
C ARG C 246 39.33 -3.77 12.94
N ARG C 247 39.96 -3.37 11.82
CA ARG C 247 39.69 -4.00 10.50
C ARG C 247 40.09 -5.48 10.53
N ARG C 248 41.20 -5.83 11.14
CA ARG C 248 41.65 -7.25 11.22
C ARG C 248 40.62 -8.02 12.05
N GLN C 249 40.16 -7.45 13.17
CA GLN C 249 39.29 -8.12 14.17
C GLN C 249 37.92 -8.37 13.50
N CYS C 250 37.40 -7.38 12.77
CA CYS C 250 36.12 -7.55 12.01
C CYS C 250 36.30 -8.69 11.00
N GLU C 251 37.47 -8.70 10.33
CA GLU C 251 37.86 -9.64 9.25
C GLU C 251 37.90 -11.05 9.84
N GLU C 252 38.46 -11.23 11.03
CA GLU C 252 38.52 -12.57 11.65
C GLU C 252 37.10 -13.06 11.99
N VAL C 253 36.22 -12.19 12.48
CA VAL C 253 34.83 -12.57 12.85
C VAL C 253 34.05 -13.00 11.59
N ALA C 254 34.07 -12.19 10.53
CA ALA C 254 33.50 -12.55 9.20
C ALA C 254 34.05 -13.91 8.75
N ARG C 255 35.36 -14.09 8.77
CA ARG C 255 36.05 -15.30 8.31
C ARG C 255 35.56 -16.48 9.13
N ALA C 256 35.51 -16.34 10.46
CA ALA C 256 35.06 -17.42 11.37
C ALA C 256 33.60 -17.80 11.12
N LEU C 257 32.70 -16.88 10.70
CA LEU C 257 31.26 -17.21 10.54
C LEU C 257 30.97 -17.51 9.07
N GLY C 258 31.99 -17.59 8.24
CA GLY C 258 31.83 -17.87 6.80
C GLY C 258 31.08 -16.74 6.09
N ALA C 259 31.29 -15.49 6.49
CA ALA C 259 30.59 -14.33 5.91
C ALA C 259 31.58 -13.53 5.07
N ALA C 260 31.19 -13.21 3.83
CA ALA C 260 31.89 -12.26 2.97
C ALA C 260 32.21 -10.99 3.77
N SER C 261 31.30 -10.55 4.63
CA SER C 261 31.49 -9.35 5.49
C SER C 261 30.46 -9.33 6.61
N LEU C 262 30.65 -8.45 7.58
CA LEU C 262 29.74 -8.36 8.77
C LEU C 262 28.38 -7.80 8.33
N ARG C 263 28.28 -7.24 7.13
CA ARG C 263 26.97 -6.78 6.56
C ARG C 263 26.00 -7.97 6.47
N GLU C 264 26.50 -9.18 6.20
CA GLU C 264 25.70 -10.43 5.95
C GLU C 264 25.28 -11.05 7.29
N VAL C 265 25.83 -10.55 8.39
CA VAL C 265 25.67 -11.11 9.78
C VAL C 265 24.69 -10.26 10.58
N GLN C 266 23.72 -10.87 11.26
CA GLN C 266 22.80 -10.17 12.19
C GLN C 266 23.05 -10.68 13.60
N LEU C 267 22.59 -9.92 14.58
CA LEU C 267 23.02 -10.11 15.98
C LEU C 267 22.74 -11.59 16.35
N GLU C 268 21.64 -12.14 15.83
CA GLU C 268 21.13 -13.51 16.11
C GLU C 268 22.25 -14.51 15.79
N GLU C 269 22.74 -14.43 14.54
CA GLU C 269 23.79 -15.33 14.01
C GLU C 269 25.02 -15.19 14.89
N LEU C 270 25.32 -13.94 15.24
CA LEU C 270 26.53 -13.60 16.02
C LEU C 270 26.42 -14.27 17.39
N GLU C 271 25.28 -14.10 18.05
CA GLU C 271 24.95 -14.77 19.35
C GLU C 271 25.15 -16.29 19.22
N ALA C 272 24.81 -16.90 18.09
CA ALA C 272 24.79 -18.38 17.90
C ALA C 272 26.21 -18.94 17.67
N ALA C 273 27.11 -18.14 17.08
CA ALA C 273 28.51 -18.48 16.77
C ALA C 273 29.44 -17.80 17.79
N ARG C 274 28.90 -17.43 18.95
CA ARG C 274 29.61 -16.75 20.08
C ARG C 274 30.83 -17.56 20.54
N ASP C 275 30.70 -18.88 20.57
CA ASP C 275 31.78 -19.81 20.99
C ASP C 275 32.85 -19.86 19.89
N LEU C 276 32.65 -19.20 18.73
CA LEU C 276 33.60 -19.29 17.57
C LEU C 276 34.52 -18.05 17.48
N VAL C 277 34.38 -17.04 18.33
CA VAL C 277 35.22 -15.80 18.27
C VAL C 277 35.70 -15.40 19.67
N SER C 278 36.74 -14.57 19.75
CA SER C 278 37.25 -13.95 21.01
C SER C 278 36.14 -13.15 21.72
N LYS C 279 36.30 -12.91 23.02
CA LYS C 279 35.47 -11.94 23.78
C LYS C 279 35.47 -10.61 23.02
N GLU C 280 36.65 -10.09 22.66
CA GLU C 280 36.84 -8.79 21.95
C GLU C 280 36.18 -8.87 20.56
N GLY C 281 36.50 -9.92 19.80
CA GLY C 281 35.89 -10.16 18.48
C GLY C 281 34.39 -9.98 18.53
N PHE C 282 33.75 -10.64 19.49
CA PHE C 282 32.30 -10.59 19.69
C PHE C 282 31.85 -9.14 19.90
N ARG C 283 32.58 -8.35 20.70
CA ARG C 283 32.18 -6.96 21.06
C ARG C 283 32.32 -6.08 19.81
N ARG C 284 33.34 -6.31 19.00
CA ARG C 284 33.55 -5.48 17.78
C ARG C 284 32.40 -5.75 16.82
N ALA C 285 32.06 -7.02 16.64
CA ALA C 285 31.05 -7.46 15.65
C ALA C 285 29.67 -7.01 16.13
N ARG C 286 29.45 -7.08 17.44
CA ARG C 286 28.15 -6.65 17.99
C ARG C 286 27.97 -5.15 17.69
N HIS C 287 28.96 -4.31 17.92
CA HIS C 287 28.92 -2.86 17.52
C HIS C 287 28.51 -2.72 16.05
N VAL C 288 29.19 -3.43 15.16
CA VAL C 288 29.07 -3.19 13.70
C VAL C 288 27.65 -3.53 13.22
N VAL C 289 27.21 -4.73 13.55
CA VAL C 289 25.87 -5.27 13.19
C VAL C 289 24.83 -4.28 13.71
N GLY C 290 24.92 -3.88 14.97
CA GLY C 290 24.05 -2.84 15.56
C GLY C 290 24.16 -1.51 14.84
N GLU C 291 25.36 -1.06 14.52
CA GLU C 291 25.55 0.27 13.91
C GLU C 291 24.96 0.29 12.53
N ILE C 292 25.06 -0.80 11.79
CA ILE C 292 24.41 -0.89 10.45
C ILE C 292 22.90 -0.68 10.61
N ARG C 293 22.28 -1.34 11.61
CA ARG C 293 20.81 -1.25 11.86
C ARG C 293 20.48 0.21 12.20
N ARG C 294 21.17 0.78 13.21
CA ARG C 294 20.95 2.18 13.68
C ARG C 294 21.03 3.15 12.48
N THR C 295 21.94 2.90 11.53
CA THR C 295 22.12 3.82 10.38
C THR C 295 20.89 3.76 9.48
N ALA C 296 20.36 2.56 9.20
CA ALA C 296 19.10 2.42 8.45
C ALA C 296 17.98 3.09 9.23
N GLN C 297 17.90 2.88 10.55
CA GLN C 297 16.80 3.48 11.33
C GLN C 297 16.96 5.00 11.33
N ALA C 298 18.21 5.50 11.41
CA ALA C 298 18.52 6.95 11.47
C ALA C 298 18.18 7.61 10.13
N ALA C 299 18.57 6.99 9.04
CA ALA C 299 18.23 7.46 7.68
C ALA C 299 16.70 7.65 7.64
N ALA C 300 15.92 6.64 8.06
CA ALA C 300 14.44 6.71 7.95
C ALA C 300 13.94 7.81 8.89
N ALA C 301 14.48 7.88 10.11
CA ALA C 301 14.07 8.87 11.12
C ALA C 301 14.33 10.29 10.54
N LEU C 302 15.52 10.52 9.95
CA LEU C 302 15.88 11.82 9.32
C LEU C 302 14.83 12.18 8.26
N ARG C 303 14.48 11.24 7.40
CA ARG C 303 13.59 11.51 6.26
C ARG C 303 12.23 12.01 6.80
N ARG C 304 11.69 11.43 7.88
CA ARG C 304 10.33 11.80 8.36
C ARG C 304 10.43 12.94 9.38
N GLY C 305 11.59 13.57 9.48
CA GLY C 305 11.84 14.73 10.35
C GLY C 305 11.77 14.35 11.81
N ASP C 306 12.07 13.10 12.18
CA ASP C 306 12.06 12.61 13.58
C ASP C 306 13.47 12.75 14.17
N TYR C 307 13.84 14.00 14.48
CA TYR C 307 15.10 14.40 15.15
C TYR C 307 15.24 13.76 16.53
N ARG C 308 14.15 13.56 17.25
CA ARG C 308 14.25 12.98 18.61
C ARG C 308 14.73 11.54 18.43
N ALA C 309 14.13 10.79 17.50
CA ALA C 309 14.56 9.39 17.28
C ALA C 309 16.02 9.41 16.77
N PHE C 310 16.34 10.32 15.85
CA PHE C 310 17.70 10.38 15.24
C PHE C 310 18.74 10.56 16.36
N GLY C 311 18.50 11.50 17.28
CA GLY C 311 19.39 11.82 18.41
C GLY C 311 19.56 10.62 19.31
N ARG C 312 18.45 9.93 19.65
CA ARG C 312 18.48 8.70 20.48
CA ARG C 312 18.49 8.71 20.47
C ARG C 312 19.41 7.69 19.80
N LEU C 313 19.26 7.48 18.50
CA LEU C 313 20.15 6.56 17.76
C LEU C 313 21.60 7.06 17.77
N MET C 314 21.81 8.39 17.71
CA MET C 314 23.20 8.92 17.79
C MET C 314 23.80 8.44 19.12
N VAL C 315 23.01 8.51 20.22
CA VAL C 315 23.49 8.20 21.59
C VAL C 315 23.77 6.71 21.67
N GLU C 316 22.98 5.84 21.05
CA GLU C 316 23.24 4.38 21.02
C GLU C 316 24.57 4.11 20.28
N SER C 317 24.79 4.72 19.12
CA SER C 317 26.05 4.61 18.32
C SER C 317 27.26 4.92 19.22
N HIS C 318 27.20 6.00 19.98
CA HIS C 318 28.33 6.39 20.83
C HIS C 318 28.61 5.33 21.88
N ARG C 319 27.56 4.85 22.53
CA ARG C 319 27.72 3.95 23.69
C ARG C 319 28.30 2.65 23.14
N SER C 320 27.85 2.27 21.96
CA SER C 320 28.32 1.07 21.25
C SER C 320 29.81 1.31 20.94
N LEU C 321 30.16 2.52 20.45
CA LEU C 321 31.57 2.86 20.06
C LEU C 321 32.43 2.83 21.32
N ARG C 322 31.87 3.32 22.44
CA ARG C 322 32.58 3.45 23.73
C ARG C 322 32.77 2.08 24.37
N ASP C 323 31.77 1.22 24.33
CA ASP C 323 31.74 0.02 25.19
C ASP C 323 32.12 -1.23 24.41
N ASP C 324 31.69 -1.34 23.15
CA ASP C 324 31.86 -2.59 22.37
C ASP C 324 33.02 -2.43 21.38
N TYR C 325 33.07 -1.32 20.63
CA TYR C 325 34.17 -1.11 19.66
C TYR C 325 35.40 -0.55 20.43
N GLU C 326 35.16 0.13 21.55
CA GLU C 326 36.22 0.65 22.44
C GLU C 326 37.18 1.47 21.59
N VAL C 327 36.62 2.47 20.90
CA VAL C 327 37.39 3.49 20.13
C VAL C 327 37.05 4.90 20.62
N SER C 328 36.37 5.08 21.76
CA SER C 328 36.25 6.45 22.32
C SER C 328 37.49 6.75 23.15
N CYS C 329 37.46 7.86 23.89
CA CYS C 329 38.45 8.18 24.94
C CYS C 329 37.78 9.11 25.94
N PRO C 330 38.39 9.32 27.13
CA PRO C 330 37.77 10.15 28.16
C PRO C 330 37.37 11.52 27.60
N GLU C 331 38.12 12.08 26.67
CA GLU C 331 37.84 13.47 26.20
C GLU C 331 36.53 13.42 25.43
N LEU C 332 36.39 12.48 24.48
CA LEU C 332 35.18 12.37 23.65
C LEU C 332 33.99 12.06 24.58
N ASP C 333 34.18 11.15 25.54
CA ASP C 333 33.09 10.76 26.46
C ASP C 333 32.59 12.01 27.21
N GLN C 334 33.48 12.78 27.81
CA GLN C 334 33.12 13.98 28.62
C GLN C 334 32.49 15.02 27.66
N LEU C 335 32.92 15.09 26.41
CA LEU C 335 32.26 16.03 25.45
C LEU C 335 30.82 15.58 25.16
N VAL C 336 30.62 14.28 24.99
CA VAL C 336 29.26 13.71 24.72
C VAL C 336 28.37 13.91 25.97
N GLU C 337 28.84 13.56 27.18
CA GLU C 337 28.03 13.64 28.43
C GLU C 337 27.60 15.11 28.59
N ALA C 338 28.48 16.07 28.29
CA ALA C 338 28.19 17.51 28.48
C ALA C 338 27.06 17.94 27.53
N ALA C 339 27.13 17.51 26.27
CA ALA C 339 26.14 17.86 25.22
C ALA C 339 24.75 17.29 25.56
N LEU C 340 24.68 16.08 26.10
CA LEU C 340 23.40 15.39 26.43
C LEU C 340 22.74 16.02 27.67
N ALA C 341 23.45 16.89 28.39
CA ALA C 341 22.95 17.65 29.55
C ALA C 341 22.28 18.97 29.10
N VAL C 342 22.38 19.36 27.83
CA VAL C 342 21.91 20.69 27.36
C VAL C 342 20.51 20.60 26.76
N PRO C 343 19.54 21.35 27.33
CA PRO C 343 18.17 21.38 26.78
C PRO C 343 18.27 21.66 25.29
N GLY C 344 17.44 21.03 24.46
CA GLY C 344 17.42 21.21 22.99
C GLY C 344 18.39 20.31 22.23
N VAL C 345 19.32 19.67 22.93
CA VAL C 345 20.18 18.67 22.27
C VAL C 345 19.33 17.41 22.06
N TYR C 346 19.33 16.88 20.83
CA TYR C 346 18.63 15.62 20.46
C TYR C 346 19.57 14.45 20.66
N GLY C 347 20.84 14.59 20.29
CA GLY C 347 21.84 13.52 20.43
C GLY C 347 23.25 14.02 20.21
N SER C 348 24.25 13.29 20.71
CA SER C 348 25.67 13.62 20.52
C SER C 348 26.43 12.31 20.53
N ARG C 349 27.48 12.23 19.74
CA ARG C 349 28.35 11.04 19.62
C ARG C 349 29.72 11.46 19.06
N MET C 350 30.73 10.65 19.33
CA MET C 350 32.02 10.71 18.59
C MET C 350 31.71 10.46 17.10
N THR C 351 32.40 11.16 16.20
CA THR C 351 32.39 10.87 14.74
C THR C 351 33.80 10.47 14.31
N GLY C 352 33.91 9.89 13.14
CA GLY C 352 35.18 9.43 12.56
C GLY C 352 35.78 8.31 13.38
N GLY C 353 37.11 8.20 13.36
CA GLY C 353 37.83 6.98 13.74
C GLY C 353 37.81 6.79 15.20
N GLY C 354 37.85 7.89 15.96
CA GLY C 354 37.84 7.82 17.44
C GLY C 354 39.20 8.12 18.02
N PHE C 355 39.39 7.80 19.31
CA PHE C 355 40.64 8.02 20.08
C PHE C 355 41.02 9.51 20.09
N GLY C 356 40.02 10.38 19.91
CA GLY C 356 40.22 11.83 19.73
C GLY C 356 39.34 12.36 18.64
N GLY C 357 39.65 13.55 18.15
CA GLY C 357 38.88 14.14 17.06
C GLY C 357 37.63 14.82 17.59
N CYS C 358 36.57 14.79 16.78
CA CYS C 358 35.36 15.60 16.96
C CYS C 358 34.21 14.77 17.50
N THR C 359 33.28 15.43 18.19
CA THR C 359 31.88 14.95 18.33
C THR C 359 30.96 15.71 17.37
N VAL C 360 29.82 15.06 17.03
CA VAL C 360 28.70 15.69 16.29
C VAL C 360 27.47 15.67 17.21
N THR C 361 26.77 16.79 17.29
CA THR C 361 25.57 17.03 18.12
C THR C 361 24.44 17.54 17.23
N LEU C 362 23.29 16.88 17.26
CA LEU C 362 22.06 17.36 16.61
C LEU C 362 21.25 18.08 17.66
N LEU C 363 20.75 19.29 17.37
CA LEU C 363 20.11 20.13 18.42
C LEU C 363 19.26 21.22 17.78
N GLU C 364 18.29 21.73 18.52
CA GLU C 364 17.52 22.92 18.11
C GLU C 364 18.55 24.03 17.86
N ALA C 365 18.44 24.71 16.74
CA ALA C 365 19.36 25.79 16.34
C ALA C 365 19.49 26.81 17.49
N SER C 366 18.38 27.19 18.12
CA SER C 366 18.39 28.22 19.18
C SER C 366 19.22 27.74 20.38
N ALA C 367 19.51 26.45 20.50
CA ALA C 367 20.28 25.86 21.61
C ALA C 367 21.80 25.89 21.36
N ALA C 368 22.26 26.05 20.13
CA ALA C 368 23.70 25.98 19.81
C ALA C 368 24.52 26.90 20.74
N PRO C 369 24.18 28.19 20.92
CA PRO C 369 24.96 29.04 21.83
C PRO C 369 25.10 28.51 23.28
N HIS C 370 24.01 28.01 23.85
CA HIS C 370 24.02 27.44 25.22
C HIS C 370 24.78 26.10 25.20
N ALA C 371 24.73 25.33 24.13
CA ALA C 371 25.49 24.06 24.06
C ALA C 371 27.00 24.38 24.14
N MET C 372 27.43 25.40 23.41
CA MET C 372 28.86 25.82 23.31
C MET C 372 29.35 26.29 24.68
N ARG C 373 28.63 27.20 25.36
CA ARG C 373 29.02 27.62 26.74
C ARG C 373 29.24 26.34 27.58
N HIS C 374 28.22 25.50 27.79
CA HIS C 374 28.21 24.35 28.73
C HIS C 374 29.26 23.30 28.36
N ILE C 375 29.40 22.97 27.06
CA ILE C 375 30.36 21.92 26.61
C ILE C 375 31.76 22.39 27.02
N GLN C 376 32.08 23.66 26.75
CA GLN C 376 33.40 24.30 27.10
C GLN C 376 33.63 24.24 28.61
N GLU C 377 32.70 24.76 29.42
CA GLU C 377 32.84 24.80 30.91
C GLU C 377 32.94 23.37 31.46
N HIS C 378 32.34 22.38 30.80
CA HIS C 378 32.38 20.95 31.22
C HIS C 378 33.59 20.22 30.63
N TYR C 379 34.27 20.79 29.62
CA TYR C 379 35.43 20.13 28.97
C TYR C 379 36.74 20.54 29.66
N GLY C 380 37.39 19.56 30.32
CA GLY C 380 38.78 19.62 30.83
C GLY C 380 39.77 19.59 29.69
N GLY C 381 40.06 20.77 29.12
CA GLY C 381 40.70 20.86 27.78
C GLY C 381 40.09 22.00 26.99
N THR C 382 40.55 22.24 25.76
CA THR C 382 40.08 23.41 24.97
C THR C 382 39.34 22.94 23.73
N ALA C 383 38.02 22.92 23.78
CA ALA C 383 37.15 22.49 22.66
C ALA C 383 37.11 23.65 21.67
N THR C 384 36.98 23.32 20.38
CA THR C 384 36.66 24.22 19.23
C THR C 384 35.30 23.79 18.66
N PHE C 385 34.61 24.72 18.01
CA PHE C 385 33.19 24.53 17.63
C PHE C 385 33.02 24.93 16.18
N TYR C 386 32.30 24.15 15.39
CA TYR C 386 31.82 24.53 14.04
C TYR C 386 30.31 24.30 14.00
N LEU C 387 29.55 25.32 13.64
CA LEU C 387 28.11 25.22 13.31
C LEU C 387 28.01 24.98 11.82
N SER C 388 27.73 23.75 11.41
CA SER C 388 27.89 23.29 10.02
C SER C 388 26.52 23.02 9.38
N GLN C 389 26.16 23.72 8.32
CA GLN C 389 25.23 23.25 7.27
C GLN C 389 25.91 22.13 6.45
N ALA C 390 25.07 21.25 5.89
CA ALA C 390 25.41 20.26 4.85
C ALA C 390 25.86 21.04 3.61
N ALA C 391 27.04 20.70 3.08
CA ALA C 391 27.68 21.48 2.00
C ALA C 391 27.84 20.66 0.70
N ASP C 392 28.20 21.37 -0.36
CA ASP C 392 28.48 20.82 -1.71
C ASP C 392 29.73 19.91 -1.64
N GLY C 393 29.83 18.89 -2.49
CA GLY C 393 31.08 18.10 -2.63
C GLY C 393 32.07 18.79 -3.59
N ALA C 394 32.92 18.04 -4.28
CA ALA C 394 34.00 18.55 -5.13
C ALA C 394 33.43 19.47 -6.21
N LYS C 395 34.00 20.66 -6.41
CA LYS C 395 33.59 21.62 -7.46
C LYS C 395 34.81 22.09 -8.29
N VAL C 396 34.55 22.67 -9.45
CA VAL C 396 35.54 23.28 -10.38
C VAL C 396 35.12 24.72 -10.69
N LEU C 397 36.05 25.69 -10.56
CA LEU C 397 35.87 27.09 -11.07
C LEU C 397 36.99 27.41 -12.06
N CYS C 398 36.62 27.89 -13.23
CA CYS C 398 37.64 28.21 -14.24
C CYS C 398 37.95 29.69 -14.15
N LEU C 399 39.23 29.92 -13.88
CA LEU C 399 39.80 31.25 -13.59
C LEU C 399 40.27 31.84 -14.92
N GLN D 15 31.69 9.42 -29.90
CA GLN D 15 31.52 10.74 -30.59
C GLN D 15 32.20 11.83 -29.75
N VAL D 16 31.86 11.93 -28.46
CA VAL D 16 32.00 13.12 -27.55
C VAL D 16 33.27 13.93 -27.85
N ALA D 17 34.40 13.29 -28.15
CA ALA D 17 35.64 13.98 -28.57
C ALA D 17 35.34 14.95 -29.74
N GLU D 18 34.64 14.47 -30.78
CA GLU D 18 34.37 15.24 -32.04
C GLU D 18 33.42 16.41 -31.75
N LEU D 19 32.61 16.33 -30.68
CA LEU D 19 31.65 17.41 -30.33
C LEU D 19 32.45 18.60 -29.81
N LEU D 20 33.34 18.33 -28.87
CA LEU D 20 34.08 19.38 -28.14
C LEU D 20 34.94 20.15 -29.14
N ALA D 21 35.64 19.45 -30.06
CA ALA D 21 36.46 20.08 -31.11
C ALA D 21 35.54 20.94 -32.00
N GLU D 22 34.65 20.29 -32.77
CA GLU D 22 33.76 20.97 -33.75
C GLU D 22 33.34 22.33 -33.18
N ALA D 23 32.91 22.39 -31.93
CA ALA D 23 32.36 23.60 -31.28
C ALA D 23 33.31 24.78 -31.47
N ALA D 26 35.05 26.40 -35.17
CA ALA D 26 33.87 27.10 -34.59
C ALA D 26 34.23 27.64 -33.20
N PHE D 27 33.58 28.76 -32.87
CA PHE D 27 33.92 29.71 -31.77
C PHE D 27 35.13 30.55 -32.20
N ARG D 28 36.27 29.89 -32.42
CA ARG D 28 37.59 30.53 -32.67
C ARG D 28 37.53 31.17 -34.07
N GLU D 29 36.63 30.64 -34.91
CA GLU D 29 36.09 31.20 -36.18
C GLU D 29 35.33 32.51 -35.92
N GLU D 30 34.20 32.46 -35.20
CA GLU D 30 33.22 33.59 -35.18
C GLU D 30 33.70 34.68 -34.20
N PHE D 31 34.43 34.31 -33.14
CA PHE D 31 34.88 35.20 -32.04
C PHE D 31 36.35 35.62 -32.23
N GLY D 32 37.16 34.83 -32.93
CA GLY D 32 38.53 35.19 -33.36
C GLY D 32 39.59 34.81 -32.34
N ALA D 33 39.15 34.31 -31.18
CA ALA D 33 40.01 33.92 -30.03
C ALA D 33 39.59 32.53 -29.55
N GLU D 34 40.49 31.84 -28.84
CA GLU D 34 40.24 30.48 -28.27
C GLU D 34 39.17 30.61 -27.18
N PRO D 35 38.32 29.57 -27.00
CA PRO D 35 37.39 29.56 -25.89
C PRO D 35 38.24 29.32 -24.60
N GLU D 36 37.65 29.81 -23.48
CA GLU D 36 38.24 29.80 -22.11
C GLU D 36 37.74 28.58 -21.33
N LEU D 37 36.55 28.07 -21.62
CA LEU D 37 35.88 26.99 -20.82
C LEU D 37 34.82 26.25 -21.65
N ALA D 38 34.71 24.93 -21.45
CA ALA D 38 33.70 24.02 -22.06
C ALA D 38 32.86 23.38 -20.97
N VAL D 39 31.54 23.29 -21.20
CA VAL D 39 30.59 22.61 -20.29
C VAL D 39 29.71 21.70 -21.15
N SER D 40 29.02 20.77 -20.53
CA SER D 40 28.05 19.89 -21.22
C SER D 40 26.98 19.47 -20.24
N ALA D 41 25.78 19.15 -20.73
CA ALA D 41 24.73 18.42 -19.98
C ALA D 41 24.19 17.38 -20.92
N PRO D 42 23.84 16.17 -20.42
CA PRO D 42 23.38 15.08 -21.28
C PRO D 42 21.89 15.19 -21.60
N GLY D 43 21.51 14.50 -22.66
CA GLY D 43 20.15 13.99 -22.88
C GLY D 43 19.83 12.87 -21.89
N ARG D 44 18.57 12.43 -21.89
CA ARG D 44 18.15 11.33 -20.97
C ARG D 44 17.15 10.44 -21.69
N VAL D 45 17.11 9.18 -21.25
CA VAL D 45 16.00 8.24 -21.52
C VAL D 45 15.34 7.85 -20.19
N ASN D 46 14.04 7.68 -20.18
CA ASN D 46 13.30 7.16 -19.00
C ASN D 46 13.26 5.62 -19.12
N LEU D 47 13.87 4.89 -18.21
CA LEU D 47 13.82 3.41 -18.33
C LEU D 47 12.40 2.91 -18.02
N ILE D 48 11.73 3.53 -17.03
CA ILE D 48 10.36 3.16 -16.61
C ILE D 48 9.82 4.23 -15.67
N GLY D 49 8.49 4.44 -15.61
CA GLY D 49 7.83 5.29 -14.60
C GLY D 49 7.45 6.69 -15.07
N GLU D 50 7.58 7.05 -16.33
CA GLU D 50 7.76 8.49 -16.78
C GLU D 50 6.47 9.31 -16.56
N HIS D 51 5.26 8.70 -16.74
CA HIS D 51 3.96 9.43 -16.65
C HIS D 51 3.41 9.35 -15.25
N THR D 52 4.26 9.11 -14.27
CA THR D 52 3.84 9.01 -12.86
C THR D 52 4.29 10.27 -12.14
N ASP D 53 5.12 11.08 -12.79
CA ASP D 53 5.79 12.22 -12.09
C ASP D 53 4.77 13.31 -11.76
N TYR D 54 3.72 13.52 -12.57
CA TYR D 54 2.58 14.45 -12.31
C TYR D 54 1.68 13.92 -11.20
N ASN D 55 1.84 12.65 -10.82
CA ASN D 55 0.95 11.90 -9.90
C ASN D 55 1.76 11.49 -8.67
N GLN D 56 2.85 12.15 -8.34
CA GLN D 56 3.61 11.88 -7.09
C GLN D 56 4.21 10.47 -7.14
N GLY D 57 4.69 10.09 -8.34
CA GLY D 57 5.15 8.73 -8.64
C GLY D 57 6.64 8.60 -8.50
N LEU D 58 7.16 7.55 -9.16
CA LEU D 58 8.56 7.08 -9.17
C LEU D 58 9.00 7.01 -10.63
N VAL D 59 10.22 7.50 -10.91
CA VAL D 59 10.81 7.55 -12.28
C VAL D 59 12.24 7.09 -12.13
N LEU D 60 12.76 6.42 -13.16
CA LEU D 60 14.07 5.77 -13.15
C LEU D 60 14.75 6.17 -14.46
N PRO D 61 15.11 7.46 -14.61
CA PRO D 61 15.83 7.90 -15.80
C PRO D 61 17.32 7.59 -15.71
N MET D 62 17.97 7.62 -16.87
CA MET D 62 19.43 7.42 -17.08
C MET D 62 19.93 8.52 -18.01
N ALA D 63 21.05 9.19 -17.72
CA ALA D 63 21.60 10.21 -18.66
C ALA D 63 22.15 9.46 -19.87
N LEU D 64 22.08 10.01 -21.09
CA LEU D 64 22.53 9.30 -22.33
C LEU D 64 23.93 9.79 -22.75
N GLU D 65 24.67 9.00 -23.55
CA GLU D 65 25.92 9.47 -24.21
C GLU D 65 25.53 10.30 -25.45
N LEU D 66 24.59 11.24 -25.27
CA LEU D 66 24.19 12.32 -26.21
C LEU D 66 24.08 13.56 -25.36
N MET D 67 24.69 14.67 -25.76
CA MET D 67 24.76 15.83 -24.85
C MET D 67 24.69 17.13 -25.63
N THR D 68 24.54 18.22 -24.90
CA THR D 68 24.66 19.60 -25.39
C THR D 68 25.97 20.15 -24.79
N VAL D 69 26.65 21.01 -25.56
CA VAL D 69 27.96 21.61 -25.21
C VAL D 69 27.92 23.11 -25.49
N LEU D 70 28.19 23.93 -24.48
CA LEU D 70 28.58 25.34 -24.61
C LEU D 70 30.11 25.41 -24.46
N VAL D 71 30.78 25.95 -25.47
CA VAL D 71 32.24 26.19 -25.46
C VAL D 71 32.35 27.70 -25.70
N GLY D 72 32.90 28.45 -24.74
CA GLY D 72 32.71 29.92 -24.70
C GLY D 72 33.69 30.67 -23.82
N SER D 73 33.51 31.99 -23.71
CA SER D 73 34.36 32.93 -22.93
C SER D 73 33.57 34.18 -22.50
N PRO D 74 33.91 34.77 -21.32
CA PRO D 74 33.05 35.77 -20.67
C PRO D 74 33.16 37.23 -21.14
N ASP D 77 30.97 43.56 -25.24
CA ASP D 77 30.98 43.34 -23.77
C ASP D 77 29.67 43.90 -23.20
N GLY D 78 29.28 43.47 -22.00
CA GLY D 78 27.93 43.72 -21.44
C GLY D 78 26.83 43.07 -22.27
N LEU D 79 27.21 42.42 -23.39
CA LEU D 79 26.30 41.83 -24.41
C LEU D 79 26.47 40.31 -24.37
N VAL D 80 25.38 39.56 -24.57
CA VAL D 80 25.36 38.09 -24.79
C VAL D 80 25.38 37.79 -26.29
N SER D 81 26.40 37.11 -26.82
CA SER D 81 26.50 36.71 -28.25
C SER D 81 26.65 35.18 -28.35
N LEU D 82 25.73 34.51 -29.07
CA LEU D 82 25.71 33.02 -29.26
C LEU D 82 25.78 32.68 -30.75
N LEU D 83 26.48 31.58 -31.11
CA LEU D 83 26.37 30.86 -32.42
C LEU D 83 26.15 29.37 -32.14
N THR D 84 25.27 28.70 -32.90
CA THR D 84 24.92 27.26 -32.73
C THR D 84 25.21 26.46 -34.02
N THR D 85 24.85 25.16 -34.04
CA THR D 85 25.07 24.21 -35.17
C THR D 85 24.00 23.10 -35.14
N GLN D 93 21.37 30.92 -36.63
CA GLN D 93 22.82 30.60 -36.53
C GLN D 93 23.52 31.56 -35.55
N ARG D 94 23.34 32.87 -35.71
CA ARG D 94 23.97 33.93 -34.87
C ARG D 94 22.89 34.58 -33.97
N LEU D 95 23.29 35.40 -32.99
CA LEU D 95 22.40 36.20 -32.08
C LEU D 95 23.26 37.02 -31.11
N GLN D 96 22.91 38.28 -30.87
CA GLN D 96 23.61 39.19 -29.92
C GLN D 96 22.55 40.03 -29.17
N PHE D 97 22.47 39.89 -27.84
CA PHE D 97 21.45 40.48 -26.92
C PHE D 97 22.14 41.21 -25.76
N PRO D 98 21.65 42.38 -25.27
CA PRO D 98 22.07 42.87 -23.94
C PRO D 98 21.50 42.04 -22.77
N LEU D 99 22.11 42.13 -21.59
CA LEU D 99 21.65 41.46 -20.33
C LEU D 99 20.42 42.20 -19.80
N PRO D 100 19.49 41.50 -19.10
CA PRO D 100 18.36 42.16 -18.43
C PRO D 100 18.81 43.04 -17.25
N THR D 101 18.20 44.23 -17.10
CA THR D 101 18.36 45.17 -15.94
C THR D 101 17.26 44.88 -14.91
N ALA D 102 17.22 45.65 -13.82
CA ALA D 102 16.07 45.69 -12.87
C ALA D 102 14.84 46.17 -13.65
N GLN D 103 14.97 47.30 -14.35
CA GLN D 103 13.88 48.05 -15.05
C GLN D 103 13.68 47.54 -16.49
N ARG D 104 14.36 46.47 -16.92
CA ARG D 104 14.17 45.84 -18.25
C ARG D 104 14.32 44.31 -18.14
N SER D 105 13.23 43.56 -18.34
CA SER D 105 13.21 42.08 -18.45
C SER D 105 13.73 41.65 -19.83
N LEU D 106 14.19 40.39 -19.96
CA LEU D 106 14.59 39.76 -21.25
C LEU D 106 13.32 39.49 -22.06
N GLU D 107 13.43 38.95 -23.28
CA GLU D 107 12.29 38.76 -24.23
C GLU D 107 12.53 37.59 -25.18
N PRO D 108 11.59 36.60 -25.29
CA PRO D 108 11.70 35.54 -26.30
C PRO D 108 11.45 36.03 -27.75
N GLY D 109 11.43 35.10 -28.72
CA GLY D 109 11.24 35.38 -30.16
C GLY D 109 12.29 34.69 -31.03
N THR D 110 13.06 35.50 -31.80
CA THR D 110 14.27 35.13 -32.61
C THR D 110 14.12 33.73 -33.21
N PRO D 111 15.16 32.85 -33.13
CA PRO D 111 14.98 31.40 -33.33
C PRO D 111 14.61 30.69 -32.01
N ARG D 112 13.87 29.58 -32.07
CA ARG D 112 13.34 28.88 -30.86
C ARG D 112 14.52 28.47 -29.94
N TRP D 113 15.61 27.94 -30.54
CA TRP D 113 16.94 27.67 -29.91
C TRP D 113 17.16 28.62 -28.72
N ALA D 114 17.33 29.90 -29.04
CA ALA D 114 17.82 30.99 -28.17
C ALA D 114 16.93 31.21 -26.94
N ASN D 115 15.63 30.92 -27.03
CA ASN D 115 14.61 31.10 -25.95
C ASN D 115 15.06 30.46 -24.62
N TYR D 116 15.57 29.24 -24.69
CA TYR D 116 15.97 28.44 -23.48
C TYR D 116 17.11 29.16 -22.76
N VAL D 117 18.12 29.58 -23.52
CA VAL D 117 19.34 30.29 -23.04
C VAL D 117 18.91 31.62 -22.39
N LYS D 118 17.93 32.30 -22.99
CA LYS D 118 17.53 33.68 -22.56
C LYS D 118 16.71 33.52 -21.28
N GLY D 119 15.84 32.50 -21.24
CA GLY D 119 15.17 32.04 -20.01
C GLY D 119 16.17 31.94 -18.88
N VAL D 120 17.16 31.05 -19.00
CA VAL D 120 18.12 30.68 -17.91
C VAL D 120 18.84 31.97 -17.47
N ILE D 121 19.25 32.78 -18.44
CA ILE D 121 19.80 34.12 -18.11
C ILE D 121 18.75 34.85 -17.25
N GLN D 122 17.50 34.95 -17.72
CA GLN D 122 16.46 35.81 -17.08
C GLN D 122 16.26 35.39 -15.61
N TYR D 123 16.36 34.09 -15.32
CA TYR D 123 16.00 33.55 -13.98
C TYR D 123 17.25 33.07 -13.22
N TYR D 124 18.46 33.37 -13.72
CA TYR D 124 19.73 33.02 -13.03
C TYR D 124 19.84 33.83 -11.73
N PRO D 125 19.96 33.15 -10.57
CA PRO D 125 19.84 33.81 -9.27
C PRO D 125 21.08 34.49 -8.69
N ALA D 126 22.19 34.60 -9.43
CA ALA D 126 23.51 35.02 -8.87
C ALA D 126 23.86 36.41 -9.40
N ALA D 127 24.09 37.34 -8.48
CA ALA D 127 23.95 38.79 -8.76
C ALA D 127 24.87 39.17 -9.91
N PRO D 128 26.22 39.09 -9.79
CA PRO D 128 27.10 39.81 -10.71
C PRO D 128 27.40 39.10 -12.05
N LEU D 129 26.37 38.67 -12.80
CA LEU D 129 26.47 37.83 -14.03
C LEU D 129 26.89 38.72 -15.20
N PRO D 130 28.10 38.50 -15.78
CA PRO D 130 28.58 39.28 -16.93
C PRO D 130 27.99 38.86 -18.28
N GLY D 131 28.31 39.61 -19.33
CA GLY D 131 28.12 39.16 -20.73
C GLY D 131 28.89 37.81 -20.94
N PHE D 132 28.85 37.34 -22.25
CA PHE D 132 29.67 36.19 -22.70
C PHE D 132 29.42 35.78 -24.16
N SER D 133 30.51 35.39 -24.85
CA SER D 133 30.48 34.71 -26.17
C SER D 133 30.38 33.18 -25.97
N ALA D 134 29.51 32.49 -26.70
CA ALA D 134 29.25 31.04 -26.58
C ALA D 134 28.94 30.39 -27.93
N VAL D 135 29.40 29.15 -28.14
CA VAL D 135 28.98 28.24 -29.25
C VAL D 135 28.17 27.10 -28.62
N VAL D 136 26.95 26.84 -29.14
CA VAL D 136 26.04 25.76 -28.65
C VAL D 136 25.97 24.67 -29.72
N VAL D 137 26.39 23.45 -29.38
CA VAL D 137 26.28 22.25 -30.25
C VAL D 137 25.70 21.10 -29.42
N SER D 138 25.07 20.13 -30.09
CA SER D 138 24.26 19.07 -29.45
C SER D 138 24.20 17.83 -30.33
N SER D 139 24.23 16.66 -29.71
CA SER D 139 24.15 15.34 -30.36
C SER D 139 22.76 14.76 -30.03
N VAL D 140 21.97 15.53 -29.27
CA VAL D 140 20.61 15.11 -28.83
C VAL D 140 19.69 15.46 -29.98
N PRO D 141 19.04 14.44 -30.62
CA PRO D 141 18.18 14.67 -31.78
C PRO D 141 16.98 15.48 -31.31
N LEU D 142 16.63 16.55 -32.02
CA LEU D 142 15.36 17.31 -31.81
C LEU D 142 14.19 16.37 -32.15
N GLY D 143 13.11 16.42 -31.36
CA GLY D 143 11.87 15.67 -31.66
C GLY D 143 11.86 14.26 -31.06
N GLY D 144 12.99 13.74 -30.59
CA GLY D 144 13.13 12.34 -30.16
C GLY D 144 12.68 12.14 -28.73
N GLY D 145 12.20 13.20 -28.09
CA GLY D 145 11.88 13.23 -26.65
C GLY D 145 13.00 12.64 -25.82
N LEU D 146 14.24 12.90 -26.24
CA LEU D 146 15.45 12.52 -25.48
C LEU D 146 15.97 13.74 -24.70
N SER D 147 15.13 14.75 -24.47
CA SER D 147 15.31 15.89 -23.54
C SER D 147 16.39 16.84 -24.12
N SER D 148 16.35 17.12 -25.43
CA SER D 148 17.14 18.16 -26.13
C SER D 148 17.11 19.49 -25.35
N SER D 149 15.93 19.94 -24.97
CA SER D 149 15.75 21.30 -24.40
C SER D 149 16.34 21.36 -22.99
N ALA D 150 16.00 20.40 -22.13
CA ALA D 150 16.57 20.27 -20.76
C ALA D 150 18.11 20.24 -20.80
N SER D 151 18.72 19.53 -21.75
CA SER D 151 20.20 19.37 -21.79
C SER D 151 20.84 20.73 -22.12
N LEU D 152 20.24 21.45 -23.09
CA LEU D 152 20.55 22.86 -23.45
C LEU D 152 20.42 23.75 -22.21
N GLU D 153 19.24 23.78 -21.55
CA GLU D 153 18.99 24.71 -20.43
C GLU D 153 20.00 24.43 -19.30
N VAL D 154 20.27 23.15 -19.06
CA VAL D 154 21.14 22.73 -17.91
C VAL D 154 22.59 23.11 -18.27
N ALA D 155 23.07 22.79 -19.49
CA ALA D 155 24.42 23.11 -19.99
C ALA D 155 24.60 24.63 -19.98
N THR D 156 23.52 25.36 -20.27
CA THR D 156 23.44 26.85 -20.26
C THR D 156 23.60 27.32 -18.82
N TYR D 157 22.80 26.79 -17.91
CA TYR D 157 22.92 27.04 -16.45
C TYR D 157 24.39 26.80 -16.03
N THR D 158 25.04 25.75 -16.56
CA THR D 158 26.35 25.21 -16.08
C THR D 158 27.46 26.20 -16.47
N PHE D 159 27.38 26.72 -17.70
CA PHE D 159 28.21 27.81 -18.24
C PHE D 159 28.04 29.06 -17.37
N LEU D 160 26.81 29.48 -17.05
CA LEU D 160 26.55 30.69 -16.20
C LEU D 160 27.26 30.51 -14.86
N GLN D 161 27.31 29.29 -14.32
CA GLN D 161 27.94 28.98 -13.01
C GLN D 161 29.44 29.30 -13.06
N GLN D 162 30.10 29.10 -14.22
CA GLN D 162 31.54 29.45 -14.43
C GLN D 162 31.68 30.97 -14.51
N LEU D 163 30.68 31.70 -15.03
CA LEU D 163 30.75 33.18 -15.18
C LEU D 163 30.37 33.86 -13.87
N CYS D 164 29.55 33.24 -13.03
CA CYS D 164 29.14 33.86 -11.74
C CYS D 164 28.53 32.83 -10.82
N PRO D 165 29.27 32.28 -9.84
CA PRO D 165 28.77 31.20 -8.98
C PRO D 165 27.56 31.44 -8.03
N ASP D 166 26.53 30.58 -8.11
CA ASP D 166 25.33 30.61 -7.23
C ASP D 166 25.69 29.89 -5.93
N SER D 167 25.09 30.23 -4.80
CA SER D 167 25.31 29.50 -3.52
C SER D 167 24.18 28.46 -3.34
N GLY D 168 23.54 28.05 -4.45
CA GLY D 168 22.22 27.40 -4.43
C GLY D 168 22.29 25.89 -4.30
N THR D 169 21.14 25.23 -4.51
CA THR D 169 20.91 23.78 -4.33
C THR D 169 20.57 23.19 -5.70
N ILE D 170 20.66 21.85 -5.85
CA ILE D 170 20.26 21.13 -7.08
C ILE D 170 18.83 21.58 -7.43
N ALA D 171 17.84 21.37 -6.53
CA ALA D 171 16.41 21.73 -6.69
C ALA D 171 16.23 23.14 -7.27
N ALA D 172 16.76 24.16 -6.59
CA ALA D 172 16.72 25.58 -7.01
C ALA D 172 17.23 25.72 -8.46
N ARG D 173 18.31 25.00 -8.84
CA ARG D 173 18.83 25.02 -10.24
C ARG D 173 17.73 24.45 -11.15
N ALA D 174 17.14 23.34 -10.75
CA ALA D 174 16.06 22.67 -11.52
C ALA D 174 14.89 23.65 -11.64
N GLN D 175 14.52 24.33 -10.55
CA GLN D 175 13.41 25.32 -10.54
C GLN D 175 13.68 26.30 -11.69
N VAL D 176 14.83 26.99 -11.63
CA VAL D 176 15.26 28.04 -12.59
C VAL D 176 15.04 27.56 -14.03
N CYS D 177 15.43 26.31 -14.31
CA CYS D 177 15.42 25.71 -15.67
C CYS D 177 13.96 25.45 -16.12
N GLN D 178 13.06 25.02 -15.21
CA GLN D 178 11.63 24.73 -15.53
C GLN D 178 10.89 26.06 -15.74
N GLN D 179 11.21 27.10 -14.97
CA GLN D 179 10.62 28.46 -15.12
C GLN D 179 11.24 29.20 -16.33
N ALA D 180 12.14 28.58 -17.11
CA ALA D 180 12.66 29.11 -18.39
C ALA D 180 11.97 28.39 -19.55
N GLU D 181 11.41 27.20 -19.31
CA GLU D 181 10.43 26.56 -20.24
C GLU D 181 9.10 27.30 -20.05
N HIS D 182 8.42 27.09 -18.91
CA HIS D 182 7.05 27.59 -18.61
C HIS D 182 6.95 29.12 -18.68
N SER D 183 7.93 29.81 -19.28
CA SER D 183 7.87 31.27 -19.61
C SER D 183 8.80 31.67 -20.78
N PHE D 184 9.36 30.75 -21.57
CA PHE D 184 10.09 31.08 -22.84
C PHE D 184 9.86 30.03 -23.94
N ALA D 185 8.92 29.09 -23.81
CA ALA D 185 8.54 28.14 -24.90
C ALA D 185 7.15 27.56 -24.62
N ILE D 191 11.33 19.91 -13.12
CA ILE D 191 10.73 18.55 -13.31
C ILE D 191 11.88 17.54 -13.50
N MET D 192 11.54 16.25 -13.60
CA MET D 192 12.51 15.11 -13.63
C MET D 192 13.63 15.40 -14.64
N ASP D 193 13.33 16.15 -15.71
CA ASP D 193 14.18 16.23 -16.93
C ASP D 193 15.44 17.07 -16.65
N GLN D 194 15.28 18.13 -15.87
CA GLN D 194 16.39 18.97 -15.38
C GLN D 194 17.18 18.16 -14.36
N PHE D 195 16.50 17.46 -13.45
CA PHE D 195 17.10 16.70 -12.32
C PHE D 195 18.13 15.72 -12.90
N ILE D 196 17.79 15.05 -14.00
CA ILE D 196 18.63 13.92 -14.49
C ILE D 196 19.80 14.55 -15.26
N SER D 197 19.56 15.61 -16.01
CA SER D 197 20.62 16.33 -16.75
C SER D 197 21.69 16.84 -15.76
N LEU D 198 21.26 17.41 -14.63
CA LEU D 198 22.13 17.87 -13.51
C LEU D 198 22.81 16.65 -12.86
N MET D 199 22.05 15.61 -12.46
CA MET D 199 22.45 14.68 -11.35
C MET D 199 22.91 13.31 -11.87
N GLY D 200 22.83 13.10 -13.17
CA GLY D 200 23.32 11.84 -13.76
C GLY D 200 24.77 11.57 -13.40
N GLN D 201 25.16 10.30 -13.42
CA GLN D 201 26.55 9.84 -13.24
C GLN D 201 26.74 8.62 -14.13
N LYS D 202 27.90 8.54 -14.78
CA LYS D 202 28.28 7.34 -15.56
C LYS D 202 27.98 6.06 -14.75
N GLY D 203 27.34 5.12 -15.43
CA GLY D 203 27.11 3.73 -14.94
C GLY D 203 26.07 3.68 -13.83
N HIS D 204 25.14 4.61 -13.79
CA HIS D 204 24.09 4.73 -12.76
C HIS D 204 22.78 5.17 -13.38
N ALA D 205 21.68 4.75 -12.78
CA ALA D 205 20.35 5.29 -13.06
C ALA D 205 19.97 6.16 -11.87
N LEU D 206 19.05 7.07 -12.06
CA LEU D 206 18.60 7.94 -10.96
C LEU D 206 17.15 7.52 -10.64
N LEU D 207 16.91 6.86 -9.50
CA LEU D 207 15.54 6.68 -8.94
C LEU D 207 15.08 8.01 -8.34
N ILE D 208 14.03 8.61 -8.89
CA ILE D 208 13.40 9.82 -8.30
C ILE D 208 11.99 9.53 -7.78
N ASP D 209 11.84 9.69 -6.48
CA ASP D 209 10.53 9.71 -5.78
C ASP D 209 9.95 11.12 -5.91
N CYS D 210 8.90 11.30 -6.70
CA CYS D 210 8.32 12.65 -6.95
C CYS D 210 7.33 13.06 -5.83
N ARG D 211 7.14 12.26 -4.77
CA ARG D 211 6.29 12.69 -3.62
C ARG D 211 7.21 13.47 -2.67
N SER D 212 8.18 12.77 -2.07
CA SER D 212 9.41 13.32 -1.47
C SER D 212 10.42 13.48 -2.60
N LEU D 213 11.00 14.65 -2.83
CA LEU D 213 12.03 14.74 -3.90
C LEU D 213 13.25 13.87 -3.50
N GLU D 214 13.07 12.70 -2.89
CA GLU D 214 14.15 11.71 -2.60
C GLU D 214 14.70 11.13 -3.91
N THR D 215 16.01 11.03 -4.04
CA THR D 215 16.69 10.44 -5.22
C THR D 215 17.75 9.47 -4.72
N SER D 216 18.01 8.44 -5.52
CA SER D 216 19.16 7.53 -5.34
C SER D 216 19.87 7.32 -6.68
N LEU D 217 21.15 7.10 -6.61
CA LEU D 217 21.98 6.70 -7.74
C LEU D 217 22.18 5.22 -7.59
N VAL D 218 21.58 4.47 -8.49
CA VAL D 218 21.65 3.01 -8.50
C VAL D 218 22.70 2.60 -9.52
N PRO D 219 23.74 1.86 -9.10
CA PRO D 219 24.78 1.42 -10.03
C PRO D 219 24.16 0.46 -11.05
N LEU D 220 24.51 0.65 -12.33
CA LEU D 220 24.32 -0.36 -13.40
C LEU D 220 25.57 -1.23 -13.40
N SER D 221 25.41 -2.46 -12.85
CA SER D 221 26.46 -3.34 -12.25
C SER D 221 27.10 -4.30 -13.28
N ASP D 222 26.77 -4.19 -14.58
CA ASP D 222 27.03 -5.24 -15.59
C ASP D 222 27.51 -4.57 -16.87
N PRO D 223 28.81 -4.67 -17.20
CA PRO D 223 29.36 -4.05 -18.40
C PRO D 223 28.84 -4.69 -19.70
N LYS D 224 28.46 -5.97 -19.64
CA LYS D 224 27.86 -6.77 -20.73
C LYS D 224 26.51 -6.15 -21.19
N LEU D 225 25.85 -5.35 -20.36
CA LEU D 225 24.52 -4.79 -20.68
C LEU D 225 24.66 -3.43 -21.38
N ALA D 226 23.64 -3.10 -22.15
CA ALA D 226 23.55 -1.85 -22.92
C ALA D 226 22.08 -1.48 -23.09
N VAL D 227 21.85 -0.23 -23.49
CA VAL D 227 20.52 0.34 -23.75
C VAL D 227 20.49 0.79 -25.20
N LEU D 228 19.55 0.21 -25.95
CA LEU D 228 19.30 0.56 -27.36
C LEU D 228 18.10 1.50 -27.41
N ILE D 229 18.35 2.71 -27.88
CA ILE D 229 17.31 3.71 -28.15
C ILE D 229 17.00 3.62 -29.61
N THR D 230 15.74 3.41 -29.97
CA THR D 230 15.28 3.33 -31.37
C THR D 230 14.27 4.45 -31.56
N ASN D 231 14.55 5.41 -32.42
CA ASN D 231 13.64 6.52 -32.81
C ASN D 231 12.76 6.04 -33.99
N SER D 232 11.44 6.06 -33.79
CA SER D 232 10.41 5.70 -34.80
C SER D 232 10.42 6.72 -35.95
N ASN D 233 10.96 7.91 -35.67
CA ASN D 233 10.99 9.09 -36.59
C ASN D 233 9.55 9.38 -37.02
N VAL D 234 8.57 9.14 -36.14
CA VAL D 234 7.17 9.63 -36.33
C VAL D 234 6.76 10.45 -35.10
N ARG D 235 5.86 11.40 -35.28
CA ARG D 235 5.21 12.17 -34.20
C ARG D 235 3.74 12.42 -34.59
N HIS D 236 2.78 11.72 -34.00
CA HIS D 236 1.37 11.72 -34.48
C HIS D 236 0.48 12.76 -33.79
N SER D 237 0.93 13.37 -32.69
CA SER D 237 0.06 14.16 -31.78
C SER D 237 0.87 15.12 -30.94
N LEU D 238 0.49 16.40 -30.97
CA LEU D 238 0.84 17.46 -29.99
C LEU D 238 0.64 16.91 -28.56
N ALA D 239 1.57 17.18 -27.63
CA ALA D 239 1.44 16.79 -26.19
C ALA D 239 0.29 17.54 -25.49
N SER D 240 0.01 18.81 -25.85
CA SER D 240 -1.12 19.64 -25.37
C SER D 240 -2.47 18.92 -25.64
N SER D 241 -2.56 18.11 -26.69
CA SER D 241 -3.79 17.38 -27.12
C SER D 241 -4.01 16.14 -26.26
N GLU D 242 -3.04 15.72 -25.42
CA GLU D 242 -2.96 14.33 -24.88
C GLU D 242 -2.77 14.27 -23.35
N TYR D 243 -1.81 15.02 -22.81
CA TYR D 243 -1.42 14.94 -21.38
C TYR D 243 -2.33 15.74 -20.46
N PRO D 244 -2.91 16.91 -20.83
CA PRO D 244 -3.90 17.58 -19.98
C PRO D 244 -5.15 16.76 -19.63
N VAL D 245 -5.86 16.27 -20.63
CA VAL D 245 -7.09 15.44 -20.48
C VAL D 245 -6.76 14.22 -19.60
N ARG D 246 -5.58 13.62 -19.70
CA ARG D 246 -5.22 12.42 -18.90
C ARG D 246 -4.79 12.82 -17.47
N ARG D 247 -4.06 13.94 -17.31
CA ARG D 247 -3.79 14.51 -15.95
C ARG D 247 -5.15 14.72 -15.23
N ARG D 248 -6.21 15.11 -15.95
CA ARG D 248 -7.53 15.44 -15.33
C ARG D 248 -8.23 14.14 -14.92
N GLN D 249 -8.35 13.16 -15.84
CA GLN D 249 -8.97 11.83 -15.58
C GLN D 249 -8.29 11.20 -14.36
N CYS D 250 -6.98 11.41 -14.21
CA CYS D 250 -6.19 10.85 -13.07
C CYS D 250 -6.63 11.54 -11.77
N GLU D 251 -6.68 12.88 -11.76
CA GLU D 251 -7.15 13.69 -10.60
C GLU D 251 -8.57 13.24 -10.18
N GLU D 252 -9.47 13.08 -11.14
CA GLU D 252 -10.91 12.71 -10.96
C GLU D 252 -11.01 11.28 -10.42
N VAL D 253 -10.05 10.42 -10.74
CA VAL D 253 -10.04 9.04 -10.16
C VAL D 253 -9.49 9.12 -8.74
N ALA D 254 -8.40 9.84 -8.49
CA ALA D 254 -7.96 10.06 -7.10
C ALA D 254 -9.21 10.45 -6.29
N ARG D 255 -9.90 11.53 -6.73
CA ARG D 255 -10.96 12.23 -5.97
C ARG D 255 -12.08 11.24 -5.58
N ALA D 256 -12.53 10.45 -6.55
CA ALA D 256 -13.59 9.42 -6.47
C ALA D 256 -13.24 8.35 -5.41
N LEU D 257 -11.93 8.17 -5.12
CA LEU D 257 -11.33 7.20 -4.13
C LEU D 257 -10.81 7.90 -2.85
N GLY D 258 -11.13 9.18 -2.66
CA GLY D 258 -10.72 9.98 -1.48
C GLY D 258 -9.20 10.11 -1.37
N ALA D 259 -8.48 9.97 -2.47
CA ALA D 259 -7.01 10.11 -2.43
C ALA D 259 -6.60 11.50 -2.93
N ALA D 260 -5.52 12.01 -2.32
CA ALA D 260 -4.81 13.25 -2.68
C ALA D 260 -4.12 13.13 -4.06
N SER D 261 -3.35 12.04 -4.27
CA SER D 261 -2.58 11.66 -5.49
C SER D 261 -2.95 10.21 -5.84
N LEU D 262 -2.61 9.80 -7.05
CA LEU D 262 -2.71 8.38 -7.48
C LEU D 262 -1.58 7.55 -6.80
N ARG D 263 -0.59 8.18 -6.15
CA ARG D 263 0.47 7.51 -5.34
C ARG D 263 -0.08 7.00 -4.01
N GLU D 264 -1.23 7.52 -3.62
CA GLU D 264 -1.95 7.13 -2.38
C GLU D 264 -2.94 6.02 -2.72
N VAL D 265 -3.11 5.69 -4.01
CA VAL D 265 -4.05 4.62 -4.43
C VAL D 265 -3.30 3.31 -4.58
N GLN D 266 -3.70 2.28 -3.83
CA GLN D 266 -3.20 0.89 -3.93
C GLN D 266 -3.93 0.29 -5.16
N LEU D 267 -3.23 -0.49 -5.98
CA LEU D 267 -3.80 -1.08 -7.21
C LEU D 267 -5.03 -1.96 -6.90
N GLU D 268 -5.06 -2.67 -5.76
CA GLU D 268 -6.17 -3.63 -5.54
C GLU D 268 -7.44 -2.82 -5.20
N GLU D 269 -7.31 -1.72 -4.45
CA GLU D 269 -8.47 -0.82 -4.20
C GLU D 269 -8.97 -0.41 -5.58
N LEU D 270 -8.06 0.01 -6.46
CA LEU D 270 -8.50 0.66 -7.71
C LEU D 270 -9.33 -0.34 -8.52
N GLU D 271 -8.86 -1.57 -8.69
CA GLU D 271 -9.55 -2.58 -9.55
C GLU D 271 -10.89 -3.03 -8.93
N ALA D 272 -11.15 -2.71 -7.66
CA ALA D 272 -12.44 -2.95 -6.98
C ALA D 272 -13.32 -1.70 -7.03
N ALA D 273 -12.91 -0.63 -7.72
CA ALA D 273 -13.63 0.66 -7.72
C ALA D 273 -14.04 1.03 -9.15
N ARG D 274 -14.15 0.03 -10.02
CA ARG D 274 -14.54 0.28 -11.43
C ARG D 274 -15.86 1.06 -11.40
N ASP D 275 -16.81 0.78 -10.50
CA ASP D 275 -18.15 1.43 -10.51
C ASP D 275 -18.02 2.90 -10.03
N LEU D 276 -16.88 3.40 -9.53
CA LEU D 276 -16.95 4.79 -8.98
C LEU D 276 -16.23 5.85 -9.84
N VAL D 277 -15.93 5.54 -11.11
CA VAL D 277 -15.12 6.36 -12.07
C VAL D 277 -15.43 5.90 -13.51
N SER D 278 -15.20 6.74 -14.52
CA SER D 278 -15.47 6.40 -15.94
C SER D 278 -14.63 5.19 -16.40
N LYS D 279 -14.98 4.62 -17.55
CA LYS D 279 -14.26 3.45 -18.15
C LYS D 279 -12.84 3.89 -18.62
N GLU D 280 -12.72 5.03 -19.29
CA GLU D 280 -11.40 5.62 -19.67
C GLU D 280 -10.63 6.10 -18.44
N GLY D 281 -11.28 6.79 -17.50
CA GLY D 281 -10.58 7.34 -16.33
C GLY D 281 -9.91 6.20 -15.59
N PHE D 282 -10.57 5.06 -15.58
CA PHE D 282 -10.14 3.88 -14.82
C PHE D 282 -8.80 3.39 -15.39
N ARG D 283 -8.80 3.11 -16.69
CA ARG D 283 -7.63 2.68 -17.47
C ARG D 283 -6.49 3.70 -17.27
N ARG D 284 -6.77 5.01 -17.37
CA ARG D 284 -5.68 6.02 -17.23
C ARG D 284 -5.04 5.85 -15.86
N ALA D 285 -5.87 5.77 -14.84
CA ALA D 285 -5.45 5.67 -13.42
C ALA D 285 -4.72 4.34 -13.19
N ARG D 286 -5.15 3.30 -13.89
CA ARG D 286 -4.59 1.94 -13.70
C ARG D 286 -3.16 1.91 -14.27
N HIS D 287 -2.92 2.55 -15.42
CA HIS D 287 -1.54 2.63 -15.96
C HIS D 287 -0.66 3.24 -14.88
N VAL D 288 -1.11 4.35 -14.29
CA VAL D 288 -0.29 5.17 -13.33
C VAL D 288 -0.02 4.36 -12.07
N VAL D 289 -1.05 3.79 -11.41
CA VAL D 289 -0.75 3.15 -10.10
C VAL D 289 0.00 1.86 -10.39
N GLY D 290 -0.19 1.23 -11.55
CA GLY D 290 0.57 0.03 -11.92
C GLY D 290 2.02 0.41 -12.15
N GLU D 291 2.25 1.51 -12.88
CA GLU D 291 3.60 2.03 -13.20
C GLU D 291 4.36 2.39 -11.93
N ILE D 292 3.78 3.03 -10.94
CA ILE D 292 4.46 3.33 -9.64
C ILE D 292 4.93 2.02 -9.01
N ARG D 293 4.04 1.05 -8.87
CA ARG D 293 4.39 -0.31 -8.37
C ARG D 293 5.54 -0.89 -9.21
N ARG D 294 5.40 -0.97 -10.54
CA ARG D 294 6.36 -1.62 -11.44
C ARG D 294 7.73 -0.94 -11.28
N THR D 295 7.75 0.37 -11.01
CA THR D 295 8.97 1.18 -10.99
C THR D 295 9.72 0.86 -9.70
N ALA D 296 9.02 0.71 -8.58
CA ALA D 296 9.69 0.30 -7.33
C ALA D 296 10.24 -1.12 -7.51
N GLN D 297 9.53 -1.98 -8.24
CA GLN D 297 9.97 -3.37 -8.55
C GLN D 297 11.18 -3.34 -9.50
N ALA D 298 11.19 -2.43 -10.49
CA ALA D 298 12.32 -2.22 -11.41
C ALA D 298 13.58 -1.86 -10.61
N ALA D 299 13.48 -0.91 -9.69
CA ALA D 299 14.62 -0.49 -8.88
C ALA D 299 15.12 -1.69 -8.09
N ALA D 300 14.22 -2.45 -7.46
CA ALA D 300 14.62 -3.63 -6.63
C ALA D 300 15.34 -4.65 -7.53
N ALA D 301 14.86 -4.84 -8.76
CA ALA D 301 15.47 -5.79 -9.73
C ALA D 301 16.89 -5.32 -10.03
N LEU D 302 17.07 -4.03 -10.29
CA LEU D 302 18.38 -3.38 -10.50
C LEU D 302 19.29 -3.78 -9.33
N ARG D 303 18.88 -3.53 -8.08
CA ARG D 303 19.72 -3.71 -6.88
C ARG D 303 20.16 -5.17 -6.71
N ARG D 304 19.46 -6.15 -7.23
CA ARG D 304 19.90 -7.57 -7.06
C ARG D 304 20.43 -8.10 -8.40
N GLY D 305 20.68 -7.18 -9.33
CA GLY D 305 21.25 -7.43 -10.67
C GLY D 305 20.37 -8.38 -11.47
N ASP D 306 19.05 -8.36 -11.25
CA ASP D 306 18.08 -9.21 -11.99
C ASP D 306 17.57 -8.44 -13.22
N TYR D 307 18.42 -8.30 -14.24
CA TYR D 307 18.10 -7.51 -15.46
C TYR D 307 16.99 -8.23 -16.26
N ARG D 308 16.79 -9.52 -16.05
CA ARG D 308 15.68 -10.29 -16.67
C ARG D 308 14.35 -9.72 -16.18
N ALA D 309 14.12 -9.77 -14.88
CA ALA D 309 12.99 -9.13 -14.18
C ALA D 309 12.85 -7.65 -14.58
N PHE D 310 13.95 -6.89 -14.69
CA PHE D 310 13.88 -5.45 -15.06
C PHE D 310 13.22 -5.41 -16.43
N GLY D 311 13.69 -6.28 -17.31
CA GLY D 311 13.22 -6.30 -18.71
C GLY D 311 11.75 -6.69 -18.83
N ARG D 312 11.27 -7.63 -18.04
CA ARG D 312 9.82 -7.98 -18.05
C ARG D 312 9.00 -6.78 -17.50
N LEU D 313 9.47 -6.10 -16.45
CA LEU D 313 8.74 -4.90 -15.96
C LEU D 313 8.71 -3.84 -17.05
N MET D 314 9.77 -3.75 -17.86
CA MET D 314 9.74 -2.81 -19.01
C MET D 314 8.58 -3.19 -19.95
N VAL D 315 8.50 -4.46 -20.36
CA VAL D 315 7.46 -4.94 -21.31
C VAL D 315 6.09 -4.70 -20.67
N GLU D 316 5.91 -4.97 -19.38
CA GLU D 316 4.64 -4.71 -18.66
C GLU D 316 4.28 -3.22 -18.71
N SER D 317 5.31 -2.35 -18.68
CA SER D 317 5.17 -0.87 -18.79
C SER D 317 4.67 -0.55 -20.18
N HIS D 318 5.20 -1.16 -21.22
CA HIS D 318 4.77 -0.80 -22.59
C HIS D 318 3.29 -1.14 -22.76
N ARG D 319 2.86 -2.30 -22.26
CA ARG D 319 1.48 -2.84 -22.50
C ARG D 319 0.49 -1.99 -21.73
N SER D 320 0.86 -1.62 -20.52
CA SER D 320 0.09 -0.64 -19.72
C SER D 320 0.04 0.68 -20.49
N LEU D 321 1.11 1.12 -21.15
CA LEU D 321 1.06 2.41 -21.89
C LEU D 321 0.24 2.20 -23.15
N ARG D 322 0.34 1.02 -23.76
CA ARG D 322 -0.33 0.68 -25.06
C ARG D 322 -1.87 0.62 -24.88
N ASP D 323 -2.39 0.03 -23.78
CA ASP D 323 -3.82 -0.40 -23.61
C ASP D 323 -4.52 0.44 -22.55
N ASP D 324 -3.87 0.74 -21.42
CA ASP D 324 -4.49 1.55 -20.34
C ASP D 324 -4.32 3.05 -20.61
N TYR D 325 -3.07 3.54 -20.78
CA TYR D 325 -2.83 5.00 -20.94
C TYR D 325 -3.11 5.37 -22.37
N GLU D 326 -2.91 4.41 -23.27
CA GLU D 326 -3.22 4.53 -24.72
C GLU D 326 -2.38 5.70 -25.25
N VAL D 327 -1.06 5.70 -25.02
CA VAL D 327 -0.17 6.77 -25.57
C VAL D 327 0.86 6.16 -26.51
N SER D 328 0.73 4.89 -26.88
CA SER D 328 1.61 4.22 -27.87
C SER D 328 1.06 4.53 -29.25
N CYS D 329 1.58 3.89 -30.28
CA CYS D 329 1.03 3.96 -31.66
C CYS D 329 1.53 2.70 -32.37
N PRO D 330 1.06 2.42 -33.61
CA PRO D 330 1.42 1.17 -34.26
C PRO D 330 2.94 1.05 -34.43
N GLU D 331 3.60 2.14 -34.86
CA GLU D 331 5.06 2.20 -35.07
C GLU D 331 5.79 1.82 -33.77
N LEU D 332 5.37 2.33 -32.61
CA LEU D 332 6.11 1.97 -31.38
C LEU D 332 5.87 0.50 -31.08
N ASP D 333 4.66 0.02 -31.36
CA ASP D 333 4.24 -1.36 -31.00
C ASP D 333 5.01 -2.34 -31.89
N GLN D 334 5.34 -1.95 -33.13
CA GLN D 334 6.10 -2.77 -34.10
C GLN D 334 7.58 -2.81 -33.66
N LEU D 335 8.13 -1.68 -33.21
CA LEU D 335 9.51 -1.65 -32.66
C LEU D 335 9.60 -2.51 -31.38
N VAL D 336 8.64 -2.43 -30.48
CA VAL D 336 8.73 -3.25 -29.23
C VAL D 336 8.68 -4.73 -29.60
N GLU D 337 7.73 -5.14 -30.45
CA GLU D 337 7.53 -6.54 -30.91
C GLU D 337 8.83 -7.03 -31.56
N ALA D 338 9.38 -6.24 -32.47
CA ALA D 338 10.63 -6.60 -33.17
C ALA D 338 11.73 -6.82 -32.12
N ALA D 339 11.98 -5.84 -31.26
CA ALA D 339 13.02 -5.93 -30.21
C ALA D 339 12.87 -7.24 -29.41
N LEU D 340 11.65 -7.61 -29.03
CA LEU D 340 11.48 -8.72 -28.06
C LEU D 340 11.73 -10.05 -28.78
N ALA D 341 11.75 -10.02 -30.11
CA ALA D 341 11.99 -11.21 -30.93
C ALA D 341 13.48 -11.57 -30.89
N VAL D 342 14.34 -10.64 -30.58
CA VAL D 342 15.81 -10.86 -30.65
C VAL D 342 16.29 -11.48 -29.33
N PRO D 343 16.84 -12.71 -29.35
CA PRO D 343 17.55 -13.25 -28.18
C PRO D 343 18.69 -12.33 -27.72
N GLY D 344 18.82 -12.18 -26.41
CA GLY D 344 19.76 -11.22 -25.82
C GLY D 344 19.07 -9.92 -25.41
N VAL D 345 17.86 -9.67 -25.90
CA VAL D 345 17.01 -8.52 -25.49
C VAL D 345 16.14 -8.96 -24.31
N TYR D 346 16.19 -8.23 -23.19
CA TYR D 346 15.49 -8.55 -21.93
C TYR D 346 14.16 -7.78 -21.83
N GLY D 347 14.05 -6.64 -22.49
CA GLY D 347 12.84 -5.81 -22.40
C GLY D 347 12.88 -4.65 -23.34
N SER D 348 11.74 -4.11 -23.74
CA SER D 348 11.63 -2.94 -24.65
C SER D 348 10.32 -2.23 -24.31
N ARG D 349 10.26 -0.93 -24.49
CA ARG D 349 9.03 -0.17 -24.23
C ARG D 349 9.14 1.18 -24.93
N MET D 350 8.01 1.76 -25.21
CA MET D 350 8.01 3.17 -25.60
C MET D 350 8.53 3.99 -24.41
N THR D 351 9.09 5.14 -24.70
CA THR D 351 9.62 6.08 -23.70
C THR D 351 9.25 7.47 -24.18
N GLY D 352 9.01 8.35 -23.22
CA GLY D 352 8.63 9.75 -23.47
C GLY D 352 7.14 9.84 -23.58
N GLY D 353 6.69 10.77 -24.43
CA GLY D 353 5.31 11.21 -24.59
C GLY D 353 4.46 10.18 -25.31
N GLY D 354 5.04 9.40 -26.21
CA GLY D 354 4.26 8.45 -27.03
C GLY D 354 3.77 9.10 -28.30
N PHE D 355 2.85 8.45 -29.00
CA PHE D 355 2.33 8.92 -30.31
C PHE D 355 3.49 9.01 -31.31
N GLY D 356 4.61 8.33 -31.03
CA GLY D 356 5.84 8.42 -31.82
C GLY D 356 7.06 8.46 -30.94
N GLY D 357 8.14 9.06 -31.43
CA GLY D 357 9.42 9.15 -30.70
C GLY D 357 10.08 7.79 -30.61
N CYS D 358 10.63 7.48 -29.44
CA CYS D 358 11.59 6.40 -29.24
C CYS D 358 11.04 5.25 -28.38
N THR D 359 11.63 4.08 -28.57
CA THR D 359 11.62 2.93 -27.64
C THR D 359 12.98 2.83 -26.97
N VAL D 360 12.98 2.26 -25.77
CA VAL D 360 14.21 1.97 -24.99
C VAL D 360 14.23 0.46 -24.78
N THR D 361 15.38 -0.15 -25.04
CA THR D 361 15.54 -1.63 -25.06
C THR D 361 16.75 -1.95 -24.19
N LEU D 362 16.53 -2.73 -23.11
CA LEU D 362 17.62 -3.35 -22.32
C LEU D 362 18.03 -4.66 -22.99
N LEU D 363 19.31 -4.80 -23.36
CA LEU D 363 19.83 -5.98 -24.13
C LEU D 363 21.30 -6.26 -23.84
N GLU D 364 21.73 -7.51 -24.03
CA GLU D 364 23.16 -7.86 -24.12
C GLU D 364 23.75 -7.01 -25.25
N ALA D 365 24.83 -6.27 -24.96
CA ALA D 365 25.53 -5.38 -25.91
C ALA D 365 25.88 -6.17 -27.16
N SER D 366 26.17 -7.45 -26.98
CA SER D 366 26.67 -8.29 -28.09
C SER D 366 25.48 -8.65 -29.01
N ALA D 367 24.24 -8.49 -28.53
CA ALA D 367 23.03 -8.77 -29.34
C ALA D 367 22.59 -7.50 -30.10
N ALA D 368 23.19 -6.35 -29.80
CA ALA D 368 22.86 -5.05 -30.42
C ALA D 368 22.86 -5.13 -31.94
N PRO D 369 23.94 -5.60 -32.63
CA PRO D 369 23.93 -5.61 -34.10
C PRO D 369 22.73 -6.36 -34.68
N HIS D 370 22.38 -7.47 -34.03
CA HIS D 370 21.22 -8.32 -34.39
C HIS D 370 19.91 -7.60 -34.07
N ALA D 371 19.85 -6.89 -32.95
CA ALA D 371 18.69 -6.07 -32.55
C ALA D 371 18.41 -5.07 -33.66
N MET D 372 19.42 -4.29 -34.02
CA MET D 372 19.31 -3.21 -35.02
C MET D 372 18.91 -3.79 -36.38
N ARG D 373 19.42 -4.98 -36.75
CA ARG D 373 19.04 -5.64 -38.03
C ARG D 373 17.57 -6.05 -37.96
N HIS D 374 17.17 -6.79 -36.91
CA HIS D 374 15.83 -7.44 -36.85
C HIS D 374 14.74 -6.39 -36.68
N ILE D 375 14.94 -5.41 -35.77
CA ILE D 375 14.05 -4.22 -35.58
C ILE D 375 13.90 -3.53 -36.95
N GLN D 376 15.00 -3.18 -37.64
CA GLN D 376 14.93 -2.36 -38.89
C GLN D 376 14.21 -3.12 -40.01
N GLU D 377 14.36 -4.45 -40.11
CA GLU D 377 13.78 -5.24 -41.23
C GLU D 377 12.27 -5.36 -41.00
N HIS D 378 11.85 -5.43 -39.73
CA HIS D 378 10.43 -5.59 -39.31
C HIS D 378 9.76 -4.23 -39.07
N TYR D 379 10.38 -3.11 -39.50
CA TYR D 379 9.83 -1.73 -39.35
C TYR D 379 9.62 -1.10 -40.73
N GLY D 380 8.45 -0.48 -40.90
CA GLY D 380 7.91 0.03 -42.18
C GLY D 380 8.39 1.43 -42.47
N GLY D 381 8.97 2.08 -41.45
CA GLY D 381 9.64 3.39 -41.57
C GLY D 381 11.13 3.19 -41.59
N THR D 382 11.88 4.26 -41.37
CA THR D 382 13.35 4.23 -41.22
C THR D 382 13.64 4.47 -39.74
N ALA D 383 13.95 3.42 -38.97
CA ALA D 383 14.45 3.60 -37.59
C ALA D 383 15.82 4.28 -37.59
N THR D 384 16.11 4.99 -36.50
CA THR D 384 17.44 5.53 -36.14
C THR D 384 17.80 4.85 -34.83
N PHE D 385 19.08 4.54 -34.57
CA PHE D 385 19.48 3.83 -33.34
C PHE D 385 20.58 4.63 -32.65
N TYR D 386 20.56 4.63 -31.33
CA TYR D 386 21.62 5.12 -30.44
C TYR D 386 21.81 4.01 -29.42
N LEU D 387 23.00 3.45 -29.35
CA LEU D 387 23.41 2.49 -28.31
C LEU D 387 24.12 3.30 -27.22
N SER D 388 23.66 3.20 -25.98
CA SER D 388 24.14 4.02 -24.84
C SER D 388 24.27 3.19 -23.56
N GLN D 389 25.30 3.54 -22.80
CA GLN D 389 25.50 3.21 -21.37
C GLN D 389 24.99 4.45 -20.63
N ALA D 390 24.90 4.39 -19.31
CA ALA D 390 24.49 5.53 -18.47
C ALA D 390 25.64 6.55 -18.43
N ALA D 391 25.32 7.84 -18.56
CA ALA D 391 26.27 8.91 -18.76
C ALA D 391 26.34 9.76 -17.51
N ASP D 392 27.36 10.60 -17.43
CA ASP D 392 27.48 11.72 -16.47
C ASP D 392 26.41 12.79 -16.78
N GLY D 393 26.09 13.57 -15.77
CA GLY D 393 25.28 14.78 -15.87
C GLY D 393 26.15 15.95 -16.24
N ALA D 394 25.73 17.15 -15.83
CA ALA D 394 26.41 18.43 -16.09
C ALA D 394 27.86 18.34 -15.60
N LYS D 395 28.80 18.62 -16.50
CA LYS D 395 30.21 18.80 -16.12
C LYS D 395 30.84 19.92 -16.93
N VAL D 396 32.00 20.34 -16.41
CA VAL D 396 32.84 21.49 -16.82
C VAL D 396 34.23 20.96 -17.19
N LEU D 397 34.77 21.44 -18.31
CA LEU D 397 36.18 21.22 -18.72
C LEU D 397 36.79 22.59 -18.97
N CYS D 398 37.97 22.82 -18.46
CA CYS D 398 38.61 24.13 -18.75
C CYS D 398 39.64 23.99 -19.84
N LEU D 399 39.53 24.98 -20.69
CA LEU D 399 40.31 25.15 -21.93
C LEU D 399 41.42 26.14 -21.61
C1 GAL E . -38.79 0.15 -3.53
C2 GAL E . -38.96 -1.17 -4.23
C3 GAL E . -37.45 -1.52 -4.48
C4 GAL E . -36.75 -0.39 -5.22
C5 GAL E . -37.03 0.95 -4.55
C6 GAL E . -36.42 2.13 -5.27
O1 GAL E . -39.89 0.52 -2.76
O2 GAL E . -39.61 -2.15 -3.43
O3 GAL E . -37.32 -2.74 -5.24
O4 GAL E . -37.19 -0.35 -6.60
O5 GAL E . -38.45 1.15 -4.51
O6 GAL E . -35.14 2.34 -4.67
C10 HFK F . -53.42 -2.40 3.79
C13 HFK F . -51.75 -3.74 2.00
C15 HFK F . -48.80 -3.35 2.94
C20 HFK F . -49.28 -5.89 6.38
C21 HFK F . -47.94 -5.96 6.73
C24 HFK F . -48.48 -7.17 8.78
C26 HFK F . -50.24 -6.49 7.29
C02 HFK F . -51.34 -1.02 0.32
C03 HFK F . -50.69 -0.29 -0.85
C04 HFK F . -49.32 -0.87 -1.18
C05 HFK F . -48.44 -0.80 0.07
C06 HFK F . -49.11 -1.78 1.06
C07 HFK F . -50.50 -1.49 1.48
C08 HFK F . -51.16 -2.40 2.57
C09 HFK F . -52.06 -1.71 3.64
C11 HFK F . -53.28 -3.90 4.04
C12 HFK F . -52.59 -4.63 2.90
C18 HFK F . -48.18 -4.88 4.78
C23 HFK F . -47.52 -6.59 7.94
C25 HFK F . -49.83 -7.12 8.46
N14 HFK F . -50.20 -3.28 3.30
N16 HFK F . -48.30 -2.62 1.84
N17 HFK F . -47.83 -4.14 3.62
N19 HFK F . -49.42 -5.20 5.17
O01 HFK F . -52.54 -1.24 0.30
O22 HFK F . -47.26 -5.29 5.72
N1 QL5 G . -25.89 4.90 13.61
C4 QL5 G . -20.34 7.44 7.60
C5 QL5 G . -20.97 7.17 8.81
C6 QL5 G . -20.21 7.26 10.09
C7 QL5 G . -22.32 6.79 8.77
C8 QL5 G . -22.70 5.61 10.84
C10 QL5 G . -25.13 5.63 11.46
C13 QL5 G . -23.55 4.88 13.07
C1 QL5 G . -23.15 6.89 5.12
C2 QL5 G . -22.38 7.01 6.39
C3 QL5 G . -21.04 7.35 6.41
O1 QL5 G . -23.07 6.55 9.93
O2 QL5 G . -21.62 5.11 10.84
C9 QL5 G . -23.81 5.36 11.81
C11 QL5 G . -26.12 5.38 12.40
C12 QL5 G . -24.62 4.66 13.93
C14 QL5 G . -23.01 6.74 7.58
C1 GAL H . -6.12 -20.80 12.50
C2 GAL H . -6.56 -19.68 13.40
C3 GAL H . -6.98 -18.49 12.50
C4 GAL H . -5.80 -18.10 11.61
C5 GAL H . -5.24 -19.36 10.91
C6 GAL H . -4.06 -19.14 9.94
O1 GAL H . -5.75 -21.86 13.30
O2 GAL H . -7.58 -20.09 14.31
O3 GAL H . -7.42 -17.43 13.36
O4 GAL H . -4.76 -17.47 12.40
O5 GAL H . -4.91 -20.34 11.89
O6 GAL H . -4.61 -18.49 8.77
C10 HFK I . -10.55 -33.77 21.43
C13 HFK I . -10.67 -31.07 22.05
C15 HFK I . -11.07 -29.93 19.30
C20 HFK I . -15.68 -30.55 18.85
C21 HFK I . -15.15 -31.36 19.86
C24 HFK I . -17.33 -32.41 20.21
C26 HFK I . -17.06 -30.68 18.54
C02 HFK I . -7.13 -30.70 20.93
C03 HFK I . -6.05 -30.40 19.90
C04 HFK I . -6.14 -28.96 19.37
C05 HFK I . -7.50 -28.66 18.76
C06 HFK I . -8.65 -29.53 19.32
C07 HFK I . -8.56 -30.36 20.54
C08 HFK I . -9.72 -31.38 20.86
C09 HFK I . -9.54 -32.92 20.68
C11 HFK I . -10.72 -33.44 22.93
C12 HFK I . -10.45 -31.97 23.25
C18 HFK I . -13.55 -30.06 19.02
C23 HFK I . -15.98 -32.30 20.53
C25 HFK I . -17.86 -31.60 19.22
N14 HFK I . -11.00 -31.00 20.26
N16 HFK I . -9.92 -29.23 18.85
N17 HFK I . -12.32 -29.47 18.74
N19 HFK I . -14.66 -29.75 18.32
O01 HFK I . -6.87 -31.22 22.01
O22 HFK I . -13.78 -31.03 19.97
N1 QL5 J . -19.22 -26.31 -4.73
C4 QL5 J . -14.47 -20.08 -7.74
C5 QL5 J . -15.32 -21.16 -7.92
C6 QL5 J . -16.24 -21.25 -9.09
C7 QL5 J . -15.32 -22.15 -6.94
C8 QL5 J . -17.49 -23.15 -7.04
C10 QL5 J . -19.46 -24.55 -6.34
C13 QL5 J . -17.33 -24.99 -5.37
C1 QL5 J . -12.72 -20.94 -4.48
C2 QL5 J . -13.63 -21.01 -5.68
C3 QL5 J . -13.63 -20.01 -6.63
O1 QL5 J . -16.14 -23.29 -7.08
O2 QL5 J . -18.07 -22.27 -7.59
C9 QL5 J . -18.11 -24.25 -6.23
C11 QL5 J . -19.96 -25.58 -5.57
C12 QL5 J . -17.94 -26.01 -4.64
C14 QL5 J . -14.49 -22.08 -5.84
C1 GAL K . 37.43 7.08 9.30
C2 GAL K . 38.05 6.41 8.10
C3 GAL K . 36.73 6.01 7.44
C4 GAL K . 35.83 5.23 8.49
C5 GAL K . 35.77 5.90 9.86
C6 GAL K . 34.97 5.22 10.98
O1 GAL K . 37.99 8.20 9.82
O2 GAL K . 38.72 7.38 7.30
O3 GAL K . 36.96 5.28 6.22
O4 GAL K . 36.37 3.93 8.66
O5 GAL K . 37.13 6.12 10.32
O6 GAL K . 33.59 5.33 10.63
C10 HFK L . 49.77 17.70 9.12
C13 HFK L . 49.78 15.03 7.85
C15 HFK L . 46.52 15.49 7.46
C20 HFK L . 45.61 18.73 4.29
C21 HFK L . 46.91 18.85 4.72
C24 HFK L . 47.10 20.90 3.40
C26 HFK L . 45.03 19.68 3.42
C02 HFK L . 48.84 13.44 10.54
C03 HFK L . 48.14 12.28 11.30
C04 HFK L . 46.97 11.63 10.54
C05 HFK L . 45.94 12.60 9.98
C06 HFK L . 46.65 13.71 9.18
C07 HFK L . 48.07 14.11 9.43
C08 HFK L . 48.64 15.38 8.86
C09 HFK L . 48.94 16.57 9.81
C11 HFK L . 50.95 17.26 8.23
C12 HFK L . 50.59 16.18 7.21
C18 HFK L . 46.02 17.09 5.63
C23 HFK L . 47.67 19.96 4.27
C25 HFK L . 45.78 20.76 2.99
N14 HFK L . 47.83 15.96 7.77
N16 HFK L . 45.96 14.38 8.15
N17 HFK L . 45.69 15.98 6.40
N19 HFK L . 45.07 17.65 4.87
O01 HFK L . 49.97 13.84 10.81
O22 HFK L . 47.19 17.78 5.60
#